data_7AUS
# 
_entry.id   7AUS 
# 
_audit_conform.dict_name       mmcif_pdbx.dic 
_audit_conform.dict_version    5.384 
_audit_conform.dict_location   http://mmcif.pdb.org/dictionaries/ascii/mmcif_pdbx.dic 
# 
loop_
_database_2.database_id 
_database_2.database_code 
_database_2.pdbx_database_accession 
_database_2.pdbx_DOI 
PDB   7AUS         pdb_00007aus 10.2210/pdb7aus/pdb 
WWPDB D_1292111413 ?            ?                   
# 
loop_
_pdbx_audit_revision_history.ordinal 
_pdbx_audit_revision_history.data_content_type 
_pdbx_audit_revision_history.major_revision 
_pdbx_audit_revision_history.minor_revision 
_pdbx_audit_revision_history.revision_date 
1 'Structure model' 1 0 2021-05-19 
2 'Structure model' 1 1 2021-05-26 
3 'Structure model' 1 2 2024-01-31 
# 
_pdbx_audit_revision_details.ordinal             1 
_pdbx_audit_revision_details.revision_ordinal    1 
_pdbx_audit_revision_details.data_content_type   'Structure model' 
_pdbx_audit_revision_details.provider            repository 
_pdbx_audit_revision_details.type                'Initial release' 
_pdbx_audit_revision_details.description         ? 
_pdbx_audit_revision_details.details             ? 
# 
loop_
_pdbx_audit_revision_group.ordinal 
_pdbx_audit_revision_group.revision_ordinal 
_pdbx_audit_revision_group.data_content_type 
_pdbx_audit_revision_group.group 
1 2 'Structure model' 'Derived calculations'   
2 2 'Structure model' 'Structure summary'      
3 3 'Structure model' 'Data collection'        
4 3 'Structure model' 'Database references'    
5 3 'Structure model' 'Refinement description' 
# 
loop_
_pdbx_audit_revision_category.ordinal 
_pdbx_audit_revision_category.revision_ordinal 
_pdbx_audit_revision_category.data_content_type 
_pdbx_audit_revision_category.category 
1 2 'Structure model' chem_comp                     
2 2 'Structure model' entity                        
3 2 'Structure model' pdbx_entity_nonpoly           
4 3 'Structure model' chem_comp_atom                
5 3 'Structure model' chem_comp_bond                
6 3 'Structure model' database_2                    
7 3 'Structure model' pdbx_initial_refinement_model 
# 
loop_
_pdbx_audit_revision_item.ordinal 
_pdbx_audit_revision_item.revision_ordinal 
_pdbx_audit_revision_item.data_content_type 
_pdbx_audit_revision_item.item 
1 2 'Structure model' '_chem_comp.name'                     
2 2 'Structure model' '_entity.pdbx_description'            
3 2 'Structure model' '_pdbx_entity_nonpoly.name'           
4 3 'Structure model' '_database_2.pdbx_DOI'                
5 3 'Structure model' '_database_2.pdbx_database_accession' 
# 
_pdbx_database_status.status_code                     REL 
_pdbx_database_status.status_code_sf                  REL 
_pdbx_database_status.status_code_mr                  ? 
_pdbx_database_status.entry_id                        7AUS 
_pdbx_database_status.recvd_initial_deposition_date   2020-11-03 
_pdbx_database_status.SG_entry                        N 
_pdbx_database_status.deposit_site                    PDBE 
_pdbx_database_status.process_site                    PDBE 
_pdbx_database_status.status_code_cs                  ? 
_pdbx_database_status.status_code_nmr_data            ? 
_pdbx_database_status.methods_development_category    ? 
_pdbx_database_status.pdb_format_compatible           Y 
# 
loop_
_pdbx_database_related.db_name 
_pdbx_database_related.details 
_pdbx_database_related.db_id 
_pdbx_database_related.content_type 
PDB . 7AUI unspecified 
PDB . 7AUJ unspecified 
PDB . 7AUK unspecified 
PDB . 7AUL unspecified 
PDB . 7AUM unspecified 
PDB . 7AUN unspecified 
PDB . 7AUO unspecified 
PDB . 7AUP unspecified 
PDB . 7AUQ unspecified 
PDB . 7AUR unspecified 
# 
loop_
_audit_author.name 
_audit_author.pdbx_ordinal 
_audit_author.identifier_ORCID 
'Marquez-Monino, M.A.' 1 0000-0003-4177-9359 
'Gonzalez, B.'         2 0000-0002-0710-0202 
# 
_citation.abstract                  ? 
_citation.abstract_id_CAS           ? 
_citation.book_id_ISBN              ? 
_citation.book_publisher            ? 
_citation.book_publisher_city       ? 
_citation.book_title                ? 
_citation.coordinate_linkage        ? 
_citation.country                   US 
_citation.database_id_Medline       ? 
_citation.details                   ? 
_citation.id                        primary 
_citation.journal_abbrev            'Sci Adv' 
_citation.journal_id_ASTM           ? 
_citation.journal_id_CSD            ? 
_citation.journal_id_ISSN           2375-2548 
_citation.journal_full              ? 
_citation.journal_issue             ? 
_citation.journal_volume            7 
_citation.language                  ? 
_citation.page_first                ? 
_citation.page_last                 ? 
_citation.title                     
;Multiple substrate recognition by yeast diadenosine and diphosphoinositol polyphosphate phosphohydrolase through phosphate clamping.
;
_citation.year                      2021 
_citation.database_id_CSD           ? 
_citation.pdbx_database_id_DOI      10.1126/sciadv.abf6744 
_citation.pdbx_database_id_PubMed   33893105 
_citation.unpublished_flag          ? 
# 
loop_
_citation_author.citation_id 
_citation_author.name 
_citation_author.ordinal 
_citation_author.identifier_ORCID 
primary 'Marquez-Monino, M.A.'  1 0000-0003-4177-9359 
primary 'Ortega-Garcia, R.'     2 ?                   
primary 'Shipton, M.L.'         3 0000-0002-9982-0927 
primary 'Franco-Echevarria, E.' 4 0000-0001-7306-6594 
primary 'Riley, A.M.'           5 0000-0001-9003-3540 
primary 'Sanz-Aparicio, J.'     6 ?                   
primary 'Potter, B.V.L.'        7 0000-0003-3255-9135 
primary 'Gonzalez, B.'          8 0000-0002-0710-0202 
# 
loop_
_entity.id 
_entity.type 
_entity.src_method 
_entity.pdbx_description 
_entity.formula_weight 
_entity.pdbx_number_of_molecules 
_entity.pdbx_ec 
_entity.pdbx_mutation 
_entity.pdbx_fragment 
_entity.details 
1 polymer     man 'Diphosphoinositol polyphosphate phosphohydrolase DDP1' 21812.713 1  3.6.1.52,3.6.1.60 ? ? 
'GGS is a rest of purification linker, protein starts in MGK.' 
2 non-polymer syn pentadecaphosphate                                      1217.714  1  ?                 ? ? ? 
3 non-polymer syn 'MAGNESIUM ION'                                         24.305    1  ?                 ? ? ? 
4 water       nat water                                                   18.015    80 ?                 ? ? ? 
# 
_entity_name_com.entity_id   1 
_entity_name_com.name        
;Diadenosine 5',5'''-P1,P6-hexaphosphate hydrolase,Ap6A hydrolase,Diadenosine and diphosphoinositol polyphosphate phosphohydrolase 1,Diadenosine hexaphosphate hydrolase (AMP-forming)
;
# 
_entity_poly.entity_id                      1 
_entity_poly.type                           'polypeptide(L)' 
_entity_poly.nstd_linkage                   no 
_entity_poly.nstd_monomer                   no 
_entity_poly.pdbx_seq_one_letter_code       
;GGSMGKTADNHGPVRSETAREGRENQVYSPVTGARLVAGCICLTPDKKQVLMITSSAHKKRWIVPKGGVEKDEPNYETTA
QRETWEEAGCIGKIVANLGTVEDMRPPKDWNKDIKQFENSRKDSEVAKHPPRTEFHFYELEIENLLDKFPECHKRHRKLY
SYTEAKQNLIDAKRPELLEALNRSAIIKDDK
;
_entity_poly.pdbx_seq_one_letter_code_can   
;GGSMGKTADNHGPVRSETAREGRENQVYSPVTGARLVAGCICLTPDKKQVLMITSSAHKKRWIVPKGGVEKDEPNYETTA
QRETWEEAGCIGKIVANLGTVEDMRPPKDWNKDIKQFENSRKDSEVAKHPPRTEFHFYELEIENLLDKFPECHKRHRKLY
SYTEAKQNLIDAKRPELLEALNRSAIIKDDK
;
_entity_poly.pdbx_strand_id                 A 
_entity_poly.pdbx_target_identifier         ? 
# 
loop_
_pdbx_entity_nonpoly.entity_id 
_pdbx_entity_nonpoly.name 
_pdbx_entity_nonpoly.comp_id 
2 pentadecaphosphate RYT 
3 'MAGNESIUM ION'    MG  
4 water              HOH 
# 
loop_
_entity_poly_seq.entity_id 
_entity_poly_seq.num 
_entity_poly_seq.mon_id 
_entity_poly_seq.hetero 
1 1   GLY n 
1 2   GLY n 
1 3   SER n 
1 4   MET n 
1 5   GLY n 
1 6   LYS n 
1 7   THR n 
1 8   ALA n 
1 9   ASP n 
1 10  ASN n 
1 11  HIS n 
1 12  GLY n 
1 13  PRO n 
1 14  VAL n 
1 15  ARG n 
1 16  SER n 
1 17  GLU n 
1 18  THR n 
1 19  ALA n 
1 20  ARG n 
1 21  GLU n 
1 22  GLY n 
1 23  ARG n 
1 24  GLU n 
1 25  ASN n 
1 26  GLN n 
1 27  VAL n 
1 28  TYR n 
1 29  SER n 
1 30  PRO n 
1 31  VAL n 
1 32  THR n 
1 33  GLY n 
1 34  ALA n 
1 35  ARG n 
1 36  LEU n 
1 37  VAL n 
1 38  ALA n 
1 39  GLY n 
1 40  CYS n 
1 41  ILE n 
1 42  CYS n 
1 43  LEU n 
1 44  THR n 
1 45  PRO n 
1 46  ASP n 
1 47  LYS n 
1 48  LYS n 
1 49  GLN n 
1 50  VAL n 
1 51  LEU n 
1 52  MET n 
1 53  ILE n 
1 54  THR n 
1 55  SER n 
1 56  SER n 
1 57  ALA n 
1 58  HIS n 
1 59  LYS n 
1 60  LYS n 
1 61  ARG n 
1 62  TRP n 
1 63  ILE n 
1 64  VAL n 
1 65  PRO n 
1 66  LYS n 
1 67  GLY n 
1 68  GLY n 
1 69  VAL n 
1 70  GLU n 
1 71  LYS n 
1 72  ASP n 
1 73  GLU n 
1 74  PRO n 
1 75  ASN n 
1 76  TYR n 
1 77  GLU n 
1 78  THR n 
1 79  THR n 
1 80  ALA n 
1 81  GLN n 
1 82  ARG n 
1 83  GLU n 
1 84  THR n 
1 85  TRP n 
1 86  GLU n 
1 87  GLU n 
1 88  ALA n 
1 89  GLY n 
1 90  CYS n 
1 91  ILE n 
1 92  GLY n 
1 93  LYS n 
1 94  ILE n 
1 95  VAL n 
1 96  ALA n 
1 97  ASN n 
1 98  LEU n 
1 99  GLY n 
1 100 THR n 
1 101 VAL n 
1 102 GLU n 
1 103 ASP n 
1 104 MET n 
1 105 ARG n 
1 106 PRO n 
1 107 PRO n 
1 108 LYS n 
1 109 ASP n 
1 110 TRP n 
1 111 ASN n 
1 112 LYS n 
1 113 ASP n 
1 114 ILE n 
1 115 LYS n 
1 116 GLN n 
1 117 PHE n 
1 118 GLU n 
1 119 ASN n 
1 120 SER n 
1 121 ARG n 
1 122 LYS n 
1 123 ASP n 
1 124 SER n 
1 125 GLU n 
1 126 VAL n 
1 127 ALA n 
1 128 LYS n 
1 129 HIS n 
1 130 PRO n 
1 131 PRO n 
1 132 ARG n 
1 133 THR n 
1 134 GLU n 
1 135 PHE n 
1 136 HIS n 
1 137 PHE n 
1 138 TYR n 
1 139 GLU n 
1 140 LEU n 
1 141 GLU n 
1 142 ILE n 
1 143 GLU n 
1 144 ASN n 
1 145 LEU n 
1 146 LEU n 
1 147 ASP n 
1 148 LYS n 
1 149 PHE n 
1 150 PRO n 
1 151 GLU n 
1 152 CYS n 
1 153 HIS n 
1 154 LYS n 
1 155 ARG n 
1 156 HIS n 
1 157 ARG n 
1 158 LYS n 
1 159 LEU n 
1 160 TYR n 
1 161 SER n 
1 162 TYR n 
1 163 THR n 
1 164 GLU n 
1 165 ALA n 
1 166 LYS n 
1 167 GLN n 
1 168 ASN n 
1 169 LEU n 
1 170 ILE n 
1 171 ASP n 
1 172 ALA n 
1 173 LYS n 
1 174 ARG n 
1 175 PRO n 
1 176 GLU n 
1 177 LEU n 
1 178 LEU n 
1 179 GLU n 
1 180 ALA n 
1 181 LEU n 
1 182 ASN n 
1 183 ARG n 
1 184 SER n 
1 185 ALA n 
1 186 ILE n 
1 187 ILE n 
1 188 LYS n 
1 189 ASP n 
1 190 ASP n 
1 191 LYS n 
# 
_entity_src_gen.entity_id                          1 
_entity_src_gen.pdbx_src_id                        1 
_entity_src_gen.pdbx_alt_source_flag               sample 
_entity_src_gen.pdbx_seq_type                      'Biological sequence' 
_entity_src_gen.pdbx_beg_seq_num                   1 
_entity_src_gen.pdbx_end_seq_num                   191 
_entity_src_gen.gene_src_common_name               
;Baker's yeast
;
_entity_src_gen.gene_src_genus                     ? 
_entity_src_gen.pdbx_gene_src_gene                 'DDP1, YOR163W, O3575' 
_entity_src_gen.gene_src_species                   ? 
_entity_src_gen.gene_src_strain                    'ATCC 204508 / S288c' 
_entity_src_gen.gene_src_tissue                    ? 
_entity_src_gen.gene_src_tissue_fraction           ? 
_entity_src_gen.gene_src_details                   ? 
_entity_src_gen.pdbx_gene_src_fragment             ? 
_entity_src_gen.pdbx_gene_src_scientific_name      'Saccharomyces cerevisiae (strain ATCC 204508 / S288c)' 
_entity_src_gen.pdbx_gene_src_ncbi_taxonomy_id     559292 
_entity_src_gen.pdbx_gene_src_variant              ? 
_entity_src_gen.pdbx_gene_src_cell_line            ? 
_entity_src_gen.pdbx_gene_src_atcc                 ? 
_entity_src_gen.pdbx_gene_src_organ                ? 
_entity_src_gen.pdbx_gene_src_organelle            ? 
_entity_src_gen.pdbx_gene_src_cell                 ? 
_entity_src_gen.pdbx_gene_src_cellular_location    ? 
_entity_src_gen.host_org_common_name               ? 
_entity_src_gen.pdbx_host_org_scientific_name      'Escherichia coli' 
_entity_src_gen.pdbx_host_org_ncbi_taxonomy_id     562 
_entity_src_gen.host_org_genus                     ? 
_entity_src_gen.pdbx_host_org_gene                 ? 
_entity_src_gen.pdbx_host_org_organ                ? 
_entity_src_gen.host_org_species                   ? 
_entity_src_gen.pdbx_host_org_tissue               ? 
_entity_src_gen.pdbx_host_org_tissue_fraction      ? 
_entity_src_gen.pdbx_host_org_strain               'Rossetta2(DE3)' 
_entity_src_gen.pdbx_host_org_variant              ? 
_entity_src_gen.pdbx_host_org_cell_line            ? 
_entity_src_gen.pdbx_host_org_atcc                 ? 
_entity_src_gen.pdbx_host_org_culture_collection   ? 
_entity_src_gen.pdbx_host_org_cell                 ? 
_entity_src_gen.pdbx_host_org_organelle            ? 
_entity_src_gen.pdbx_host_org_cellular_location    ? 
_entity_src_gen.pdbx_host_org_vector_type          'pET28a(+)' 
_entity_src_gen.pdbx_host_org_vector               ? 
_entity_src_gen.host_org_details                   ? 
_entity_src_gen.expression_system_id               ? 
_entity_src_gen.plasmid_name                       pKLSLt 
_entity_src_gen.plasmid_details                    ? 
_entity_src_gen.pdbx_description                   ? 
# 
loop_
_chem_comp.id 
_chem_comp.type 
_chem_comp.mon_nstd_flag 
_chem_comp.name 
_chem_comp.pdbx_synonyms 
_chem_comp.formula 
_chem_comp.formula_weight 
ALA 'L-peptide linking' y ALANINE            ? 'C3 H7 N O2'     89.093   
ARG 'L-peptide linking' y ARGININE           ? 'C6 H15 N4 O2 1' 175.209  
ASN 'L-peptide linking' y ASPARAGINE         ? 'C4 H8 N2 O3'    132.118  
ASP 'L-peptide linking' y 'ASPARTIC ACID'    ? 'C4 H7 N O4'     133.103  
CYS 'L-peptide linking' y CYSTEINE           ? 'C3 H7 N O2 S'   121.158  
GLN 'L-peptide linking' y GLUTAMINE          ? 'C5 H10 N2 O3'   146.144  
GLU 'L-peptide linking' y 'GLUTAMIC ACID'    ? 'C5 H9 N O4'     147.129  
GLY 'peptide linking'   y GLYCINE            ? 'C2 H5 N O2'     75.067   
HIS 'L-peptide linking' y HISTIDINE          ? 'C6 H10 N3 O2 1' 156.162  
HOH non-polymer         . WATER              ? 'H2 O'           18.015   
ILE 'L-peptide linking' y ISOLEUCINE         ? 'C6 H13 N O2'    131.173  
LEU 'L-peptide linking' y LEUCINE            ? 'C6 H13 N O2'    131.173  
LYS 'L-peptide linking' y LYSINE             ? 'C6 H15 N2 O2 1' 147.195  
MET 'L-peptide linking' y METHIONINE         ? 'C5 H11 N O2 S'  149.211  
MG  non-polymer         . 'MAGNESIUM ION'    ? 'Mg 2'           24.305   
PHE 'L-peptide linking' y PHENYLALANINE      ? 'C9 H11 N O2'    165.189  
PRO 'L-peptide linking' y PROLINE            ? 'C5 H9 N O2'     115.130  
RYT non-polymer         . pentadecaphosphate 
;bis[oxidanyl-[oxidanyl-[oxidanyl-[oxidanyl-[oxidanyl-[oxidanyl(phosphonooxy)phosphoryl]oxy-phosphoryl]oxy-phosphoryl]oxy-phosphoryl]oxy-phosphoryl]oxy-phosphoryl] hydrogen phosphate
;
'H17 O46 P15'    1217.714 
SER 'L-peptide linking' y SERINE             ? 'C3 H7 N O3'     105.093  
THR 'L-peptide linking' y THREONINE          ? 'C4 H9 N O3'     119.119  
TRP 'L-peptide linking' y TRYPTOPHAN         ? 'C11 H12 N2 O2'  204.225  
TYR 'L-peptide linking' y TYROSINE           ? 'C9 H11 N O3'    181.189  
VAL 'L-peptide linking' y VALINE             ? 'C5 H11 N O2'    117.146  
# 
loop_
_pdbx_poly_seq_scheme.asym_id 
_pdbx_poly_seq_scheme.entity_id 
_pdbx_poly_seq_scheme.seq_id 
_pdbx_poly_seq_scheme.mon_id 
_pdbx_poly_seq_scheme.ndb_seq_num 
_pdbx_poly_seq_scheme.pdb_seq_num 
_pdbx_poly_seq_scheme.auth_seq_num 
_pdbx_poly_seq_scheme.pdb_mon_id 
_pdbx_poly_seq_scheme.auth_mon_id 
_pdbx_poly_seq_scheme.pdb_strand_id 
_pdbx_poly_seq_scheme.pdb_ins_code 
_pdbx_poly_seq_scheme.hetero 
A 1 1   GLY 1   -2  ?   ?   ?   A . n 
A 1 2   GLY 2   -1  ?   ?   ?   A . n 
A 1 3   SER 3   0   ?   ?   ?   A . n 
A 1 4   MET 4   1   ?   ?   ?   A . n 
A 1 5   GLY 5   2   ?   ?   ?   A . n 
A 1 6   LYS 6   3   ?   ?   ?   A . n 
A 1 7   THR 7   4   ?   ?   ?   A . n 
A 1 8   ALA 8   5   ?   ?   ?   A . n 
A 1 9   ASP 9   6   ?   ?   ?   A . n 
A 1 10  ASN 10  7   ?   ?   ?   A . n 
A 1 11  HIS 11  8   ?   ?   ?   A . n 
A 1 12  GLY 12  9   ?   ?   ?   A . n 
A 1 13  PRO 13  10  ?   ?   ?   A . n 
A 1 14  VAL 14  11  ?   ?   ?   A . n 
A 1 15  ARG 15  12  ?   ?   ?   A . n 
A 1 16  SER 16  13  ?   ?   ?   A . n 
A 1 17  GLU 17  14  ?   ?   ?   A . n 
A 1 18  THR 18  15  ?   ?   ?   A . n 
A 1 19  ALA 19  16  ?   ?   ?   A . n 
A 1 20  ARG 20  17  ?   ?   ?   A . n 
A 1 21  GLU 21  18  ?   ?   ?   A . n 
A 1 22  GLY 22  19  ?   ?   ?   A . n 
A 1 23  ARG 23  20  ?   ?   ?   A . n 
A 1 24  GLU 24  21  21  GLU GLU A . n 
A 1 25  ASN 25  22  22  ASN ASN A . n 
A 1 26  GLN 26  23  23  GLN GLN A . n 
A 1 27  VAL 27  24  24  VAL VAL A . n 
A 1 28  TYR 28  25  25  TYR TYR A . n 
A 1 29  SER 29  26  26  SER SER A . n 
A 1 30  PRO 30  27  27  PRO PRO A . n 
A 1 31  VAL 31  28  28  VAL VAL A . n 
A 1 32  THR 32  29  29  THR THR A . n 
A 1 33  GLY 33  30  30  GLY GLY A . n 
A 1 34  ALA 34  31  31  ALA ALA A . n 
A 1 35  ARG 35  32  32  ARG ARG A . n 
A 1 36  LEU 36  33  33  LEU LEU A . n 
A 1 37  VAL 37  34  34  VAL VAL A . n 
A 1 38  ALA 38  35  35  ALA ALA A . n 
A 1 39  GLY 39  36  36  GLY GLY A . n 
A 1 40  CYS 40  37  37  CYS CYS A . n 
A 1 41  ILE 41  38  38  ILE ILE A . n 
A 1 42  CYS 42  39  39  CYS CYS A . n 
A 1 43  LEU 43  40  40  LEU LEU A . n 
A 1 44  THR 44  41  41  THR THR A . n 
A 1 45  PRO 45  42  42  PRO PRO A . n 
A 1 46  ASP 46  43  43  ASP ASP A . n 
A 1 47  LYS 47  44  44  LYS LYS A . n 
A 1 48  LYS 48  45  45  LYS LYS A . n 
A 1 49  GLN 49  46  46  GLN GLN A . n 
A 1 50  VAL 50  47  47  VAL VAL A . n 
A 1 51  LEU 51  48  48  LEU LEU A . n 
A 1 52  MET 52  49  49  MET MET A . n 
A 1 53  ILE 53  50  50  ILE ILE A . n 
A 1 54  THR 54  51  51  THR THR A . n 
A 1 55  SER 55  52  52  SER SER A . n 
A 1 56  SER 56  53  53  SER SER A . n 
A 1 57  ALA 57  54  54  ALA ALA A . n 
A 1 58  HIS 58  55  55  HIS HIS A . n 
A 1 59  LYS 59  56  56  LYS LYS A . n 
A 1 60  LYS 60  57  57  LYS LYS A . n 
A 1 61  ARG 61  58  58  ARG ARG A . n 
A 1 62  TRP 62  59  59  TRP TRP A . n 
A 1 63  ILE 63  60  60  ILE ILE A . n 
A 1 64  VAL 64  61  61  VAL VAL A . n 
A 1 65  PRO 65  62  62  PRO PRO A . n 
A 1 66  LYS 66  63  63  LYS LYS A . n 
A 1 67  GLY 67  64  64  GLY GLY A . n 
A 1 68  GLY 68  65  65  GLY GLY A . n 
A 1 69  VAL 69  66  66  VAL VAL A . n 
A 1 70  GLU 70  67  67  GLU GLU A . n 
A 1 71  LYS 71  68  68  LYS LYS A . n 
A 1 72  ASP 72  69  69  ASP ASP A . n 
A 1 73  GLU 73  70  70  GLU GLU A . n 
A 1 74  PRO 74  71  71  PRO PRO A . n 
A 1 75  ASN 75  72  72  ASN ASN A . n 
A 1 76  TYR 76  73  73  TYR TYR A . n 
A 1 77  GLU 77  74  74  GLU GLU A . n 
A 1 78  THR 78  75  75  THR THR A . n 
A 1 79  THR 79  76  76  THR THR A . n 
A 1 80  ALA 80  77  77  ALA ALA A . n 
A 1 81  GLN 81  78  78  GLN GLN A . n 
A 1 82  ARG 82  79  79  ARG ARG A . n 
A 1 83  GLU 83  80  80  GLU GLU A . n 
A 1 84  THR 84  81  81  THR THR A . n 
A 1 85  TRP 85  82  82  TRP TRP A . n 
A 1 86  GLU 86  83  83  GLU GLU A . n 
A 1 87  GLU 87  84  84  GLU GLU A . n 
A 1 88  ALA 88  85  85  ALA ALA A . n 
A 1 89  GLY 89  86  86  GLY GLY A . n 
A 1 90  CYS 90  87  87  CYS CYS A . n 
A 1 91  ILE 91  88  88  ILE ILE A . n 
A 1 92  GLY 92  89  89  GLY GLY A . n 
A 1 93  LYS 93  90  90  LYS LYS A . n 
A 1 94  ILE 94  91  91  ILE ILE A . n 
A 1 95  VAL 95  92  92  VAL VAL A . n 
A 1 96  ALA 96  93  93  ALA ALA A . n 
A 1 97  ASN 97  94  94  ASN ASN A . n 
A 1 98  LEU 98  95  95  LEU LEU A . n 
A 1 99  GLY 99  96  96  GLY GLY A . n 
A 1 100 THR 100 97  97  THR THR A . n 
A 1 101 VAL 101 98  98  VAL VAL A . n 
A 1 102 GLU 102 99  99  GLU GLU A . n 
A 1 103 ASP 103 100 100 ASP ASP A . n 
A 1 104 MET 104 101 101 MET MET A . n 
A 1 105 ARG 105 102 102 ARG ARG A . n 
A 1 106 PRO 106 103 103 PRO PRO A . n 
A 1 107 PRO 107 104 104 PRO PRO A . n 
A 1 108 LYS 108 105 105 LYS LYS A . n 
A 1 109 ASP 109 106 106 ASP ASP A . n 
A 1 110 TRP 110 107 107 TRP TRP A . n 
A 1 111 ASN 111 108 108 ASN ASN A . n 
A 1 112 LYS 112 109 109 LYS LYS A . n 
A 1 113 ASP 113 110 110 ASP ASP A . n 
A 1 114 ILE 114 111 111 ILE ILE A . n 
A 1 115 LYS 115 112 112 LYS LYS A . n 
A 1 116 GLN 116 113 113 GLN GLN A . n 
A 1 117 PHE 117 114 114 PHE PHE A . n 
A 1 118 GLU 118 115 115 GLU GLU A . n 
A 1 119 ASN 119 116 116 ASN ASN A . n 
A 1 120 SER 120 117 117 SER SER A . n 
A 1 121 ARG 121 118 118 ARG ARG A . n 
A 1 122 LYS 122 119 119 LYS LYS A . n 
A 1 123 ASP 123 120 120 ASP ASP A . n 
A 1 124 SER 124 121 121 SER SER A . n 
A 1 125 GLU 125 122 122 GLU GLU A . n 
A 1 126 VAL 126 123 123 VAL VAL A . n 
A 1 127 ALA 127 124 124 ALA ALA A . n 
A 1 128 LYS 128 125 125 LYS LYS A . n 
A 1 129 HIS 129 126 126 HIS HIS A . n 
A 1 130 PRO 130 127 127 PRO PRO A . n 
A 1 131 PRO 131 128 128 PRO PRO A . n 
A 1 132 ARG 132 129 129 ARG ARG A . n 
A 1 133 THR 133 130 130 THR THR A . n 
A 1 134 GLU 134 131 131 GLU GLU A . n 
A 1 135 PHE 135 132 132 PHE PHE A . n 
A 1 136 HIS 136 133 133 HIS HIS A . n 
A 1 137 PHE 137 134 134 PHE PHE A . n 
A 1 138 TYR 138 135 135 TYR TYR A . n 
A 1 139 GLU 139 136 136 GLU GLU A . n 
A 1 140 LEU 140 137 137 LEU LEU A . n 
A 1 141 GLU 141 138 138 GLU GLU A . n 
A 1 142 ILE 142 139 139 ILE ILE A . n 
A 1 143 GLU 143 140 140 GLU GLU A . n 
A 1 144 ASN 144 141 141 ASN ASN A . n 
A 1 145 LEU 145 142 142 LEU LEU A . n 
A 1 146 LEU 146 143 143 LEU LEU A . n 
A 1 147 ASP 147 144 144 ASP ASP A . n 
A 1 148 LYS 148 145 145 LYS LYS A . n 
A 1 149 PHE 149 146 146 PHE PHE A . n 
A 1 150 PRO 150 147 147 PRO PRO A . n 
A 1 151 GLU 151 148 148 GLU GLU A . n 
A 1 152 CYS 152 149 149 CYS CYS A . n 
A 1 153 HIS 153 150 150 HIS HIS A . n 
A 1 154 LYS 154 151 151 LYS LYS A . n 
A 1 155 ARG 155 152 152 ARG ARG A . n 
A 1 156 HIS 156 153 153 HIS HIS A . n 
A 1 157 ARG 157 154 154 ARG ARG A . n 
A 1 158 LYS 158 155 155 LYS LYS A . n 
A 1 159 LEU 159 156 156 LEU LEU A . n 
A 1 160 TYR 160 157 157 TYR TYR A . n 
A 1 161 SER 161 158 158 SER SER A . n 
A 1 162 TYR 162 159 159 TYR TYR A . n 
A 1 163 THR 163 160 160 THR THR A . n 
A 1 164 GLU 164 161 161 GLU GLU A . n 
A 1 165 ALA 165 162 162 ALA ALA A . n 
A 1 166 LYS 166 163 163 LYS LYS A . n 
A 1 167 GLN 167 164 164 GLN GLN A . n 
A 1 168 ASN 168 165 165 ASN ASN A . n 
A 1 169 LEU 169 166 166 LEU LEU A . n 
A 1 170 ILE 170 167 167 ILE ILE A . n 
A 1 171 ASP 171 168 168 ASP ASP A . n 
A 1 172 ALA 172 169 169 ALA ALA A . n 
A 1 173 LYS 173 170 170 LYS LYS A . n 
A 1 174 ARG 174 171 171 ARG ARG A . n 
A 1 175 PRO 175 172 172 PRO PRO A . n 
A 1 176 GLU 176 173 173 GLU GLU A . n 
A 1 177 LEU 177 174 174 LEU LEU A . n 
A 1 178 LEU 178 175 175 LEU LEU A . n 
A 1 179 GLU 179 176 176 GLU GLU A . n 
A 1 180 ALA 180 177 177 ALA ALA A . n 
A 1 181 LEU 181 178 178 LEU LEU A . n 
A 1 182 ASN 182 179 179 ASN ASN A . n 
A 1 183 ARG 183 180 180 ARG ARG A . n 
A 1 184 SER 184 181 181 SER SER A . n 
A 1 185 ALA 185 182 182 ALA ALA A . n 
A 1 186 ILE 186 183 183 ILE ILE A . n 
A 1 187 ILE 187 184 184 ILE ILE A . n 
A 1 188 LYS 188 185 185 LYS LYS A . n 
A 1 189 ASP 189 186 186 ASP ASP A . n 
A 1 190 ASP 190 187 187 ASP ASP A . n 
A 1 191 LYS 191 188 ?   ?   ?   A . n 
# 
loop_
_pdbx_nonpoly_scheme.asym_id 
_pdbx_nonpoly_scheme.entity_id 
_pdbx_nonpoly_scheme.mon_id 
_pdbx_nonpoly_scheme.ndb_seq_num 
_pdbx_nonpoly_scheme.pdb_seq_num 
_pdbx_nonpoly_scheme.auth_seq_num 
_pdbx_nonpoly_scheme.pdb_mon_id 
_pdbx_nonpoly_scheme.auth_mon_id 
_pdbx_nonpoly_scheme.pdb_strand_id 
_pdbx_nonpoly_scheme.pdb_ins_code 
B 2 RYT 1  201 201 RYT P15 A . 
C 3 MG  1  202 1   MG  MG  A . 
D 4 HOH 1  301 25  HOH HOH A . 
D 4 HOH 2  302 27  HOH HOH A . 
D 4 HOH 3  303 53  HOH HOH A . 
D 4 HOH 4  304 13  HOH HOH A . 
D 4 HOH 5  305 45  HOH HOH A . 
D 4 HOH 6  306 107 HOH HOH A . 
D 4 HOH 7  307 32  HOH HOH A . 
D 4 HOH 8  308 104 HOH HOH A . 
D 4 HOH 9  309 99  HOH HOH A . 
D 4 HOH 10 310 56  HOH HOH A . 
D 4 HOH 11 311 125 HOH HOH A . 
D 4 HOH 12 312 85  HOH HOH A . 
D 4 HOH 13 313 6   HOH HOH A . 
D 4 HOH 14 314 24  HOH HOH A . 
D 4 HOH 15 315 29  HOH HOH A . 
D 4 HOH 16 316 106 HOH HOH A . 
D 4 HOH 17 317 47  HOH HOH A . 
D 4 HOH 18 318 21  HOH HOH A . 
D 4 HOH 19 319 41  HOH HOH A . 
D 4 HOH 20 320 33  HOH HOH A . 
D 4 HOH 21 321 38  HOH HOH A . 
D 4 HOH 22 322 18  HOH HOH A . 
D 4 HOH 23 323 15  HOH HOH A . 
D 4 HOH 24 324 117 HOH HOH A . 
D 4 HOH 25 325 80  HOH HOH A . 
D 4 HOH 26 326 119 HOH HOH A . 
D 4 HOH 27 327 10  HOH HOH A . 
D 4 HOH 28 328 26  HOH HOH A . 
D 4 HOH 29 329 68  HOH HOH A . 
D 4 HOH 30 330 58  HOH HOH A . 
D 4 HOH 31 331 116 HOH HOH A . 
D 4 HOH 32 332 39  HOH HOH A . 
D 4 HOH 33 333 61  HOH HOH A . 
D 4 HOH 34 334 108 HOH HOH A . 
D 4 HOH 35 335 52  HOH HOH A . 
D 4 HOH 36 336 1   HOH HOH A . 
D 4 HOH 37 337 11  HOH HOH A . 
D 4 HOH 38 338 50  HOH HOH A . 
D 4 HOH 39 339 63  HOH HOH A . 
D 4 HOH 40 340 8   HOH HOH A . 
D 4 HOH 41 341 51  HOH HOH A . 
D 4 HOH 42 342 4   HOH HOH A . 
D 4 HOH 43 343 19  HOH HOH A . 
D 4 HOH 44 344 16  HOH HOH A . 
D 4 HOH 45 345 40  HOH HOH A . 
D 4 HOH 46 346 123 HOH HOH A . 
D 4 HOH 47 347 81  HOH HOH A . 
D 4 HOH 48 348 111 HOH HOH A . 
D 4 HOH 49 349 124 HOH HOH A . 
D 4 HOH 50 350 2   HOH HOH A . 
D 4 HOH 51 351 110 HOH HOH A . 
D 4 HOH 52 352 71  HOH HOH A . 
D 4 HOH 53 353 9   HOH HOH A . 
D 4 HOH 54 354 118 HOH HOH A . 
D 4 HOH 55 355 17  HOH HOH A . 
D 4 HOH 56 356 44  HOH HOH A . 
D 4 HOH 57 357 90  HOH HOH A . 
D 4 HOH 58 358 7   HOH HOH A . 
D 4 HOH 59 359 96  HOH HOH A . 
D 4 HOH 60 360 83  HOH HOH A . 
D 4 HOH 61 361 67  HOH HOH A . 
D 4 HOH 62 362 113 HOH HOH A . 
D 4 HOH 63 363 114 HOH HOH A . 
D 4 HOH 64 364 112 HOH HOH A . 
D 4 HOH 65 365 72  HOH HOH A . 
D 4 HOH 66 366 70  HOH HOH A . 
D 4 HOH 67 367 62  HOH HOH A . 
D 4 HOH 68 368 121 HOH HOH A . 
D 4 HOH 69 369 69  HOH HOH A . 
D 4 HOH 70 370 66  HOH HOH A . 
D 4 HOH 71 371 55  HOH HOH A . 
D 4 HOH 72 372 82  HOH HOH A . 
D 4 HOH 73 373 109 HOH HOH A . 
D 4 HOH 74 374 120 HOH HOH A . 
D 4 HOH 75 375 75  HOH HOH A . 
D 4 HOH 76 376 3   HOH HOH A . 
D 4 HOH 77 377 28  HOH HOH A . 
D 4 HOH 78 378 115 HOH HOH A . 
D 4 HOH 79 379 122 HOH HOH A . 
D 4 HOH 80 380 84  HOH HOH A . 
# 
loop_
_software.citation_id 
_software.classification 
_software.compiler_name 
_software.compiler_version 
_software.contact_author 
_software.contact_author_email 
_software.date 
_software.description 
_software.dependencies 
_software.hardware 
_software.language 
_software.location 
_software.mods 
_software.name 
_software.os 
_software.os_version 
_software.type 
_software.version 
_software.pdbx_ordinal 
? refinement        ? ? ? ? ? ? ? ? ? ? ? REFMAC      ? ? ? 5.8.0267 1 
? 'data extraction' ? ? ? ? ? ? ? ? ? ? ? PDB_EXTRACT ? ? ? 3.25     2 
? 'data reduction'  ? ? ? ? ? ? ? ? ? ? ? XDS         ? ? ? .        3 
? 'data scaling'    ? ? ? ? ? ? ? ? ? ? ? XDS         ? ? ? .        4 
? phasing           ? ? ? ? ? ? ? ? ? ? ? REFMAC      ? ? ? .        5 
? 'model building'  ? ? ? ? ? ? ? ? ? ? ? Coot        ? ? ? .        6 
# 
_cell.angle_alpha                  90.000 
_cell.angle_alpha_esd              ? 
_cell.angle_beta                   90.000 
_cell.angle_beta_esd               ? 
_cell.angle_gamma                  120.000 
_cell.angle_gamma_esd              ? 
_cell.entry_id                     7AUS 
_cell.details                      ? 
_cell.formula_units_Z              ? 
_cell.length_a                     61.670 
_cell.length_a_esd                 ? 
_cell.length_b                     61.670 
_cell.length_b_esd                 ? 
_cell.length_c                     95.730 
_cell.length_c_esd                 ? 
_cell.volume                       ? 
_cell.volume_esd                   ? 
_cell.Z_PDB                        6 
_cell.reciprocal_angle_alpha       ? 
_cell.reciprocal_angle_beta        ? 
_cell.reciprocal_angle_gamma       ? 
_cell.reciprocal_angle_alpha_esd   ? 
_cell.reciprocal_angle_beta_esd    ? 
_cell.reciprocal_angle_gamma_esd   ? 
_cell.reciprocal_length_a          ? 
_cell.reciprocal_length_b          ? 
_cell.reciprocal_length_c          ? 
_cell.reciprocal_length_a_esd      ? 
_cell.reciprocal_length_b_esd      ? 
_cell.reciprocal_length_c_esd      ? 
_cell.pdbx_unique_axis             ? 
# 
_symmetry.entry_id                         7AUS 
_symmetry.cell_setting                     ? 
_symmetry.Int_Tables_number                154 
_symmetry.space_group_name_Hall            ? 
_symmetry.space_group_name_H-M             'P 32 2 1' 
_symmetry.pdbx_full_space_group_name_H-M   ? 
# 
_exptl.absorpt_coefficient_mu     ? 
_exptl.absorpt_correction_T_max   ? 
_exptl.absorpt_correction_T_min   ? 
_exptl.absorpt_correction_type    ? 
_exptl.absorpt_process_details    ? 
_exptl.entry_id                   7AUS 
_exptl.crystals_number            1 
_exptl.details                    ? 
_exptl.method                     'X-RAY DIFFRACTION' 
_exptl.method_details             ? 
# 
_exptl_crystal.colour                      ? 
_exptl_crystal.density_diffrn              ? 
_exptl_crystal.density_Matthews            2.41 
_exptl_crystal.density_method              ? 
_exptl_crystal.density_percent_sol         49.07 
_exptl_crystal.description                 Bypiramid 
_exptl_crystal.F_000                       ? 
_exptl_crystal.id                          1 
_exptl_crystal.preparation                 ? 
_exptl_crystal.size_max                    ? 
_exptl_crystal.size_mid                    ? 
_exptl_crystal.size_min                    ? 
_exptl_crystal.size_rad                    ? 
_exptl_crystal.colour_lustre               ? 
_exptl_crystal.colour_modifier             ? 
_exptl_crystal.colour_primary              ? 
_exptl_crystal.density_meas                ? 
_exptl_crystal.density_meas_esd            ? 
_exptl_crystal.density_meas_gt             ? 
_exptl_crystal.density_meas_lt             ? 
_exptl_crystal.density_meas_temp           ? 
_exptl_crystal.density_meas_temp_esd       ? 
_exptl_crystal.density_meas_temp_gt        ? 
_exptl_crystal.density_meas_temp_lt        ? 
_exptl_crystal.pdbx_crystal_image_url      ? 
_exptl_crystal.pdbx_crystal_image_format   ? 
_exptl_crystal.pdbx_mosaicity              ? 
_exptl_crystal.pdbx_mosaicity_esd          ? 
# 
_exptl_crystal_grow.apparatus       ? 
_exptl_crystal_grow.atmosphere      ? 
_exptl_crystal_grow.crystal_id      1 
_exptl_crystal_grow.details         ? 
_exptl_crystal_grow.method          'VAPOR DIFFUSION, SITTING DROP' 
_exptl_crystal_grow.method_ref      ? 
_exptl_crystal_grow.pH              4.5 
_exptl_crystal_grow.pressure        ? 
_exptl_crystal_grow.pressure_esd    ? 
_exptl_crystal_grow.seeding         ? 
_exptl_crystal_grow.seeding_ref     ? 
_exptl_crystal_grow.temp            291 
_exptl_crystal_grow.temp_details    ? 
_exptl_crystal_grow.temp_esd        ? 
_exptl_crystal_grow.time            ? 
_exptl_crystal_grow.pdbx_details    
;16% PEG 3350, 0.1 M Sodium acetate pH 4.5, 0.1 M NaCl, 5 mM Magnesium chloride, 20 mM Sodium fluoride. 

Protein buffer: 20 mM Tris pH 8.0, 150 mM NaCl, 1 mM DTT, 10 mM Sodium hexametaphosphate.
;
_exptl_crystal_grow.pdbx_pH_range   ? 
# 
_diffrn.ambient_environment              ? 
_diffrn.ambient_temp                     100 
_diffrn.ambient_temp_details             ? 
_diffrn.ambient_temp_esd                 ? 
_diffrn.crystal_id                       1 
_diffrn.crystal_support                  ? 
_diffrn.crystal_treatment                ? 
_diffrn.details                          ? 
_diffrn.id                               1 
_diffrn.ambient_pressure                 ? 
_diffrn.ambient_pressure_esd             ? 
_diffrn.ambient_pressure_gt              ? 
_diffrn.ambient_pressure_lt              ? 
_diffrn.ambient_temp_gt                  ? 
_diffrn.ambient_temp_lt                  ? 
_diffrn.pdbx_serial_crystal_experiment   N 
# 
_diffrn_detector.details                      'KB focusing mirrors' 
_diffrn_detector.detector                     PIXEL 
_diffrn_detector.diffrn_id                    1 
_diffrn_detector.type                         'DECTRIS PILATUS 6M' 
_diffrn_detector.area_resol_mean              ? 
_diffrn_detector.dtime                        ? 
_diffrn_detector.pdbx_frames_total            ? 
_diffrn_detector.pdbx_collection_time_total   ? 
_diffrn_detector.pdbx_collection_date         2019-07-03 
_diffrn_detector.pdbx_frequency               ? 
# 
_diffrn_radiation.collimation                      ? 
_diffrn_radiation.diffrn_id                        1 
_diffrn_radiation.filter_edge                      ? 
_diffrn_radiation.inhomogeneity                    ? 
_diffrn_radiation.monochromator                    'Si(111) channel-cut, cryocooled' 
_diffrn_radiation.polarisn_norm                    ? 
_diffrn_radiation.polarisn_ratio                   ? 
_diffrn_radiation.probe                            ? 
_diffrn_radiation.type                             ? 
_diffrn_radiation.xray_symbol                      ? 
_diffrn_radiation.wavelength_id                    1 
_diffrn_radiation.pdbx_monochromatic_or_laue_m_l   M 
_diffrn_radiation.pdbx_wavelength_list             ? 
_diffrn_radiation.pdbx_wavelength                  ? 
_diffrn_radiation.pdbx_diffrn_protocol             'SINGLE WAVELENGTH' 
_diffrn_radiation.pdbx_analyzer                    ? 
_diffrn_radiation.pdbx_scattering_type             x-ray 
# 
_diffrn_radiation_wavelength.id           1 
_diffrn_radiation_wavelength.wavelength   0.979182 
_diffrn_radiation_wavelength.wt           1.0 
# 
_diffrn_source.current                     ? 
_diffrn_source.details                     ? 
_diffrn_source.diffrn_id                   1 
_diffrn_source.power                       ? 
_diffrn_source.size                        ? 
_diffrn_source.source                      SYNCHROTRON 
_diffrn_source.target                      ? 
_diffrn_source.type                        'ALBA BEAMLINE XALOC' 
_diffrn_source.voltage                     ? 
_diffrn_source.take-off_angle              ? 
_diffrn_source.pdbx_wavelength_list        0.979182 
_diffrn_source.pdbx_wavelength             ? 
_diffrn_source.pdbx_synchrotron_beamline   XALOC 
_diffrn_source.pdbx_synchrotron_site       ALBA 
# 
_reflns.B_iso_Wilson_estimate            33.348 
_reflns.entry_id                         7AUS 
_reflns.data_reduction_details           ? 
_reflns.data_reduction_method            ? 
_reflns.d_resolution_high                1.75 
_reflns.d_resolution_low                 47.87 
_reflns.details                          ? 
_reflns.limit_h_max                      ? 
_reflns.limit_h_min                      ? 
_reflns.limit_k_max                      ? 
_reflns.limit_k_min                      ? 
_reflns.limit_l_max                      ? 
_reflns.limit_l_min                      ? 
_reflns.number_all                       ? 
_reflns.number_obs                       21864 
_reflns.observed_criterion               ? 
_reflns.observed_criterion_F_max         ? 
_reflns.observed_criterion_F_min         ? 
_reflns.observed_criterion_I_max         ? 
_reflns.observed_criterion_I_min         ? 
_reflns.observed_criterion_sigma_F       ? 
_reflns.observed_criterion_sigma_I       ? 
_reflns.percent_possible_obs             100.0 
_reflns.R_free_details                   ? 
_reflns.Rmerge_F_all                     ? 
_reflns.Rmerge_F_obs                     ? 
_reflns.Friedel_coverage                 ? 
_reflns.number_gt                        ? 
_reflns.threshold_expression             ? 
_reflns.pdbx_redundancy                  18.9 
_reflns.pdbx_Rmerge_I_obs                0.047 
_reflns.pdbx_Rmerge_I_all                ? 
_reflns.pdbx_Rsym_value                  ? 
_reflns.pdbx_netI_over_av_sigmaI         ? 
_reflns.pdbx_netI_over_sigmaI            34.3 
_reflns.pdbx_res_netI_over_av_sigmaI_2   ? 
_reflns.pdbx_res_netI_over_sigmaI_2      ? 
_reflns.pdbx_chi_squared                 ? 
_reflns.pdbx_scaling_rejects             ? 
_reflns.pdbx_d_res_high_opt              ? 
_reflns.pdbx_d_res_low_opt               ? 
_reflns.pdbx_d_res_opt_method            ? 
_reflns.phase_calculation_details        ? 
_reflns.pdbx_Rrim_I_all                  ? 
_reflns.pdbx_Rpim_I_all                  0.011 
_reflns.pdbx_d_opt                       ? 
_reflns.pdbx_number_measured_all         ? 
_reflns.pdbx_diffrn_id                   1 
_reflns.pdbx_ordinal                     1 
_reflns.pdbx_CC_half                     0.998 
_reflns.pdbx_CC_star                     ? 
_reflns.pdbx_R_split                     ? 
# 
_reflns_shell.d_res_high                  1.75 
_reflns_shell.d_res_low                   1.78 
_reflns_shell.meanI_over_sigI_all         ? 
_reflns_shell.meanI_over_sigI_obs         5.0 
_reflns_shell.number_measured_all         ? 
_reflns_shell.number_measured_obs         ? 
_reflns_shell.number_possible             ? 
_reflns_shell.number_unique_all           ? 
_reflns_shell.number_unique_obs           1171 
_reflns_shell.percent_possible_all        100.0 
_reflns_shell.percent_possible_obs        ? 
_reflns_shell.Rmerge_F_all                ? 
_reflns_shell.Rmerge_F_obs                ? 
_reflns_shell.Rmerge_I_all                ? 
_reflns_shell.Rmerge_I_obs                0.652 
_reflns_shell.meanI_over_sigI_gt          ? 
_reflns_shell.meanI_over_uI_all           ? 
_reflns_shell.meanI_over_uI_gt            ? 
_reflns_shell.number_measured_gt          ? 
_reflns_shell.number_unique_gt            ? 
_reflns_shell.percent_possible_gt         ? 
_reflns_shell.Rmerge_F_gt                 ? 
_reflns_shell.Rmerge_I_gt                 ? 
_reflns_shell.pdbx_redundancy             19.8 
_reflns_shell.pdbx_Rsym_value             ? 
_reflns_shell.pdbx_chi_squared            ? 
_reflns_shell.pdbx_netI_over_sigmaI_all   ? 
_reflns_shell.pdbx_netI_over_sigmaI_obs   ? 
_reflns_shell.pdbx_Rrim_I_all             ? 
_reflns_shell.pdbx_Rpim_I_all             0.149 
_reflns_shell.pdbx_rejects                ? 
_reflns_shell.pdbx_ordinal                1 
_reflns_shell.pdbx_diffrn_id              1 
_reflns_shell.pdbx_CC_half                0.948 
_reflns_shell.pdbx_CC_star                ? 
_reflns_shell.pdbx_R_split                ? 
# 
_refine.aniso_B[1][1]                            0.2700 
_refine.aniso_B[1][2]                            0.1300 
_refine.aniso_B[1][3]                            0.0000 
_refine.aniso_B[2][2]                            0.2700 
_refine.aniso_B[2][3]                            -0.0000 
_refine.aniso_B[3][3]                            -0.8700 
_refine.B_iso_max                                129.760 
_refine.B_iso_mean                               44.2730 
_refine.B_iso_min                                26.240 
_refine.correlation_coeff_Fo_to_Fc               0.9560 
_refine.correlation_coeff_Fo_to_Fc_free          0.9420 
_refine.details                                  
'HYDROGENS HAVE BEEN ADDED IN THE RIDING POSITIONS U VALUES      : REFINED INDIVIDUALLY' 
_refine.diff_density_max                         ? 
_refine.diff_density_max_esd                     ? 
_refine.diff_density_min                         ? 
_refine.diff_density_min_esd                     ? 
_refine.diff_density_rms                         ? 
_refine.diff_density_rms_esd                     ? 
_refine.entry_id                                 7AUS 
_refine.pdbx_refine_id                           'X-RAY DIFFRACTION' 
_refine.ls_abs_structure_details                 ? 
_refine.ls_abs_structure_Flack                   ? 
_refine.ls_abs_structure_Flack_esd               ? 
_refine.ls_abs_structure_Rogers                  ? 
_refine.ls_abs_structure_Rogers_esd              ? 
_refine.ls_d_res_high                            1.7500 
_refine.ls_d_res_low                             46.6800 
_refine.ls_extinction_coef                       ? 
_refine.ls_extinction_coef_esd                   ? 
_refine.ls_extinction_expression                 ? 
_refine.ls_extinction_method                     ? 
_refine.ls_goodness_of_fit_all                   ? 
_refine.ls_goodness_of_fit_all_esd               ? 
_refine.ls_goodness_of_fit_obs                   ? 
_refine.ls_goodness_of_fit_obs_esd               ? 
_refine.ls_hydrogen_treatment                    ? 
_refine.ls_matrix_type                           ? 
_refine.ls_number_constraints                    ? 
_refine.ls_number_parameters                     ? 
_refine.ls_number_reflns_all                     ? 
_refine.ls_number_reflns_obs                     20721 
_refine.ls_number_reflns_R_free                  1105 
_refine.ls_number_reflns_R_work                  ? 
_refine.ls_number_restraints                     ? 
_refine.ls_percent_reflns_obs                    99.9700 
_refine.ls_percent_reflns_R_free                 5.1000 
_refine.ls_R_factor_all                          ? 
_refine.ls_R_factor_obs                          0.2430 
_refine.ls_R_factor_R_free                       0.2792 
_refine.ls_R_factor_R_free_error                 ? 
_refine.ls_R_factor_R_free_error_details         ? 
_refine.ls_R_factor_R_work                       0.2410 
_refine.ls_R_Fsqd_factor_obs                     ? 
_refine.ls_R_I_factor_obs                        ? 
_refine.ls_redundancy_reflns_all                 ? 
_refine.ls_redundancy_reflns_obs                 ? 
_refine.ls_restrained_S_all                      ? 
_refine.ls_restrained_S_obs                      ? 
_refine.ls_shift_over_esd_max                    ? 
_refine.ls_shift_over_esd_mean                   ? 
_refine.ls_structure_factor_coef                 ? 
_refine.ls_weighting_details                     ? 
_refine.ls_weighting_scheme                      ? 
_refine.ls_wR_factor_all                         ? 
_refine.ls_wR_factor_obs                         ? 
_refine.ls_wR_factor_R_free                      ? 
_refine.ls_wR_factor_R_work                      ? 
_refine.occupancy_max                            ? 
_refine.occupancy_min                            ? 
_refine.solvent_model_details                    MASK 
_refine.solvent_model_param_bsol                 ? 
_refine.solvent_model_param_ksol                 ? 
_refine.pdbx_R_complete                          ? 
_refine.ls_R_factor_gt                           ? 
_refine.ls_goodness_of_fit_gt                    ? 
_refine.ls_goodness_of_fit_ref                   ? 
_refine.ls_shift_over_su_max                     ? 
_refine.ls_shift_over_su_max_lt                  ? 
_refine.ls_shift_over_su_mean                    ? 
_refine.ls_shift_over_su_mean_lt                 ? 
_refine.pdbx_ls_sigma_I                          ? 
_refine.pdbx_ls_sigma_F                          0.000 
_refine.pdbx_ls_sigma_Fsqd                       ? 
_refine.pdbx_data_cutoff_high_absF               ? 
_refine.pdbx_data_cutoff_high_rms_absF           ? 
_refine.pdbx_data_cutoff_low_absF                ? 
_refine.pdbx_isotropic_thermal_model             ? 
_refine.pdbx_ls_cross_valid_method               THROUGHOUT 
_refine.pdbx_method_to_determine_struct          'FOURIER SYNTHESIS' 
_refine.pdbx_starting_model                      7AUI 
_refine.pdbx_stereochemistry_target_values       'MAXIMUM LIKELIHOOD' 
_refine.pdbx_R_Free_selection_details            RANDOM 
_refine.pdbx_stereochem_target_val_spec_case     ? 
_refine.pdbx_overall_ESU_R                       0.1380 
_refine.pdbx_overall_ESU_R_Free                  0.1340 
_refine.pdbx_solvent_vdw_probe_radii             1.2000 
_refine.pdbx_solvent_ion_probe_radii             0.8000 
_refine.pdbx_solvent_shrinkage_radii             0.8000 
_refine.pdbx_real_space_R                        ? 
_refine.pdbx_density_correlation                 ? 
_refine.pdbx_pd_number_of_powder_patterns        ? 
_refine.pdbx_pd_number_of_points                 ? 
_refine.pdbx_pd_meas_number_of_points            ? 
_refine.pdbx_pd_proc_ls_prof_R_factor            ? 
_refine.pdbx_pd_proc_ls_prof_wR_factor           ? 
_refine.pdbx_pd_Marquardt_correlation_coeff      ? 
_refine.pdbx_pd_Fsqrd_R_factor                   ? 
_refine.pdbx_pd_ls_matrix_band_width             ? 
_refine.pdbx_overall_phase_error                 ? 
_refine.pdbx_overall_SU_R_free_Cruickshank_DPI   ? 
_refine.pdbx_overall_SU_R_free_Blow_DPI          ? 
_refine.pdbx_overall_SU_R_Blow_DPI               ? 
_refine.pdbx_TLS_residual_ADP_flag               ? 
_refine.pdbx_diffrn_id                           1 
_refine.overall_SU_B                             4.1780 
_refine.overall_SU_ML                            0.1280 
_refine.overall_SU_R_Cruickshank_DPI             ? 
_refine.overall_SU_R_free                        ? 
_refine.overall_FOM_free_R_set                   ? 
_refine.overall_FOM_work_R_set                   ? 
_refine.pdbx_average_fsc_overall                 ? 
_refine.pdbx_average_fsc_work                    ? 
_refine.pdbx_average_fsc_free                    ? 
# 
_refine_hist.pdbx_refine_id                   'X-RAY DIFFRACTION' 
_refine_hist.cycle_id                         final 
_refine_hist.details                          ? 
_refine_hist.d_res_high                       1.7500 
_refine_hist.d_res_low                        46.6800 
_refine_hist.number_atoms_solvent             81 
_refine_hist.number_atoms_total               1499 
_refine_hist.number_reflns_all                ? 
_refine_hist.number_reflns_obs                ? 
_refine_hist.number_reflns_R_free             ? 
_refine_hist.number_reflns_R_work             ? 
_refine_hist.R_factor_all                     ? 
_refine_hist.R_factor_obs                     ? 
_refine_hist.R_factor_R_free                  ? 
_refine_hist.R_factor_R_work                  ? 
_refine_hist.pdbx_number_residues_total       167 
_refine_hist.pdbx_B_iso_mean_ligand           89.08 
_refine_hist.pdbx_B_iso_mean_solvent          47.09 
_refine_hist.pdbx_number_atoms_protein        1356 
_refine_hist.pdbx_number_atoms_nucleic_acid   0 
_refine_hist.pdbx_number_atoms_ligand         62 
_refine_hist.pdbx_number_atoms_lipid          ? 
_refine_hist.pdbx_number_atoms_carb           ? 
_refine_hist.pdbx_pseudo_atom_details         ? 
# 
loop_
_refine_ls_restr.pdbx_refine_id 
_refine_ls_restr.criterion 
_refine_ls_restr.dev_ideal 
_refine_ls_restr.dev_ideal_target 
_refine_ls_restr.number 
_refine_ls_restr.rejects 
_refine_ls_restr.type 
_refine_ls_restr.weight 
_refine_ls_restr.pdbx_restraint_function 
'X-RAY DIFFRACTION' ? 0.005  0.013  1457 ? r_bond_refined_d       ? ? 
'X-RAY DIFFRACTION' ? 0.001  0.017  1336 ? r_bond_other_d         ? ? 
'X-RAY DIFFRACTION' ? 1.420  1.709  1990 ? r_angle_refined_deg    ? ? 
'X-RAY DIFFRACTION' ? 1.187  1.593  3099 ? r_angle_other_deg      ? ? 
'X-RAY DIFFRACTION' ? 6.740  5.000  168  ? r_dihedral_angle_1_deg ? ? 
'X-RAY DIFFRACTION' ? 32.987 22.375 80   ? r_dihedral_angle_2_deg ? ? 
'X-RAY DIFFRACTION' ? 16.371 15.000 265  ? r_dihedral_angle_3_deg ? ? 
'X-RAY DIFFRACTION' ? 19.775 15.000 11   ? r_dihedral_angle_4_deg ? ? 
'X-RAY DIFFRACTION' ? 0.058  0.200  180  ? r_chiral_restr         ? ? 
'X-RAY DIFFRACTION' ? 0.005  0.020  1559 ? r_gen_planes_refined   ? ? 
'X-RAY DIFFRACTION' ? 0.001  0.020  307  ? r_gen_planes_other     ? ? 
# 
_refine_ls_shell.pdbx_refine_id                   'X-RAY DIFFRACTION' 
_refine_ls_shell.d_res_high                       1.7500 
_refine_ls_shell.d_res_low                        1.7950 
_refine_ls_shell.number_reflns_all                1575 
_refine_ls_shell.number_reflns_obs                ? 
_refine_ls_shell.number_reflns_R_free             92 
_refine_ls_shell.number_reflns_R_work             1483 
_refine_ls_shell.percent_reflns_obs               99.7500 
_refine_ls_shell.percent_reflns_R_free            ? 
_refine_ls_shell.R_factor_all                     ? 
_refine_ls_shell.R_factor_obs                     ? 
_refine_ls_shell.R_factor_R_free                  0.4400 
_refine_ls_shell.R_factor_R_free_error            0.0000 
_refine_ls_shell.R_factor_R_work                  0.3500 
_refine_ls_shell.redundancy_reflns_all            ? 
_refine_ls_shell.redundancy_reflns_obs            ? 
_refine_ls_shell.wR_factor_all                    ? 
_refine_ls_shell.wR_factor_obs                    ? 
_refine_ls_shell.wR_factor_R_free                 ? 
_refine_ls_shell.wR_factor_R_work                 ? 
_refine_ls_shell.pdbx_R_complete                  ? 
_refine_ls_shell.pdbx_total_number_of_bins_used   20 
_refine_ls_shell.pdbx_phase_error                 ? 
_refine_ls_shell.pdbx_fsc_work                    ? 
_refine_ls_shell.pdbx_fsc_free                    ? 
# 
_struct.entry_id                     7AUS 
_struct.title                        'Yeast Diphosphoinositol Polyphosphate Phosphohydrolase DDP1 in complex with P15' 
_struct.pdbx_model_details           ? 
_struct.pdbx_formula_weight          ? 
_struct.pdbx_formula_weight_method   ? 
_struct.pdbx_model_type_details      ? 
_struct.pdbx_CASP_flag               N 
# 
_struct_keywords.entry_id        7AUS 
_struct_keywords.text            
'Inositol, PP-InsP, Pyrophosphatase, Polyphosphate, Diadenosine polyphosphate, DDP1, Nudix, HYDROLASE' 
_struct_keywords.pdbx_keywords   HYDROLASE 
# 
loop_
_struct_asym.id 
_struct_asym.pdbx_blank_PDB_chainid_flag 
_struct_asym.pdbx_modified 
_struct_asym.entity_id 
_struct_asym.details 
A N N 1 ? 
B N N 2 ? 
C N N 3 ? 
D N N 4 ? 
# 
_struct_ref.id                         1 
_struct_ref.db_name                    UNP 
_struct_ref.db_code                    DDP1_YEAST 
_struct_ref.pdbx_db_accession          Q99321 
_struct_ref.pdbx_db_isoform            ? 
_struct_ref.entity_id                  1 
_struct_ref.pdbx_seq_one_letter_code   
;MGKTADNHGPVRSETAREGRENQVYSPVTGARLVAGCICLTPDKKQVLMITSSAHKKRWIVPKGGVEKDEPNYETTAQRE
TWEEAGCIGKIVANLGTVEDMRPPKDWNKDIKQFENSRKDSEVAKHPPRTEFHFYELEIENLLDKFPECHKRHRKLYSYT
EAKQNLIDAKRPELLEALNRSAIIKDDK
;
_struct_ref.pdbx_align_begin           1 
# 
_struct_ref_seq.align_id                      1 
_struct_ref_seq.ref_id                        1 
_struct_ref_seq.pdbx_PDB_id_code              7AUS 
_struct_ref_seq.pdbx_strand_id                A 
_struct_ref_seq.seq_align_beg                 4 
_struct_ref_seq.pdbx_seq_align_beg_ins_code   ? 
_struct_ref_seq.seq_align_end                 191 
_struct_ref_seq.pdbx_seq_align_end_ins_code   ? 
_struct_ref_seq.pdbx_db_accession             Q99321 
_struct_ref_seq.db_align_beg                  1 
_struct_ref_seq.pdbx_db_align_beg_ins_code    ? 
_struct_ref_seq.db_align_end                  188 
_struct_ref_seq.pdbx_db_align_end_ins_code    ? 
_struct_ref_seq.pdbx_auth_seq_align_beg       1 
_struct_ref_seq.pdbx_auth_seq_align_end       188 
# 
loop_
_struct_ref_seq_dif.align_id 
_struct_ref_seq_dif.pdbx_pdb_id_code 
_struct_ref_seq_dif.mon_id 
_struct_ref_seq_dif.pdbx_pdb_strand_id 
_struct_ref_seq_dif.seq_num 
_struct_ref_seq_dif.pdbx_pdb_ins_code 
_struct_ref_seq_dif.pdbx_seq_db_name 
_struct_ref_seq_dif.pdbx_seq_db_accession_code 
_struct_ref_seq_dif.db_mon_id 
_struct_ref_seq_dif.pdbx_seq_db_seq_num 
_struct_ref_seq_dif.details 
_struct_ref_seq_dif.pdbx_auth_seq_num 
_struct_ref_seq_dif.pdbx_ordinal 
1 7AUS GLY A 1 ? UNP Q99321 ? ? 'expression tag' -2 1 
1 7AUS GLY A 2 ? UNP Q99321 ? ? 'expression tag' -1 2 
1 7AUS SER A 3 ? UNP Q99321 ? ? 'expression tag' 0  3 
# 
_pdbx_struct_assembly.id                   1 
_pdbx_struct_assembly.details              author_and_software_defined_assembly 
_pdbx_struct_assembly.method_details       PISA 
_pdbx_struct_assembly.oligomeric_details   monomeric 
_pdbx_struct_assembly.oligomeric_count     1 
# 
loop_
_pdbx_struct_assembly_prop.biol_id 
_pdbx_struct_assembly_prop.type 
_pdbx_struct_assembly_prop.value 
_pdbx_struct_assembly_prop.details 
1 'ABSA (A^2)' 100   ? 
1 MORE         -10   ? 
1 'SSA (A^2)'  10090 ? 
# 
_pdbx_struct_assembly_gen.assembly_id       1 
_pdbx_struct_assembly_gen.oper_expression   1 
_pdbx_struct_assembly_gen.asym_id_list      A,B,C,D 
# 
_pdbx_struct_assembly_auth_evidence.id                     1 
_pdbx_struct_assembly_auth_evidence.assembly_id            1 
_pdbx_struct_assembly_auth_evidence.experimental_support   'gel filtration' 
_pdbx_struct_assembly_auth_evidence.details                ? 
# 
_pdbx_struct_oper_list.id                   1 
_pdbx_struct_oper_list.type                 'identity operation' 
_pdbx_struct_oper_list.name                 1_555 
_pdbx_struct_oper_list.symmetry_operation   x,y,z 
_pdbx_struct_oper_list.matrix[1][1]         1.0000000000 
_pdbx_struct_oper_list.matrix[1][2]         0.0000000000 
_pdbx_struct_oper_list.matrix[1][3]         0.0000000000 
_pdbx_struct_oper_list.vector[1]            0.0000000000 
_pdbx_struct_oper_list.matrix[2][1]         0.0000000000 
_pdbx_struct_oper_list.matrix[2][2]         1.0000000000 
_pdbx_struct_oper_list.matrix[2][3]         0.0000000000 
_pdbx_struct_oper_list.vector[2]            0.0000000000 
_pdbx_struct_oper_list.matrix[3][1]         0.0000000000 
_pdbx_struct_oper_list.matrix[3][2]         0.0000000000 
_pdbx_struct_oper_list.matrix[3][3]         1.0000000000 
_pdbx_struct_oper_list.vector[3]            0.0000000000 
# 
loop_
_struct_conf.conf_type_id 
_struct_conf.id 
_struct_conf.pdbx_PDB_helix_id 
_struct_conf.beg_label_comp_id 
_struct_conf.beg_label_asym_id 
_struct_conf.beg_label_seq_id 
_struct_conf.pdbx_beg_PDB_ins_code 
_struct_conf.end_label_comp_id 
_struct_conf.end_label_asym_id 
_struct_conf.end_label_seq_id 
_struct_conf.pdbx_end_PDB_ins_code 
_struct_conf.beg_auth_comp_id 
_struct_conf.beg_auth_asym_id 
_struct_conf.beg_auth_seq_id 
_struct_conf.end_auth_comp_id 
_struct_conf.end_auth_asym_id 
_struct_conf.end_auth_seq_id 
_struct_conf.pdbx_PDB_helix_class 
_struct_conf.details 
_struct_conf.pdbx_PDB_helix_length 
HELX_P HELX_P1 AA1 ASN A 75  ? GLY A 89  ? ASN A 72  GLY A 86  1 ? 15 
HELX_P HELX_P2 AA2 LYS A 108 ? ASP A 113 ? LYS A 105 ASP A 110 5 ? 6  
HELX_P HELX_P3 AA3 TYR A 162 ? ALA A 172 ? TYR A 159 ALA A 169 1 ? 11 
HELX_P HELX_P4 AA4 ARG A 174 ? SER A 184 ? ARG A 171 SER A 181 1 ? 11 
# 
_struct_conf_type.id          HELX_P 
_struct_conf_type.criteria    ? 
_struct_conf_type.reference   ? 
# 
loop_
_struct_conn.id 
_struct_conn.conn_type_id 
_struct_conn.pdbx_leaving_atom_flag 
_struct_conn.pdbx_PDB_id 
_struct_conn.ptnr1_label_asym_id 
_struct_conn.ptnr1_label_comp_id 
_struct_conn.ptnr1_label_seq_id 
_struct_conn.ptnr1_label_atom_id 
_struct_conn.pdbx_ptnr1_label_alt_id 
_struct_conn.pdbx_ptnr1_PDB_ins_code 
_struct_conn.pdbx_ptnr1_standard_comp_id 
_struct_conn.ptnr1_symmetry 
_struct_conn.ptnr2_label_asym_id 
_struct_conn.ptnr2_label_comp_id 
_struct_conn.ptnr2_label_seq_id 
_struct_conn.ptnr2_label_atom_id 
_struct_conn.pdbx_ptnr2_label_alt_id 
_struct_conn.pdbx_ptnr2_PDB_ins_code 
_struct_conn.ptnr1_auth_asym_id 
_struct_conn.ptnr1_auth_comp_id 
_struct_conn.ptnr1_auth_seq_id 
_struct_conn.ptnr2_auth_asym_id 
_struct_conn.ptnr2_auth_comp_id 
_struct_conn.ptnr2_auth_seq_id 
_struct_conn.ptnr2_symmetry 
_struct_conn.pdbx_ptnr3_label_atom_id 
_struct_conn.pdbx_ptnr3_label_seq_id 
_struct_conn.pdbx_ptnr3_label_comp_id 
_struct_conn.pdbx_ptnr3_label_asym_id 
_struct_conn.pdbx_ptnr3_label_alt_id 
_struct_conn.pdbx_ptnr3_PDB_ins_code 
_struct_conn.details 
_struct_conn.pdbx_dist_value 
_struct_conn.pdbx_value_order 
_struct_conn.pdbx_role 
metalc1 metalc ? ? A LYS 66 O   ? ? ? 1_555 C MG  . MG ? ? A LYS 63  A MG  202 1_555 ? ? ? ? ? ? ? 2.274 ? ? 
metalc2 metalc ? ? A GLU 87 OE1 ? ? ? 1_555 C MG  . MG ? ? A GLU 84  A MG  202 1_555 ? ? ? ? ? ? ? 2.149 ? ? 
metalc3 metalc ? ? B RYT .  O52 ? ? ? 1_555 C MG  . MG ? ? A RYT 201 A MG  202 1_555 ? ? ? ? ? ? ? 2.363 ? ? 
metalc4 metalc ? ? B RYT .  O53 ? ? ? 1_555 C MG  . MG ? ? A RYT 201 A MG  202 1_555 ? ? ? ? ? ? ? 2.198 ? ? 
metalc5 metalc ? ? B RYT .  O64 ? ? ? 1_555 C MG  . MG ? ? A RYT 201 A MG  202 1_555 ? ? ? ? ? ? ? 2.237 ? ? 
metalc6 metalc ? ? C MG  .  MG  ? ? ? 1_555 D HOH . O  ? ? A MG  202 A HOH 343 1_555 ? ? ? ? ? ? ? 2.683 ? ? 
# 
_struct_conn_type.id          metalc 
_struct_conn_type.criteria    ? 
_struct_conn_type.reference   ? 
# 
loop_
_pdbx_struct_conn_angle.id 
_pdbx_struct_conn_angle.ptnr1_label_atom_id 
_pdbx_struct_conn_angle.ptnr1_label_alt_id 
_pdbx_struct_conn_angle.ptnr1_label_asym_id 
_pdbx_struct_conn_angle.ptnr1_label_comp_id 
_pdbx_struct_conn_angle.ptnr1_label_seq_id 
_pdbx_struct_conn_angle.ptnr1_auth_atom_id 
_pdbx_struct_conn_angle.ptnr1_auth_asym_id 
_pdbx_struct_conn_angle.ptnr1_auth_comp_id 
_pdbx_struct_conn_angle.ptnr1_auth_seq_id 
_pdbx_struct_conn_angle.ptnr1_PDB_ins_code 
_pdbx_struct_conn_angle.ptnr1_symmetry 
_pdbx_struct_conn_angle.ptnr2_label_atom_id 
_pdbx_struct_conn_angle.ptnr2_label_alt_id 
_pdbx_struct_conn_angle.ptnr2_label_asym_id 
_pdbx_struct_conn_angle.ptnr2_label_comp_id 
_pdbx_struct_conn_angle.ptnr2_label_seq_id 
_pdbx_struct_conn_angle.ptnr2_auth_atom_id 
_pdbx_struct_conn_angle.ptnr2_auth_asym_id 
_pdbx_struct_conn_angle.ptnr2_auth_comp_id 
_pdbx_struct_conn_angle.ptnr2_auth_seq_id 
_pdbx_struct_conn_angle.ptnr2_PDB_ins_code 
_pdbx_struct_conn_angle.ptnr2_symmetry 
_pdbx_struct_conn_angle.ptnr3_label_atom_id 
_pdbx_struct_conn_angle.ptnr3_label_alt_id 
_pdbx_struct_conn_angle.ptnr3_label_asym_id 
_pdbx_struct_conn_angle.ptnr3_label_comp_id 
_pdbx_struct_conn_angle.ptnr3_label_seq_id 
_pdbx_struct_conn_angle.ptnr3_auth_atom_id 
_pdbx_struct_conn_angle.ptnr3_auth_asym_id 
_pdbx_struct_conn_angle.ptnr3_auth_comp_id 
_pdbx_struct_conn_angle.ptnr3_auth_seq_id 
_pdbx_struct_conn_angle.ptnr3_PDB_ins_code 
_pdbx_struct_conn_angle.ptnr3_symmetry 
_pdbx_struct_conn_angle.value 
_pdbx_struct_conn_angle.value_esd 
1  O   ? A LYS 66 ? A LYS 63  ? 1_555 MG ? C MG . ? A MG 202 ? 1_555 OE1 ? A GLU 87 ? A GLU 84  ? 1_555 87.4  ? 
2  O   ? A LYS 66 ? A LYS 63  ? 1_555 MG ? C MG . ? A MG 202 ? 1_555 O52 ? B RYT .  ? A RYT 201 ? 1_555 164.6 ? 
3  OE1 ? A GLU 87 ? A GLU 84  ? 1_555 MG ? C MG . ? A MG 202 ? 1_555 O52 ? B RYT .  ? A RYT 201 ? 1_555 88.6  ? 
4  O   ? A LYS 66 ? A LYS 63  ? 1_555 MG ? C MG . ? A MG 202 ? 1_555 O53 ? B RYT .  ? A RYT 201 ? 1_555 96.1  ? 
5  OE1 ? A GLU 87 ? A GLU 84  ? 1_555 MG ? C MG . ? A MG 202 ? 1_555 O53 ? B RYT .  ? A RYT 201 ? 1_555 176.5 ? 
6  O52 ? B RYT .  ? A RYT 201 ? 1_555 MG ? C MG . ? A MG 202 ? 1_555 O53 ? B RYT .  ? A RYT 201 ? 1_555 88.0  ? 
7  O   ? A LYS 66 ? A LYS 63  ? 1_555 MG ? C MG . ? A MG 202 ? 1_555 O64 ? B RYT .  ? A RYT 201 ? 1_555 107.1 ? 
8  OE1 ? A GLU 87 ? A GLU 84  ? 1_555 MG ? C MG . ? A MG 202 ? 1_555 O64 ? B RYT .  ? A RYT 201 ? 1_555 87.0  ? 
9  O52 ? B RYT .  ? A RYT 201 ? 1_555 MG ? C MG . ? A MG 202 ? 1_555 O64 ? B RYT .  ? A RYT 201 ? 1_555 87.5  ? 
10 O53 ? B RYT .  ? A RYT 201 ? 1_555 MG ? C MG . ? A MG 202 ? 1_555 O64 ? B RYT .  ? A RYT 201 ? 1_555 92.2  ? 
11 O   ? A LYS 66 ? A LYS 63  ? 1_555 MG ? C MG . ? A MG 202 ? 1_555 O   ? D HOH .  ? A HOH 343 ? 1_555 75.5  ? 
12 OE1 ? A GLU 87 ? A GLU 84  ? 1_555 MG ? C MG . ? A MG 202 ? 1_555 O   ? D HOH .  ? A HOH 343 ? 1_555 86.5  ? 
13 O52 ? B RYT .  ? A RYT 201 ? 1_555 MG ? C MG . ? A MG 202 ? 1_555 O   ? D HOH .  ? A HOH 343 ? 1_555 89.5  ? 
14 O53 ? B RYT .  ? A RYT 201 ? 1_555 MG ? C MG . ? A MG 202 ? 1_555 O   ? D HOH .  ? A HOH 343 ? 1_555 94.1  ? 
15 O64 ? B RYT .  ? A RYT 201 ? 1_555 MG ? C MG . ? A MG 202 ? 1_555 O   ? D HOH .  ? A HOH 343 ? 1_555 173.0 ? 
# 
loop_
_struct_sheet.id 
_struct_sheet.type 
_struct_sheet.number_strands 
_struct_sheet.details 
AA1 ? 4 ? 
AA2 ? 3 ? 
AA3 ? 2 ? 
# 
loop_
_struct_sheet_order.sheet_id 
_struct_sheet_order.range_id_1 
_struct_sheet_order.range_id_2 
_struct_sheet_order.offset 
_struct_sheet_order.sense 
AA1 1 2 ? anti-parallel 
AA1 2 3 ? parallel      
AA1 3 4 ? anti-parallel 
AA2 1 2 ? anti-parallel 
AA2 2 3 ? anti-parallel 
AA3 1 2 ? anti-parallel 
# 
loop_
_struct_sheet_range.sheet_id 
_struct_sheet_range.id 
_struct_sheet_range.beg_label_comp_id 
_struct_sheet_range.beg_label_asym_id 
_struct_sheet_range.beg_label_seq_id 
_struct_sheet_range.pdbx_beg_PDB_ins_code 
_struct_sheet_range.end_label_comp_id 
_struct_sheet_range.end_label_asym_id 
_struct_sheet_range.end_label_seq_id 
_struct_sheet_range.pdbx_end_PDB_ins_code 
_struct_sheet_range.beg_auth_comp_id 
_struct_sheet_range.beg_auth_asym_id 
_struct_sheet_range.beg_auth_seq_id 
_struct_sheet_range.end_auth_comp_id 
_struct_sheet_range.end_auth_asym_id 
_struct_sheet_range.end_auth_seq_id 
AA1 1 LYS A 66  ? GLY A 68  ? LYS A 63  GLY A 65  
AA1 2 ARG A 35  ? LEU A 43  ? ARG A 32  LEU A 40  
AA1 3 THR A 133 ? LEU A 145 ? THR A 130 LEU A 142 
AA1 4 CYS A 90  ? ASP A 103 ? CYS A 87  ASP A 100 
AA2 1 TRP A 62  ? ILE A 63  ? TRP A 59  ILE A 60  
AA2 2 GLN A 49  ? THR A 54  ? GLN A 46  THR A 51  
AA2 3 ARG A 157 ? SER A 161 ? ARG A 154 SER A 158 
AA3 1 PHE A 117 ? ASN A 119 ? PHE A 114 ASN A 116 
AA3 2 SER A 124 ? VAL A 126 ? SER A 121 VAL A 123 
# 
loop_
_pdbx_struct_sheet_hbond.sheet_id 
_pdbx_struct_sheet_hbond.range_id_1 
_pdbx_struct_sheet_hbond.range_id_2 
_pdbx_struct_sheet_hbond.range_1_label_atom_id 
_pdbx_struct_sheet_hbond.range_1_label_comp_id 
_pdbx_struct_sheet_hbond.range_1_label_asym_id 
_pdbx_struct_sheet_hbond.range_1_label_seq_id 
_pdbx_struct_sheet_hbond.range_1_PDB_ins_code 
_pdbx_struct_sheet_hbond.range_1_auth_atom_id 
_pdbx_struct_sheet_hbond.range_1_auth_comp_id 
_pdbx_struct_sheet_hbond.range_1_auth_asym_id 
_pdbx_struct_sheet_hbond.range_1_auth_seq_id 
_pdbx_struct_sheet_hbond.range_2_label_atom_id 
_pdbx_struct_sheet_hbond.range_2_label_comp_id 
_pdbx_struct_sheet_hbond.range_2_label_asym_id 
_pdbx_struct_sheet_hbond.range_2_label_seq_id 
_pdbx_struct_sheet_hbond.range_2_PDB_ins_code 
_pdbx_struct_sheet_hbond.range_2_auth_atom_id 
_pdbx_struct_sheet_hbond.range_2_auth_comp_id 
_pdbx_struct_sheet_hbond.range_2_auth_asym_id 
_pdbx_struct_sheet_hbond.range_2_auth_seq_id 
AA1 1 2 O GLY A 67  ? O GLY A 64  N ALA A 38  ? N ALA A 35  
AA1 2 3 N LEU A 43  ? N LEU A 40  O ILE A 142 ? O ILE A 139 
AA1 3 4 O PHE A 135 ? O PHE A 132 N VAL A 101 ? N VAL A 98  
AA2 1 2 O ILE A 63  ? O ILE A 60  N ILE A 53  ? N ILE A 50  
AA2 2 3 N MET A 52  ? N MET A 49  O LYS A 158 ? O LYS A 155 
AA3 1 2 N GLU A 118 ? N GLU A 115 O GLU A 125 ? O GLU A 122 
# 
loop_
_pdbx_validate_torsion.id 
_pdbx_validate_torsion.PDB_model_num 
_pdbx_validate_torsion.auth_comp_id 
_pdbx_validate_torsion.auth_asym_id 
_pdbx_validate_torsion.auth_seq_id 
_pdbx_validate_torsion.PDB_ins_code 
_pdbx_validate_torsion.label_alt_id 
_pdbx_validate_torsion.phi 
_pdbx_validate_torsion.psi 
1 1 GLN A 113 ? ? -133.78 -40.40 
2 1 ARG A 118 ? ? 71.92   -57.30 
# 
loop_
_pdbx_struct_special_symmetry.id 
_pdbx_struct_special_symmetry.PDB_model_num 
_pdbx_struct_special_symmetry.auth_asym_id 
_pdbx_struct_special_symmetry.auth_comp_id 
_pdbx_struct_special_symmetry.auth_seq_id 
_pdbx_struct_special_symmetry.PDB_ins_code 
_pdbx_struct_special_symmetry.label_asym_id 
_pdbx_struct_special_symmetry.label_comp_id 
_pdbx_struct_special_symmetry.label_seq_id 
1 1 A HOH 315 ? D HOH . 
2 1 A HOH 367 ? D HOH . 
3 1 A HOH 377 ? D HOH . 
# 
_pdbx_entry_details.entry_id                 7AUS 
_pdbx_entry_details.has_ligand_of_interest   Y 
_pdbx_entry_details.compound_details         ? 
_pdbx_entry_details.source_details           ? 
_pdbx_entry_details.nonpolymer_details       ? 
_pdbx_entry_details.sequence_details         ? 
# 
loop_
_pdbx_unobs_or_zero_occ_residues.id 
_pdbx_unobs_or_zero_occ_residues.PDB_model_num 
_pdbx_unobs_or_zero_occ_residues.polymer_flag 
_pdbx_unobs_or_zero_occ_residues.occupancy_flag 
_pdbx_unobs_or_zero_occ_residues.auth_asym_id 
_pdbx_unobs_or_zero_occ_residues.auth_comp_id 
_pdbx_unobs_or_zero_occ_residues.auth_seq_id 
_pdbx_unobs_or_zero_occ_residues.PDB_ins_code 
_pdbx_unobs_or_zero_occ_residues.label_asym_id 
_pdbx_unobs_or_zero_occ_residues.label_comp_id 
_pdbx_unobs_or_zero_occ_residues.label_seq_id 
1  1 Y 1 A GLY -2  ? A GLY 1   
2  1 Y 1 A GLY -1  ? A GLY 2   
3  1 Y 1 A SER 0   ? A SER 3   
4  1 Y 1 A MET 1   ? A MET 4   
5  1 Y 1 A GLY 2   ? A GLY 5   
6  1 Y 1 A LYS 3   ? A LYS 6   
7  1 Y 1 A THR 4   ? A THR 7   
8  1 Y 1 A ALA 5   ? A ALA 8   
9  1 Y 1 A ASP 6   ? A ASP 9   
10 1 Y 1 A ASN 7   ? A ASN 10  
11 1 Y 1 A HIS 8   ? A HIS 11  
12 1 Y 1 A GLY 9   ? A GLY 12  
13 1 Y 1 A PRO 10  ? A PRO 13  
14 1 Y 1 A VAL 11  ? A VAL 14  
15 1 Y 1 A ARG 12  ? A ARG 15  
16 1 Y 1 A SER 13  ? A SER 16  
17 1 Y 1 A GLU 14  ? A GLU 17  
18 1 Y 1 A THR 15  ? A THR 18  
19 1 Y 1 A ALA 16  ? A ALA 19  
20 1 Y 1 A ARG 17  ? A ARG 20  
21 1 Y 1 A GLU 18  ? A GLU 21  
22 1 Y 1 A GLY 19  ? A GLY 22  
23 1 Y 1 A ARG 20  ? A ARG 23  
24 1 Y 1 A LYS 188 ? A LYS 191 
# 
loop_
_chem_comp_atom.comp_id 
_chem_comp_atom.atom_id 
_chem_comp_atom.type_symbol 
_chem_comp_atom.pdbx_aromatic_flag 
_chem_comp_atom.pdbx_stereo_config 
_chem_comp_atom.pdbx_ordinal 
ALA N    N  N N 1   
ALA CA   C  N S 2   
ALA C    C  N N 3   
ALA O    O  N N 4   
ALA CB   C  N N 5   
ALA OXT  O  N N 6   
ALA H    H  N N 7   
ALA H2   H  N N 8   
ALA HA   H  N N 9   
ALA HB1  H  N N 10  
ALA HB2  H  N N 11  
ALA HB3  H  N N 12  
ALA HXT  H  N N 13  
ARG N    N  N N 14  
ARG CA   C  N S 15  
ARG C    C  N N 16  
ARG O    O  N N 17  
ARG CB   C  N N 18  
ARG CG   C  N N 19  
ARG CD   C  N N 20  
ARG NE   N  N N 21  
ARG CZ   C  N N 22  
ARG NH1  N  N N 23  
ARG NH2  N  N N 24  
ARG OXT  O  N N 25  
ARG H    H  N N 26  
ARG H2   H  N N 27  
ARG HA   H  N N 28  
ARG HB2  H  N N 29  
ARG HB3  H  N N 30  
ARG HG2  H  N N 31  
ARG HG3  H  N N 32  
ARG HD2  H  N N 33  
ARG HD3  H  N N 34  
ARG HE   H  N N 35  
ARG HH11 H  N N 36  
ARG HH12 H  N N 37  
ARG HH21 H  N N 38  
ARG HH22 H  N N 39  
ARG HXT  H  N N 40  
ASN N    N  N N 41  
ASN CA   C  N S 42  
ASN C    C  N N 43  
ASN O    O  N N 44  
ASN CB   C  N N 45  
ASN CG   C  N N 46  
ASN OD1  O  N N 47  
ASN ND2  N  N N 48  
ASN OXT  O  N N 49  
ASN H    H  N N 50  
ASN H2   H  N N 51  
ASN HA   H  N N 52  
ASN HB2  H  N N 53  
ASN HB3  H  N N 54  
ASN HD21 H  N N 55  
ASN HD22 H  N N 56  
ASN HXT  H  N N 57  
ASP N    N  N N 58  
ASP CA   C  N S 59  
ASP C    C  N N 60  
ASP O    O  N N 61  
ASP CB   C  N N 62  
ASP CG   C  N N 63  
ASP OD1  O  N N 64  
ASP OD2  O  N N 65  
ASP OXT  O  N N 66  
ASP H    H  N N 67  
ASP H2   H  N N 68  
ASP HA   H  N N 69  
ASP HB2  H  N N 70  
ASP HB3  H  N N 71  
ASP HD2  H  N N 72  
ASP HXT  H  N N 73  
CYS N    N  N N 74  
CYS CA   C  N R 75  
CYS C    C  N N 76  
CYS O    O  N N 77  
CYS CB   C  N N 78  
CYS SG   S  N N 79  
CYS OXT  O  N N 80  
CYS H    H  N N 81  
CYS H2   H  N N 82  
CYS HA   H  N N 83  
CYS HB2  H  N N 84  
CYS HB3  H  N N 85  
CYS HG   H  N N 86  
CYS HXT  H  N N 87  
GLN N    N  N N 88  
GLN CA   C  N S 89  
GLN C    C  N N 90  
GLN O    O  N N 91  
GLN CB   C  N N 92  
GLN CG   C  N N 93  
GLN CD   C  N N 94  
GLN OE1  O  N N 95  
GLN NE2  N  N N 96  
GLN OXT  O  N N 97  
GLN H    H  N N 98  
GLN H2   H  N N 99  
GLN HA   H  N N 100 
GLN HB2  H  N N 101 
GLN HB3  H  N N 102 
GLN HG2  H  N N 103 
GLN HG3  H  N N 104 
GLN HE21 H  N N 105 
GLN HE22 H  N N 106 
GLN HXT  H  N N 107 
GLU N    N  N N 108 
GLU CA   C  N S 109 
GLU C    C  N N 110 
GLU O    O  N N 111 
GLU CB   C  N N 112 
GLU CG   C  N N 113 
GLU CD   C  N N 114 
GLU OE1  O  N N 115 
GLU OE2  O  N N 116 
GLU OXT  O  N N 117 
GLU H    H  N N 118 
GLU H2   H  N N 119 
GLU HA   H  N N 120 
GLU HB2  H  N N 121 
GLU HB3  H  N N 122 
GLU HG2  H  N N 123 
GLU HG3  H  N N 124 
GLU HE2  H  N N 125 
GLU HXT  H  N N 126 
GLY N    N  N N 127 
GLY CA   C  N N 128 
GLY C    C  N N 129 
GLY O    O  N N 130 
GLY OXT  O  N N 131 
GLY H    H  N N 132 
GLY H2   H  N N 133 
GLY HA2  H  N N 134 
GLY HA3  H  N N 135 
GLY HXT  H  N N 136 
HIS N    N  N N 137 
HIS CA   C  N S 138 
HIS C    C  N N 139 
HIS O    O  N N 140 
HIS CB   C  N N 141 
HIS CG   C  Y N 142 
HIS ND1  N  Y N 143 
HIS CD2  C  Y N 144 
HIS CE1  C  Y N 145 
HIS NE2  N  Y N 146 
HIS OXT  O  N N 147 
HIS H    H  N N 148 
HIS H2   H  N N 149 
HIS HA   H  N N 150 
HIS HB2  H  N N 151 
HIS HB3  H  N N 152 
HIS HD1  H  N N 153 
HIS HD2  H  N N 154 
HIS HE1  H  N N 155 
HIS HE2  H  N N 156 
HIS HXT  H  N N 157 
HOH O    O  N N 158 
HOH H1   H  N N 159 
HOH H2   H  N N 160 
ILE N    N  N N 161 
ILE CA   C  N S 162 
ILE C    C  N N 163 
ILE O    O  N N 164 
ILE CB   C  N S 165 
ILE CG1  C  N N 166 
ILE CG2  C  N N 167 
ILE CD1  C  N N 168 
ILE OXT  O  N N 169 
ILE H    H  N N 170 
ILE H2   H  N N 171 
ILE HA   H  N N 172 
ILE HB   H  N N 173 
ILE HG12 H  N N 174 
ILE HG13 H  N N 175 
ILE HG21 H  N N 176 
ILE HG22 H  N N 177 
ILE HG23 H  N N 178 
ILE HD11 H  N N 179 
ILE HD12 H  N N 180 
ILE HD13 H  N N 181 
ILE HXT  H  N N 182 
LEU N    N  N N 183 
LEU CA   C  N S 184 
LEU C    C  N N 185 
LEU O    O  N N 186 
LEU CB   C  N N 187 
LEU CG   C  N N 188 
LEU CD1  C  N N 189 
LEU CD2  C  N N 190 
LEU OXT  O  N N 191 
LEU H    H  N N 192 
LEU H2   H  N N 193 
LEU HA   H  N N 194 
LEU HB2  H  N N 195 
LEU HB3  H  N N 196 
LEU HG   H  N N 197 
LEU HD11 H  N N 198 
LEU HD12 H  N N 199 
LEU HD13 H  N N 200 
LEU HD21 H  N N 201 
LEU HD22 H  N N 202 
LEU HD23 H  N N 203 
LEU HXT  H  N N 204 
LYS N    N  N N 205 
LYS CA   C  N S 206 
LYS C    C  N N 207 
LYS O    O  N N 208 
LYS CB   C  N N 209 
LYS CG   C  N N 210 
LYS CD   C  N N 211 
LYS CE   C  N N 212 
LYS NZ   N  N N 213 
LYS OXT  O  N N 214 
LYS H    H  N N 215 
LYS H2   H  N N 216 
LYS HA   H  N N 217 
LYS HB2  H  N N 218 
LYS HB3  H  N N 219 
LYS HG2  H  N N 220 
LYS HG3  H  N N 221 
LYS HD2  H  N N 222 
LYS HD3  H  N N 223 
LYS HE2  H  N N 224 
LYS HE3  H  N N 225 
LYS HZ1  H  N N 226 
LYS HZ2  H  N N 227 
LYS HZ3  H  N N 228 
LYS HXT  H  N N 229 
MET N    N  N N 230 
MET CA   C  N S 231 
MET C    C  N N 232 
MET O    O  N N 233 
MET CB   C  N N 234 
MET CG   C  N N 235 
MET SD   S  N N 236 
MET CE   C  N N 237 
MET OXT  O  N N 238 
MET H    H  N N 239 
MET H2   H  N N 240 
MET HA   H  N N 241 
MET HB2  H  N N 242 
MET HB3  H  N N 243 
MET HG2  H  N N 244 
MET HG3  H  N N 245 
MET HE1  H  N N 246 
MET HE2  H  N N 247 
MET HE3  H  N N 248 
MET HXT  H  N N 249 
MG  MG   MG N N 250 
PHE N    N  N N 251 
PHE CA   C  N S 252 
PHE C    C  N N 253 
PHE O    O  N N 254 
PHE CB   C  N N 255 
PHE CG   C  Y N 256 
PHE CD1  C  Y N 257 
PHE CD2  C  Y N 258 
PHE CE1  C  Y N 259 
PHE CE2  C  Y N 260 
PHE CZ   C  Y N 261 
PHE OXT  O  N N 262 
PHE H    H  N N 263 
PHE H2   H  N N 264 
PHE HA   H  N N 265 
PHE HB2  H  N N 266 
PHE HB3  H  N N 267 
PHE HD1  H  N N 268 
PHE HD2  H  N N 269 
PHE HE1  H  N N 270 
PHE HE2  H  N N 271 
PHE HZ   H  N N 272 
PHE HXT  H  N N 273 
PRO N    N  N N 274 
PRO CA   C  N S 275 
PRO C    C  N N 276 
PRO O    O  N N 277 
PRO CB   C  N N 278 
PRO CG   C  N N 279 
PRO CD   C  N N 280 
PRO OXT  O  N N 281 
PRO H    H  N N 282 
PRO HA   H  N N 283 
PRO HB2  H  N N 284 
PRO HB3  H  N N 285 
PRO HG2  H  N N 286 
PRO HG3  H  N N 287 
PRO HD2  H  N N 288 
PRO HD3  H  N N 289 
PRO HXT  H  N N 290 
RYT O22  O  N N 291 
RYT P02  P  N N 292 
RYT O32  O  N N 293 
RYT O12  O  N N 294 
RYT O13  O  N N 295 
RYT P03  P  N N 296 
RYT O33  O  N N 297 
RYT O23  O  N N 298 
RYT O14  O  N N 299 
RYT P04  P  N N 300 
RYT O34  O  N N 301 
RYT O24  O  N N 302 
RYT O15  O  N N 303 
RYT P05  P  N N 304 
RYT O35  O  N N 305 
RYT O25  O  N N 306 
RYT O16  O  N N 307 
RYT P06  P  N N 308 
RYT O36  O  N N 309 
RYT O26  O  N N 310 
RYT O17  O  N N 311 
RYT P07  P  N N 312 
RYT O37  O  N N 313 
RYT O27  O  N N 314 
RYT O18  O  N N 315 
RYT P08  P  N N 316 
RYT O38  O  N N 317 
RYT O28  O  N N 318 
RYT O19  O  N N 319 
RYT P09  P  N N 320 
RYT O39  O  N N 321 
RYT O29  O  N N 322 
RYT O40  O  N N 323 
RYT P10  P  N N 324 
RYT O60  O  N N 325 
RYT O50  O  N N 326 
RYT O41  O  N N 327 
RYT P11  P  N N 328 
RYT O61  O  N N 329 
RYT O51  O  N N 330 
RYT O42  O  N N 331 
RYT P12  P  N N 332 
RYT O62  O  N N 333 
RYT O52  O  N N 334 
RYT O43  O  N N 335 
RYT P13  P  N N 336 
RYT O63  O  N N 337 
RYT O53  O  N N 338 
RYT O44  O  N N 339 
RYT P14  P  N N 340 
RYT O64  O  N N 341 
RYT O54  O  N N 342 
RYT O45  O  N N 343 
RYT P15  P  N N 344 
RYT O65  O  N N 345 
RYT O55  O  N N 346 
RYT O75  O  N N 347 
RYT P01  P  N N 348 
RYT O21  O  N N 349 
RYT O11  O  N N 350 
RYT O31  O  N N 351 
RYT H1   H  N N 352 
RYT H2   H  N N 353 
RYT H3   H  N N 354 
RYT H4   H  N N 355 
RYT H5   H  N N 356 
RYT H6   H  N N 357 
RYT H7   H  N N 358 
RYT H8   H  N N 359 
RYT H9   H  N N 360 
RYT H10  H  N N 361 
RYT H11  H  N N 362 
RYT H12  H  N N 363 
RYT H13  H  N N 364 
RYT H14  H  N N 365 
RYT H15  H  N N 366 
RYT H16  H  N N 367 
RYT H17  H  N N 368 
SER N    N  N N 369 
SER CA   C  N S 370 
SER C    C  N N 371 
SER O    O  N N 372 
SER CB   C  N N 373 
SER OG   O  N N 374 
SER OXT  O  N N 375 
SER H    H  N N 376 
SER H2   H  N N 377 
SER HA   H  N N 378 
SER HB2  H  N N 379 
SER HB3  H  N N 380 
SER HG   H  N N 381 
SER HXT  H  N N 382 
THR N    N  N N 383 
THR CA   C  N S 384 
THR C    C  N N 385 
THR O    O  N N 386 
THR CB   C  N R 387 
THR OG1  O  N N 388 
THR CG2  C  N N 389 
THR OXT  O  N N 390 
THR H    H  N N 391 
THR H2   H  N N 392 
THR HA   H  N N 393 
THR HB   H  N N 394 
THR HG1  H  N N 395 
THR HG21 H  N N 396 
THR HG22 H  N N 397 
THR HG23 H  N N 398 
THR HXT  H  N N 399 
TRP N    N  N N 400 
TRP CA   C  N S 401 
TRP C    C  N N 402 
TRP O    O  N N 403 
TRP CB   C  N N 404 
TRP CG   C  Y N 405 
TRP CD1  C  Y N 406 
TRP CD2  C  Y N 407 
TRP NE1  N  Y N 408 
TRP CE2  C  Y N 409 
TRP CE3  C  Y N 410 
TRP CZ2  C  Y N 411 
TRP CZ3  C  Y N 412 
TRP CH2  C  Y N 413 
TRP OXT  O  N N 414 
TRP H    H  N N 415 
TRP H2   H  N N 416 
TRP HA   H  N N 417 
TRP HB2  H  N N 418 
TRP HB3  H  N N 419 
TRP HD1  H  N N 420 
TRP HE1  H  N N 421 
TRP HE3  H  N N 422 
TRP HZ2  H  N N 423 
TRP HZ3  H  N N 424 
TRP HH2  H  N N 425 
TRP HXT  H  N N 426 
TYR N    N  N N 427 
TYR CA   C  N S 428 
TYR C    C  N N 429 
TYR O    O  N N 430 
TYR CB   C  N N 431 
TYR CG   C  Y N 432 
TYR CD1  C  Y N 433 
TYR CD2  C  Y N 434 
TYR CE1  C  Y N 435 
TYR CE2  C  Y N 436 
TYR CZ   C  Y N 437 
TYR OH   O  N N 438 
TYR OXT  O  N N 439 
TYR H    H  N N 440 
TYR H2   H  N N 441 
TYR HA   H  N N 442 
TYR HB2  H  N N 443 
TYR HB3  H  N N 444 
TYR HD1  H  N N 445 
TYR HD2  H  N N 446 
TYR HE1  H  N N 447 
TYR HE2  H  N N 448 
TYR HH   H  N N 449 
TYR HXT  H  N N 450 
VAL N    N  N N 451 
VAL CA   C  N S 452 
VAL C    C  N N 453 
VAL O    O  N N 454 
VAL CB   C  N N 455 
VAL CG1  C  N N 456 
VAL CG2  C  N N 457 
VAL OXT  O  N N 458 
VAL H    H  N N 459 
VAL H2   H  N N 460 
VAL HA   H  N N 461 
VAL HB   H  N N 462 
VAL HG11 H  N N 463 
VAL HG12 H  N N 464 
VAL HG13 H  N N 465 
VAL HG21 H  N N 466 
VAL HG22 H  N N 467 
VAL HG23 H  N N 468 
VAL HXT  H  N N 469 
# 
loop_
_chem_comp_bond.comp_id 
_chem_comp_bond.atom_id_1 
_chem_comp_bond.atom_id_2 
_chem_comp_bond.value_order 
_chem_comp_bond.pdbx_aromatic_flag 
_chem_comp_bond.pdbx_stereo_config 
_chem_comp_bond.pdbx_ordinal 
ALA N   CA   sing N N 1   
ALA N   H    sing N N 2   
ALA N   H2   sing N N 3   
ALA CA  C    sing N N 4   
ALA CA  CB   sing N N 5   
ALA CA  HA   sing N N 6   
ALA C   O    doub N N 7   
ALA C   OXT  sing N N 8   
ALA CB  HB1  sing N N 9   
ALA CB  HB2  sing N N 10  
ALA CB  HB3  sing N N 11  
ALA OXT HXT  sing N N 12  
ARG N   CA   sing N N 13  
ARG N   H    sing N N 14  
ARG N   H2   sing N N 15  
ARG CA  C    sing N N 16  
ARG CA  CB   sing N N 17  
ARG CA  HA   sing N N 18  
ARG C   O    doub N N 19  
ARG C   OXT  sing N N 20  
ARG CB  CG   sing N N 21  
ARG CB  HB2  sing N N 22  
ARG CB  HB3  sing N N 23  
ARG CG  CD   sing N N 24  
ARG CG  HG2  sing N N 25  
ARG CG  HG3  sing N N 26  
ARG CD  NE   sing N N 27  
ARG CD  HD2  sing N N 28  
ARG CD  HD3  sing N N 29  
ARG NE  CZ   sing N N 30  
ARG NE  HE   sing N N 31  
ARG CZ  NH1  sing N N 32  
ARG CZ  NH2  doub N N 33  
ARG NH1 HH11 sing N N 34  
ARG NH1 HH12 sing N N 35  
ARG NH2 HH21 sing N N 36  
ARG NH2 HH22 sing N N 37  
ARG OXT HXT  sing N N 38  
ASN N   CA   sing N N 39  
ASN N   H    sing N N 40  
ASN N   H2   sing N N 41  
ASN CA  C    sing N N 42  
ASN CA  CB   sing N N 43  
ASN CA  HA   sing N N 44  
ASN C   O    doub N N 45  
ASN C   OXT  sing N N 46  
ASN CB  CG   sing N N 47  
ASN CB  HB2  sing N N 48  
ASN CB  HB3  sing N N 49  
ASN CG  OD1  doub N N 50  
ASN CG  ND2  sing N N 51  
ASN ND2 HD21 sing N N 52  
ASN ND2 HD22 sing N N 53  
ASN OXT HXT  sing N N 54  
ASP N   CA   sing N N 55  
ASP N   H    sing N N 56  
ASP N   H2   sing N N 57  
ASP CA  C    sing N N 58  
ASP CA  CB   sing N N 59  
ASP CA  HA   sing N N 60  
ASP C   O    doub N N 61  
ASP C   OXT  sing N N 62  
ASP CB  CG   sing N N 63  
ASP CB  HB2  sing N N 64  
ASP CB  HB3  sing N N 65  
ASP CG  OD1  doub N N 66  
ASP CG  OD2  sing N N 67  
ASP OD2 HD2  sing N N 68  
ASP OXT HXT  sing N N 69  
CYS N   CA   sing N N 70  
CYS N   H    sing N N 71  
CYS N   H2   sing N N 72  
CYS CA  C    sing N N 73  
CYS CA  CB   sing N N 74  
CYS CA  HA   sing N N 75  
CYS C   O    doub N N 76  
CYS C   OXT  sing N N 77  
CYS CB  SG   sing N N 78  
CYS CB  HB2  sing N N 79  
CYS CB  HB3  sing N N 80  
CYS SG  HG   sing N N 81  
CYS OXT HXT  sing N N 82  
GLN N   CA   sing N N 83  
GLN N   H    sing N N 84  
GLN N   H2   sing N N 85  
GLN CA  C    sing N N 86  
GLN CA  CB   sing N N 87  
GLN CA  HA   sing N N 88  
GLN C   O    doub N N 89  
GLN C   OXT  sing N N 90  
GLN CB  CG   sing N N 91  
GLN CB  HB2  sing N N 92  
GLN CB  HB3  sing N N 93  
GLN CG  CD   sing N N 94  
GLN CG  HG2  sing N N 95  
GLN CG  HG3  sing N N 96  
GLN CD  OE1  doub N N 97  
GLN CD  NE2  sing N N 98  
GLN NE2 HE21 sing N N 99  
GLN NE2 HE22 sing N N 100 
GLN OXT HXT  sing N N 101 
GLU N   CA   sing N N 102 
GLU N   H    sing N N 103 
GLU N   H2   sing N N 104 
GLU CA  C    sing N N 105 
GLU CA  CB   sing N N 106 
GLU CA  HA   sing N N 107 
GLU C   O    doub N N 108 
GLU C   OXT  sing N N 109 
GLU CB  CG   sing N N 110 
GLU CB  HB2  sing N N 111 
GLU CB  HB3  sing N N 112 
GLU CG  CD   sing N N 113 
GLU CG  HG2  sing N N 114 
GLU CG  HG3  sing N N 115 
GLU CD  OE1  doub N N 116 
GLU CD  OE2  sing N N 117 
GLU OE2 HE2  sing N N 118 
GLU OXT HXT  sing N N 119 
GLY N   CA   sing N N 120 
GLY N   H    sing N N 121 
GLY N   H2   sing N N 122 
GLY CA  C    sing N N 123 
GLY CA  HA2  sing N N 124 
GLY CA  HA3  sing N N 125 
GLY C   O    doub N N 126 
GLY C   OXT  sing N N 127 
GLY OXT HXT  sing N N 128 
HIS N   CA   sing N N 129 
HIS N   H    sing N N 130 
HIS N   H2   sing N N 131 
HIS CA  C    sing N N 132 
HIS CA  CB   sing N N 133 
HIS CA  HA   sing N N 134 
HIS C   O    doub N N 135 
HIS C   OXT  sing N N 136 
HIS CB  CG   sing N N 137 
HIS CB  HB2  sing N N 138 
HIS CB  HB3  sing N N 139 
HIS CG  ND1  sing Y N 140 
HIS CG  CD2  doub Y N 141 
HIS ND1 CE1  doub Y N 142 
HIS ND1 HD1  sing N N 143 
HIS CD2 NE2  sing Y N 144 
HIS CD2 HD2  sing N N 145 
HIS CE1 NE2  sing Y N 146 
HIS CE1 HE1  sing N N 147 
HIS NE2 HE2  sing N N 148 
HIS OXT HXT  sing N N 149 
HOH O   H1   sing N N 150 
HOH O   H2   sing N N 151 
ILE N   CA   sing N N 152 
ILE N   H    sing N N 153 
ILE N   H2   sing N N 154 
ILE CA  C    sing N N 155 
ILE CA  CB   sing N N 156 
ILE CA  HA   sing N N 157 
ILE C   O    doub N N 158 
ILE C   OXT  sing N N 159 
ILE CB  CG1  sing N N 160 
ILE CB  CG2  sing N N 161 
ILE CB  HB   sing N N 162 
ILE CG1 CD1  sing N N 163 
ILE CG1 HG12 sing N N 164 
ILE CG1 HG13 sing N N 165 
ILE CG2 HG21 sing N N 166 
ILE CG2 HG22 sing N N 167 
ILE CG2 HG23 sing N N 168 
ILE CD1 HD11 sing N N 169 
ILE CD1 HD12 sing N N 170 
ILE CD1 HD13 sing N N 171 
ILE OXT HXT  sing N N 172 
LEU N   CA   sing N N 173 
LEU N   H    sing N N 174 
LEU N   H2   sing N N 175 
LEU CA  C    sing N N 176 
LEU CA  CB   sing N N 177 
LEU CA  HA   sing N N 178 
LEU C   O    doub N N 179 
LEU C   OXT  sing N N 180 
LEU CB  CG   sing N N 181 
LEU CB  HB2  sing N N 182 
LEU CB  HB3  sing N N 183 
LEU CG  CD1  sing N N 184 
LEU CG  CD2  sing N N 185 
LEU CG  HG   sing N N 186 
LEU CD1 HD11 sing N N 187 
LEU CD1 HD12 sing N N 188 
LEU CD1 HD13 sing N N 189 
LEU CD2 HD21 sing N N 190 
LEU CD2 HD22 sing N N 191 
LEU CD2 HD23 sing N N 192 
LEU OXT HXT  sing N N 193 
LYS N   CA   sing N N 194 
LYS N   H    sing N N 195 
LYS N   H2   sing N N 196 
LYS CA  C    sing N N 197 
LYS CA  CB   sing N N 198 
LYS CA  HA   sing N N 199 
LYS C   O    doub N N 200 
LYS C   OXT  sing N N 201 
LYS CB  CG   sing N N 202 
LYS CB  HB2  sing N N 203 
LYS CB  HB3  sing N N 204 
LYS CG  CD   sing N N 205 
LYS CG  HG2  sing N N 206 
LYS CG  HG3  sing N N 207 
LYS CD  CE   sing N N 208 
LYS CD  HD2  sing N N 209 
LYS CD  HD3  sing N N 210 
LYS CE  NZ   sing N N 211 
LYS CE  HE2  sing N N 212 
LYS CE  HE3  sing N N 213 
LYS NZ  HZ1  sing N N 214 
LYS NZ  HZ2  sing N N 215 
LYS NZ  HZ3  sing N N 216 
LYS OXT HXT  sing N N 217 
MET N   CA   sing N N 218 
MET N   H    sing N N 219 
MET N   H2   sing N N 220 
MET CA  C    sing N N 221 
MET CA  CB   sing N N 222 
MET CA  HA   sing N N 223 
MET C   O    doub N N 224 
MET C   OXT  sing N N 225 
MET CB  CG   sing N N 226 
MET CB  HB2  sing N N 227 
MET CB  HB3  sing N N 228 
MET CG  SD   sing N N 229 
MET CG  HG2  sing N N 230 
MET CG  HG3  sing N N 231 
MET SD  CE   sing N N 232 
MET CE  HE1  sing N N 233 
MET CE  HE2  sing N N 234 
MET CE  HE3  sing N N 235 
MET OXT HXT  sing N N 236 
PHE N   CA   sing N N 237 
PHE N   H    sing N N 238 
PHE N   H2   sing N N 239 
PHE CA  C    sing N N 240 
PHE CA  CB   sing N N 241 
PHE CA  HA   sing N N 242 
PHE C   O    doub N N 243 
PHE C   OXT  sing N N 244 
PHE CB  CG   sing N N 245 
PHE CB  HB2  sing N N 246 
PHE CB  HB3  sing N N 247 
PHE CG  CD1  doub Y N 248 
PHE CG  CD2  sing Y N 249 
PHE CD1 CE1  sing Y N 250 
PHE CD1 HD1  sing N N 251 
PHE CD2 CE2  doub Y N 252 
PHE CD2 HD2  sing N N 253 
PHE CE1 CZ   doub Y N 254 
PHE CE1 HE1  sing N N 255 
PHE CE2 CZ   sing Y N 256 
PHE CE2 HE2  sing N N 257 
PHE CZ  HZ   sing N N 258 
PHE OXT HXT  sing N N 259 
PRO N   CA   sing N N 260 
PRO N   CD   sing N N 261 
PRO N   H    sing N N 262 
PRO CA  C    sing N N 263 
PRO CA  CB   sing N N 264 
PRO CA  HA   sing N N 265 
PRO C   O    doub N N 266 
PRO C   OXT  sing N N 267 
PRO CB  CG   sing N N 268 
PRO CB  HB2  sing N N 269 
PRO CB  HB3  sing N N 270 
PRO CG  CD   sing N N 271 
PRO CG  HG2  sing N N 272 
PRO CG  HG3  sing N N 273 
PRO CD  HD2  sing N N 274 
PRO CD  HD3  sing N N 275 
PRO OXT HXT  sing N N 276 
RYT O54 P14  doub N N 277 
RYT O63 P13  doub N N 278 
RYT O44 P14  sing N N 279 
RYT O44 P13  sing N N 280 
RYT O53 P13  sing N N 281 
RYT P14 O64  sing N N 282 
RYT P14 O45  sing N N 283 
RYT P13 O43  sing N N 284 
RYT O39 P09  doub N N 285 
RYT O65 P15  doub N N 286 
RYT O50 P10  doub N N 287 
RYT O45 P15  sing N N 288 
RYT O75 P15  sing N N 289 
RYT O29 P09  sing N N 290 
RYT P15 O55  sing N N 291 
RYT O43 P12  sing N N 292 
RYT P09 O40  sing N N 293 
RYT P09 O19  sing N N 294 
RYT P10 O41  sing N N 295 
RYT P10 O40  sing N N 296 
RYT P10 O60  sing N N 297 
RYT O38 P08  doub N N 298 
RYT O41 P11  sing N N 299 
RYT O28 P08  sing N N 300 
RYT O52 P12  doub N N 301 
RYT O19 P08  sing N N 302 
RYT P08 O18  sing N N 303 
RYT P12 O42  sing N N 304 
RYT P12 O62  sing N N 305 
RYT O42 P11  sing N N 306 
RYT O51 P11  doub N N 307 
RYT P11 O61  sing N N 308 
RYT O18 P07  sing N N 309 
RYT O37 P07  doub N N 310 
RYT O36 P06  doub N N 311 
RYT O17 P07  sing N N 312 
RYT O17 P06  sing N N 313 
RYT O16 P06  sing N N 314 
RYT O16 P05  sing N N 315 
RYT O35 P05  doub N N 316 
RYT P07 O27  sing N N 317 
RYT O25 P05  sing N N 318 
RYT P06 O26  sing N N 319 
RYT P05 O15  sing N N 320 
RYT O15 P04  sing N N 321 
RYT O24 P04  doub N N 322 
RYT P04 O34  sing N N 323 
RYT P04 O14  sing N N 324 
RYT O14 P03  sing N N 325 
RYT O33 P03  doub N N 326 
RYT O13 P03  sing N N 327 
RYT O13 P02  sing N N 328 
RYT P03 O23  sing N N 329 
RYT O22 P02  doub N N 330 
RYT O12 P02  sing N N 331 
RYT O12 P01  sing N N 332 
RYT P02 O32  sing N N 333 
RYT O11 P01  doub N N 334 
RYT P01 O31  sing N N 335 
RYT P01 O21  sing N N 336 
RYT O32 H1   sing N N 337 
RYT O23 H2   sing N N 338 
RYT O34 H3   sing N N 339 
RYT O25 H4   sing N N 340 
RYT O26 H5   sing N N 341 
RYT O27 H6   sing N N 342 
RYT O28 H7   sing N N 343 
RYT O29 H8   sing N N 344 
RYT O60 H9   sing N N 345 
RYT O61 H10  sing N N 346 
RYT O62 H11  sing N N 347 
RYT O53 H12  sing N N 348 
RYT O64 H13  sing N N 349 
RYT O55 H14  sing N N 350 
RYT O75 H15  sing N N 351 
RYT O21 H16  sing N N 352 
RYT O31 H17  sing N N 353 
SER N   CA   sing N N 354 
SER N   H    sing N N 355 
SER N   H2   sing N N 356 
SER CA  C    sing N N 357 
SER CA  CB   sing N N 358 
SER CA  HA   sing N N 359 
SER C   O    doub N N 360 
SER C   OXT  sing N N 361 
SER CB  OG   sing N N 362 
SER CB  HB2  sing N N 363 
SER CB  HB3  sing N N 364 
SER OG  HG   sing N N 365 
SER OXT HXT  sing N N 366 
THR N   CA   sing N N 367 
THR N   H    sing N N 368 
THR N   H2   sing N N 369 
THR CA  C    sing N N 370 
THR CA  CB   sing N N 371 
THR CA  HA   sing N N 372 
THR C   O    doub N N 373 
THR C   OXT  sing N N 374 
THR CB  OG1  sing N N 375 
THR CB  CG2  sing N N 376 
THR CB  HB   sing N N 377 
THR OG1 HG1  sing N N 378 
THR CG2 HG21 sing N N 379 
THR CG2 HG22 sing N N 380 
THR CG2 HG23 sing N N 381 
THR OXT HXT  sing N N 382 
TRP N   CA   sing N N 383 
TRP N   H    sing N N 384 
TRP N   H2   sing N N 385 
TRP CA  C    sing N N 386 
TRP CA  CB   sing N N 387 
TRP CA  HA   sing N N 388 
TRP C   O    doub N N 389 
TRP C   OXT  sing N N 390 
TRP CB  CG   sing N N 391 
TRP CB  HB2  sing N N 392 
TRP CB  HB3  sing N N 393 
TRP CG  CD1  doub Y N 394 
TRP CG  CD2  sing Y N 395 
TRP CD1 NE1  sing Y N 396 
TRP CD1 HD1  sing N N 397 
TRP CD2 CE2  doub Y N 398 
TRP CD2 CE3  sing Y N 399 
TRP NE1 CE2  sing Y N 400 
TRP NE1 HE1  sing N N 401 
TRP CE2 CZ2  sing Y N 402 
TRP CE3 CZ3  doub Y N 403 
TRP CE3 HE3  sing N N 404 
TRP CZ2 CH2  doub Y N 405 
TRP CZ2 HZ2  sing N N 406 
TRP CZ3 CH2  sing Y N 407 
TRP CZ3 HZ3  sing N N 408 
TRP CH2 HH2  sing N N 409 
TRP OXT HXT  sing N N 410 
TYR N   CA   sing N N 411 
TYR N   H    sing N N 412 
TYR N   H2   sing N N 413 
TYR CA  C    sing N N 414 
TYR CA  CB   sing N N 415 
TYR CA  HA   sing N N 416 
TYR C   O    doub N N 417 
TYR C   OXT  sing N N 418 
TYR CB  CG   sing N N 419 
TYR CB  HB2  sing N N 420 
TYR CB  HB3  sing N N 421 
TYR CG  CD1  doub Y N 422 
TYR CG  CD2  sing Y N 423 
TYR CD1 CE1  sing Y N 424 
TYR CD1 HD1  sing N N 425 
TYR CD2 CE2  doub Y N 426 
TYR CD2 HD2  sing N N 427 
TYR CE1 CZ   doub Y N 428 
TYR CE1 HE1  sing N N 429 
TYR CE2 CZ   sing Y N 430 
TYR CE2 HE2  sing N N 431 
TYR CZ  OH   sing N N 432 
TYR OH  HH   sing N N 433 
TYR OXT HXT  sing N N 434 
VAL N   CA   sing N N 435 
VAL N   H    sing N N 436 
VAL N   H2   sing N N 437 
VAL CA  C    sing N N 438 
VAL CA  CB   sing N N 439 
VAL CA  HA   sing N N 440 
VAL C   O    doub N N 441 
VAL C   OXT  sing N N 442 
VAL CB  CG1  sing N N 443 
VAL CB  CG2  sing N N 444 
VAL CB  HB   sing N N 445 
VAL CG1 HG11 sing N N 446 
VAL CG1 HG12 sing N N 447 
VAL CG1 HG13 sing N N 448 
VAL CG2 HG21 sing N N 449 
VAL CG2 HG22 sing N N 450 
VAL CG2 HG23 sing N N 451 
VAL OXT HXT  sing N N 452 
# 
_pdbx_audit_support.funding_organization   'Spanish Ministry of Economy and Competitiveness' 
_pdbx_audit_support.country                Spain 
_pdbx_audit_support.grant_number           BFU2017-89913-P 
_pdbx_audit_support.ordinal                1 
# 
loop_
_pdbx_entity_instance_feature.ordinal 
_pdbx_entity_instance_feature.comp_id 
_pdbx_entity_instance_feature.asym_id 
_pdbx_entity_instance_feature.seq_num 
_pdbx_entity_instance_feature.auth_comp_id 
_pdbx_entity_instance_feature.auth_asym_id 
_pdbx_entity_instance_feature.auth_seq_num 
_pdbx_entity_instance_feature.feature_type 
_pdbx_entity_instance_feature.details 
1 MG  ? ? MG  ? ? 'SUBJECT OF INVESTIGATION' ? 
2 RYT ? ? RYT ? ? 'SUBJECT OF INVESTIGATION' ? 
# 
_pdbx_initial_refinement_model.id               1 
_pdbx_initial_refinement_model.entity_id_list   ? 
_pdbx_initial_refinement_model.type             'experimental model' 
_pdbx_initial_refinement_model.source_name      PDB 
_pdbx_initial_refinement_model.accession_code   7AUI 
_pdbx_initial_refinement_model.details          ? 
# 
_atom_sites.entry_id                    7AUS 
_atom_sites.Cartn_transf_matrix[1][1]   ? 
_atom_sites.Cartn_transf_matrix[1][2]   ? 
_atom_sites.Cartn_transf_matrix[1][3]   ? 
_atom_sites.Cartn_transf_matrix[2][1]   ? 
_atom_sites.Cartn_transf_matrix[2][2]   ? 
_atom_sites.Cartn_transf_matrix[2][3]   ? 
_atom_sites.Cartn_transf_matrix[3][1]   ? 
_atom_sites.Cartn_transf_matrix[3][2]   ? 
_atom_sites.Cartn_transf_matrix[3][3]   ? 
_atom_sites.Cartn_transf_vector[1]      ? 
_atom_sites.Cartn_transf_vector[2]      ? 
_atom_sites.Cartn_transf_vector[3]      ? 
_atom_sites.fract_transf_matrix[1][1]   0.01364913 
_atom_sites.fract_transf_matrix[1][2]   0.00934224 
_atom_sites.fract_transf_matrix[1][3]   -0.00877480 
_atom_sites.fract_transf_matrix[2][1]   0.00486778 
_atom_sites.fract_transf_matrix[2][2]   -0.00473706 
_atom_sites.fract_transf_matrix[2][3]   -0.01744858 
_atom_sites.fract_transf_matrix[3][1]   -0.00703863 
_atom_sites.fract_transf_matrix[3][2]   0.00672445 
_atom_sites.fract_transf_matrix[3][3]   -0.00378923 
_atom_sites.fract_transf_vector[1]      0.032264 
_atom_sites.fract_transf_vector[2]      -0.407187 
_atom_sites.fract_transf_vector[3]      -0.029180 
_atom_sites.solution_primary            ? 
_atom_sites.solution_secondary          ? 
_atom_sites.solution_hydrogens          ? 
_atom_sites.special_details             ? 
# 
loop_
_atom_type.symbol 
C  
MG 
N  
O  
P  
S  
# 
loop_
_atom_site.group_PDB 
_atom_site.id 
_atom_site.type_symbol 
_atom_site.label_atom_id 
_atom_site.label_alt_id 
_atom_site.label_comp_id 
_atom_site.label_asym_id 
_atom_site.label_entity_id 
_atom_site.label_seq_id 
_atom_site.pdbx_PDB_ins_code 
_atom_site.Cartn_x 
_atom_site.Cartn_y 
_atom_site.Cartn_z 
_atom_site.occupancy 
_atom_site.B_iso_or_equiv 
_atom_site.pdbx_formal_charge 
_atom_site.auth_seq_id 
_atom_site.auth_comp_id 
_atom_site.auth_asym_id 
_atom_site.auth_atom_id 
_atom_site.pdbx_PDB_model_num 
ATOM   1    N  N   . GLU A 1 24  ? -3.412  -11.478 -16.943 1.00 84.09  ? 21  GLU A N   1 
ATOM   2    C  CA  . GLU A 1 24  ? -2.535  -12.700 -17.052 1.00 82.28  ? 21  GLU A CA  1 
ATOM   3    C  C   . GLU A 1 24  ? -1.048  -12.330 -16.926 1.00 79.12  ? 21  GLU A C   1 
ATOM   4    O  O   . GLU A 1 24  ? -0.210  -13.248 -17.023 1.00 78.27  ? 21  GLU A O   1 
ATOM   5    C  CB  . GLU A 1 24  ? -2.798  -13.431 -18.374 1.00 85.93  ? 21  GLU A CB  1 
ATOM   6    C  CG  . GLU A 1 24  ? -2.501  -14.922 -18.324 1.00 88.55  ? 21  GLU A CG  1 
ATOM   7    C  CD  . GLU A 1 24  ? -3.564  -15.770 -17.641 1.00 92.09  ? 21  GLU A CD  1 
ATOM   8    O  OE1 . GLU A 1 24  ? -4.739  -15.688 -18.053 1.00 92.85  ? 21  GLU A OE1 1 
ATOM   9    O  OE2 . GLU A 1 24  ? -3.215  -16.511 -16.700 1.00 93.22  ? 21  GLU A OE2 1 
ATOM   10   N  N   . ASN A 1 25  ? -0.721  -11.049 -16.712 1.00 73.32  ? 22  ASN A N   1 
ATOM   11   C  CA  . ASN A 1 25  ? 0.657   -10.574 -16.414 1.00 71.43  ? 22  ASN A CA  1 
ATOM   12   C  C   . ASN A 1 25  ? 0.947   -10.723 -14.915 1.00 66.30  ? 22  ASN A C   1 
ATOM   13   O  O   . ASN A 1 25  ? 2.116   -10.529 -14.529 1.00 67.11  ? 22  ASN A O   1 
ATOM   14   C  CB  . ASN A 1 25  ? 0.868   -9.119  -16.842 1.00 72.58  ? 22  ASN A CB  1 
ATOM   15   C  CG  . ASN A 1 25  ? 1.832   -8.965  -17.999 1.00 75.13  ? 22  ASN A CG  1 
ATOM   16   O  OD1 . ASN A 1 25  ? 2.775   -9.741  -18.142 1.00 76.91  ? 22  ASN A OD1 1 
ATOM   17   N  ND2 . ASN A 1 25  ? 1.617   -7.950  -18.820 1.00 76.40  ? 22  ASN A ND2 1 
ATOM   18   N  N   . GLN A 1 26  ? -0.067  -11.069 -14.115 1.00 59.11  ? 23  GLN A N   1 
ATOM   19   C  CA  . GLN A 1 26  ? -0.044  -10.965 -12.629 1.00 55.75  ? 23  GLN A CA  1 
ATOM   20   C  C   . GLN A 1 26  ? 0.760   -12.125 -12.035 1.00 46.71  ? 23  GLN A C   1 
ATOM   21   O  O   . GLN A 1 26  ? 0.691   -13.234 -12.583 1.00 47.44  ? 23  GLN A O   1 
ATOM   22   C  CB  . GLN A 1 26  ? -1.472  -10.954 -12.081 1.00 59.21  ? 23  GLN A CB  1 
ATOM   23   C  CG  . GLN A 1 26  ? -2.324  -9.816  -12.630 1.00 63.84  ? 23  GLN A CG  1 
ATOM   24   C  CD  . GLN A 1 26  ? -3.805  -10.078 -12.504 1.00 65.56  ? 23  GLN A CD  1 
ATOM   25   O  OE1 . GLN A 1 26  ? -4.330  -11.044 -13.054 1.00 69.84  ? 23  GLN A OE1 1 
ATOM   26   N  NE2 . GLN A 1 26  ? -4.498  -9.204  -11.791 1.00 67.80  ? 23  GLN A NE2 1 
ATOM   27   N  N   . VAL A 1 27  ? 1.477   -11.865 -10.937 1.00 41.65  ? 24  VAL A N   1 
ATOM   28   C  CA  . VAL A 1 27  ? 2.265   -12.880 -10.178 1.00 39.37  ? 24  VAL A CA  1 
ATOM   29   C  C   . VAL A 1 27  ? 1.593   -13.092 -8.820  1.00 38.38  ? 24  VAL A C   1 
ATOM   30   O  O   . VAL A 1 27  ? 1.205   -12.093 -8.199  1.00 33.95  ? 24  VAL A O   1 
ATOM   31   C  CB  . VAL A 1 27  ? 3.736   -12.456 -10.006 1.00 40.09  ? 24  VAL A CB  1 
ATOM   32   C  CG1 . VAL A 1 27  ? 4.595   -13.607 -9.498  1.00 39.67  ? 24  VAL A CG1 1 
ATOM   33   C  CG2 . VAL A 1 27  ? 4.301   -11.894 -11.300 1.00 41.35  ? 24  VAL A CG2 1 
ATOM   34   N  N   . TYR A 1 28  ? 1.505   -14.353 -8.400  1.00 36.51  ? 25  TYR A N   1 
ATOM   35   C  CA  . TYR A 1 28  ? 0.833   -14.814 -7.162  1.00 38.36  ? 25  TYR A CA  1 
ATOM   36   C  C   . TYR A 1 28  ? 1.821   -15.627 -6.329  1.00 35.68  ? 25  TYR A C   1 
ATOM   37   O  O   . TYR A 1 28  ? 2.680   -16.317 -6.914  1.00 35.53  ? 25  TYR A O   1 
ATOM   38   C  CB  . TYR A 1 28  ? -0.393  -15.654 -7.522  1.00 39.24  ? 25  TYR A CB  1 
ATOM   39   C  CG  . TYR A 1 28  ? -1.443  -14.868 -8.257  1.00 43.95  ? 25  TYR A CG  1 
ATOM   40   C  CD1 . TYR A 1 28  ? -2.376  -14.113 -7.568  1.00 43.22  ? 25  TYR A CD1 1 
ATOM   41   C  CD2 . TYR A 1 28  ? -1.462  -14.822 -9.643  1.00 45.90  ? 25  TYR A CD2 1 
ATOM   42   C  CE1 . TYR A 1 28  ? -3.324  -13.354 -8.232  1.00 46.53  ? 25  TYR A CE1 1 
ATOM   43   C  CE2 . TYR A 1 28  ? -2.402  -14.067 -10.322 1.00 46.82  ? 25  TYR A CE2 1 
ATOM   44   C  CZ  . TYR A 1 28  ? -3.334  -13.330 -9.615  1.00 47.12  ? 25  TYR A CZ  1 
ATOM   45   O  OH  . TYR A 1 28  ? -4.259  -12.582 -10.276 1.00 52.25  ? 25  TYR A OH  1 
ATOM   46   N  N   . SER A 1 29  ? 1.681   -15.565 -5.003  1.00 33.90  ? 26  SER A N   1 
ATOM   47   C  CA  . SER A 1 29  ? 2.429   -16.416 -4.052  1.00 33.35  ? 26  SER A CA  1 
ATOM   48   C  C   . SER A 1 29  ? 2.167   -17.875 -4.406  1.00 36.77  ? 26  SER A C   1 
ATOM   49   O  O   . SER A 1 29  ? 1.011   -18.299 -4.450  1.00 36.43  ? 26  SER A O   1 
ATOM   50   C  CB  . SER A 1 29  ? 2.055   -16.124 -2.615  1.00 32.64  ? 26  SER A CB  1 
ATOM   51   O  OG  . SER A 1 29  ? 2.535   -17.162 -1.778  1.00 31.73  ? 26  SER A OG  1 
ATOM   52   N  N   . PRO A 1 30  ? 3.214   -18.686 -4.681  1.00 37.58  ? 27  PRO A N   1 
ATOM   53   C  CA  . PRO A 1 30  ? 3.038   -20.120 -4.904  1.00 38.48  ? 27  PRO A CA  1 
ATOM   54   C  C   . PRO A 1 30  ? 2.512   -20.868 -3.670  1.00 37.71  ? 27  PRO A C   1 
ATOM   55   O  O   . PRO A 1 30  ? 2.123   -22.002 -3.811  1.00 39.97  ? 27  PRO A O   1 
ATOM   56   C  CB  . PRO A 1 30  ? 4.450   -20.624 -5.220  1.00 38.03  ? 27  PRO A CB  1 
ATOM   57   C  CG  . PRO A 1 30  ? 5.351   -19.584 -4.591  1.00 37.15  ? 27  PRO A CG  1 
ATOM   58   C  CD  . PRO A 1 30  ? 4.623   -18.276 -4.813  1.00 38.48  ? 27  PRO A CD  1 
ATOM   59   N  N   . VAL A 1 31  ? 2.555   -20.243 -2.494  1.00 37.55  ? 28  VAL A N   1 
ATOM   60   C  CA  . VAL A 1 31  ? 2.119   -20.878 -1.219  1.00 36.58  ? 28  VAL A CA  1 
ATOM   61   C  C   . VAL A 1 31  ? 0.655   -20.526 -0.945  1.00 37.82  ? 28  VAL A C   1 
ATOM   62   O  O   . VAL A 1 31  ? -0.151  -21.456 -0.816  1.00 38.85  ? 28  VAL A O   1 
ATOM   63   C  CB  . VAL A 1 31  ? 3.032   -20.466 -0.049  1.00 35.74  ? 28  VAL A CB  1 
ATOM   64   C  CG1 . VAL A 1 31  ? 2.564   -21.082 1.260   1.00 34.75  ? 28  VAL A CG1 1 
ATOM   65   C  CG2 . VAL A 1 31  ? 4.489   -20.820 -0.316  1.00 36.07  ? 28  VAL A CG2 1 
ATOM   66   N  N   . THR A 1 32  ? 0.328   -19.236 -0.858  1.00 36.06  ? 29  THR A N   1 
ATOM   67   C  CA  . THR A 1 32  ? -0.965  -18.720 -0.330  1.00 36.57  ? 29  THR A CA  1 
ATOM   68   C  C   . THR A 1 32  ? -1.926  -18.359 -1.468  1.00 36.54  ? 29  THR A C   1 
ATOM   69   O  O   . THR A 1 32  ? -3.140  -18.252 -1.194  1.00 36.66  ? 29  THR A O   1 
ATOM   70   C  CB  . THR A 1 32  ? -0.726  -17.498 0.556   1.00 35.58  ? 29  THR A CB  1 
ATOM   71   O  OG1 . THR A 1 32  ? -0.281  -16.424 -0.280  1.00 33.77  ? 29  THR A OG1 1 
ATOM   72   C  CG2 . THR A 1 32  ? 0.285   -17.764 1.649   1.00 36.10  ? 29  THR A CG2 1 
ATOM   73   N  N   . GLY A 1 33  ? -1.411  -18.127 -2.678  1.00 36.01  ? 30  GLY A N   1 
ATOM   74   C  CA  . GLY A 1 33  ? -2.194  -17.622 -3.822  1.00 36.00  ? 30  GLY A CA  1 
ATOM   75   C  C   . GLY A 1 33  ? -2.431  -16.123 -3.745  1.00 35.22  ? 30  GLY A C   1 
ATOM   76   O  O   . GLY A 1 33  ? -3.076  -15.575 -4.658  1.00 37.12  ? 30  GLY A O   1 
ATOM   77   N  N   . ALA A 1 34  ? -1.923  -15.454 -2.707  1.00 34.41  ? 31  ALA A N   1 
ATOM   78   C  CA  . ALA A 1 34  ? -2.030  -13.989 -2.572  1.00 33.27  ? 31  ALA A CA  1 
ATOM   79   C  C   . ALA A 1 34  ? -1.360  -13.368 -3.797  1.00 32.62  ? 31  ALA A C   1 
ATOM   80   O  O   . ALA A 1 34  ? -0.329  -13.897 -4.251  1.00 35.52  ? 31  ALA A O   1 
ATOM   81   C  CB  . ALA A 1 34  ? -1.402  -13.506 -1.288  1.00 33.64  ? 31  ALA A CB  1 
ATOM   82   N  N   A ARG A 1 35  ? -1.940  -12.297 -4.333  0.50 33.45  ? 32  ARG A N   1 
ATOM   83   N  N   B ARG A 1 35  ? -1.941  -12.290 -4.323  0.50 33.92  ? 32  ARG A N   1 
ATOM   84   C  CA  A ARG A 1 35  ? -1.315  -11.514 -5.429  0.50 34.07  ? 32  ARG A CA  1 
ATOM   85   C  CA  B ARG A 1 35  ? -1.335  -11.475 -5.406  0.50 34.80  ? 32  ARG A CA  1 
ATOM   86   C  C   A ARG A 1 35  ? -0.104  -10.772 -4.858  0.50 33.75  ? 32  ARG A C   1 
ATOM   87   C  C   B ARG A 1 35  ? -0.098  -10.766 -4.846  0.50 34.11  ? 32  ARG A C   1 
ATOM   88   O  O   A ARG A 1 35  ? -0.202  -10.238 -3.740  0.50 31.64  ? 32  ARG A O   1 
ATOM   89   O  O   B ARG A 1 35  ? -0.173  -10.244 -3.719  0.50 31.70  ? 32  ARG A O   1 
ATOM   90   C  CB  A ARG A 1 35  ? -2.314  -10.554 -6.076  0.50 35.42  ? 32  ARG A CB  1 
ATOM   91   C  CB  B ARG A 1 35  ? -2.345  -10.476 -5.974  0.50 36.99  ? 32  ARG A CB  1 
ATOM   92   C  CG  A ARG A 1 35  ? -1.737  -9.799  -7.266  0.50 35.32  ? 32  ARG A CG  1 
ATOM   93   C  CG  B ARG A 1 35  ? -1.759  -9.553  -7.034  0.50 37.67  ? 32  ARG A CG  1 
ATOM   94   C  CD  A ARG A 1 35  ? -2.790  -9.019  -8.026  0.50 38.00  ? 32  ARG A CD  1 
ATOM   95   C  CD  B ARG A 1 35  ? -2.784  -9.103  -8.057  0.50 40.63  ? 32  ARG A CD  1 
ATOM   96   N  NE  A ARG A 1 35  ? -3.500  -8.066  -7.186  0.50 36.73  ? 32  ARG A NE  1 
ATOM   97   N  NE  B ARG A 1 35  ? -2.158  -8.518  -9.234  0.50 39.78  ? 32  ARG A NE  1 
ATOM   98   C  CZ  A ARG A 1 35  ? -3.678  -6.786  -7.491  0.50 37.80  ? 32  ARG A CZ  1 
ATOM   99   C  CZ  B ARG A 1 35  ? -2.427  -7.307  -9.702  0.50 40.68  ? 32  ARG A CZ  1 
ATOM   100  N  NH1 A ARG A 1 35  ? -4.342  -5.996  -6.669  0.50 36.78  ? 32  ARG A NH1 1 
ATOM   101  N  NH1 B ARG A 1 35  ? -3.328  -6.553  -9.098  0.50 42.65  ? 32  ARG A NH1 1 
ATOM   102  N  NH2 A ARG A 1 35  ? -3.199  -6.304  -8.625  0.50 40.11  ? 32  ARG A NH2 1 
ATOM   103  N  NH2 B ARG A 1 35  ? -1.807  -6.857  -10.780 0.50 40.75  ? 32  ARG A NH2 1 
ATOM   104  N  N   . LEU A 1 36  ? 1.010   -10.774 -5.592  1.00 32.52  ? 33  LEU A N   1 
ATOM   105  C  CA  . LEU A 1 36  ? 2.255   -10.100 -5.158  1.00 32.78  ? 33  LEU A CA  1 
ATOM   106  C  C   . LEU A 1 36  ? 2.212   -8.678  -5.713  1.00 32.11  ? 33  LEU A C   1 
ATOM   107  O  O   . LEU A 1 36  ? 2.009   -8.517  -6.932  1.00 32.60  ? 33  LEU A O   1 
ATOM   108  C  CB  . LEU A 1 36  ? 3.470   -10.894 -5.647  1.00 31.50  ? 33  LEU A CB  1 
ATOM   109  C  CG  . LEU A 1 36  ? 3.532   -12.353 -5.188  1.00 33.32  ? 33  LEU A CG  1 
ATOM   110  C  CD1 . LEU A 1 36  ? 4.810   -13.023 -5.659  1.00 35.03  ? 33  LEU A CD1 1 
ATOM   111  C  CD2 . LEU A 1 36  ? 3.406   -12.466 -3.675  1.00 31.89  ? 33  LEU A CD2 1 
ATOM   112  N  N   . VAL A 1 37  ? 2.411   -7.713  -4.825  1.00 29.73  ? 34  VAL A N   1 
ATOM   113  C  CA  . VAL A 1 37  ? 2.261   -6.251  -5.042  1.00 31.77  ? 34  VAL A CA  1 
ATOM   114  C  C   . VAL A 1 37  ? 3.468   -5.579  -4.403  1.00 31.45  ? 34  VAL A C   1 
ATOM   115  O  O   . VAL A 1 37  ? 3.918   -6.023  -3.320  1.00 32.88  ? 34  VAL A O   1 
ATOM   116  C  CB  . VAL A 1 37  ? 0.937   -5.731  -4.439  1.00 32.50  ? 34  VAL A CB  1 
ATOM   117  C  CG1 . VAL A 1 37  ? 0.909   -4.223  -4.290  1.00 32.70  ? 34  VAL A CG1 1 
ATOM   118  C  CG2 . VAL A 1 37  ? -0.272  -6.205  -5.229  1.00 32.37  ? 34  VAL A CG2 1 
ATOM   119  N  N   . ALA A 1 38  ? 3.994   -4.544  -5.046  1.00 27.18  ? 35  ALA A N   1 
ATOM   120  C  CA  . ALA A 1 38  ? 5.046   -3.707  -4.447  1.00 29.01  ? 35  ALA A CA  1 
ATOM   121  C  C   . ALA A 1 38  ? 4.573   -2.269  -4.505  1.00 28.01  ? 35  ALA A C   1 
ATOM   122  O  O   . ALA A 1 38  ? 3.800   -1.935  -5.436  1.00 29.39  ? 35  ALA A O   1 
ATOM   123  C  CB  . ALA A 1 38  ? 6.358   -3.884  -5.168  1.00 30.33  ? 35  ALA A CB  1 
ATOM   124  N  N   . GLY A 1 39  ? 5.077   -1.449  -3.591  1.00 28.85  ? 36  GLY A N   1 
ATOM   125  C  CA  . GLY A 1 39  ? 4.818   -0.006  -3.575  1.00 29.57  ? 36  GLY A CA  1 
ATOM   126  C  C   . GLY A 1 39  ? 5.812   0.747   -2.715  1.00 29.80  ? 36  GLY A C   1 
ATOM   127  O  O   . GLY A 1 39  ? 6.718   0.114   -2.118  1.00 32.05  ? 36  GLY A O   1 
ATOM   128  N  N   . CYS A 1 40  ? 5.652   2.065   -2.678  1.00 27.71  ? 37  CYS A N   1 
ATOM   129  C  CA  . CYS A 1 40  ? 6.557   3.017   -2.007  1.00 31.23  ? 37  CYS A CA  1 
ATOM   130  C  C   . CYS A 1 40  ? 5.805   3.804   -0.936  1.00 30.32  ? 37  CYS A C   1 
ATOM   131  O  O   . CYS A 1 40  ? 4.697   4.304   -1.195  1.00 33.62  ? 37  CYS A O   1 
ATOM   132  C  CB  . CYS A 1 40  ? 7.176   3.974   -3.014  1.00 35.03  ? 37  CYS A CB  1 
ATOM   133  S  SG  . CYS A 1 40  ? 8.422   3.146   -4.033  1.00 38.80  ? 37  CYS A SG  1 
ATOM   134  N  N   . ILE A 1 41  ? 6.447   3.939   0.208   1.00 30.12  ? 38  ILE A N   1 
ATOM   135  C  CA  . ILE A 1 41  ? 6.221   5.068   1.150   1.00 32.12  ? 38  ILE A CA  1 
ATOM   136  C  C   . ILE A 1 41  ? 7.162   6.186   0.704   1.00 29.47  ? 38  ILE A C   1 
ATOM   137  O  O   . ILE A 1 41  ? 8.376   6.117   1.027   1.00 30.59  ? 38  ILE A O   1 
ATOM   138  C  CB  . ILE A 1 41  ? 6.467   4.620   2.600   1.00 32.67  ? 38  ILE A CB  1 
ATOM   139  C  CG1 . ILE A 1 41  ? 5.610   3.404   2.984   1.00 32.37  ? 38  ILE A CG1 1 
ATOM   140  C  CG2 . ILE A 1 41  ? 6.285   5.780   3.570   1.00 33.70  ? 38  ILE A CG2 1 
ATOM   141  C  CD1 . ILE A 1 41  ? 4.118   3.540   2.730   1.00 33.10  ? 38  ILE A CD1 1 
ATOM   142  N  N   . CYS A 1 42  ? 6.650   7.168   -0.048  1.00 29.10  ? 39  CYS A N   1 
ATOM   143  C  CA  . CYS A 1 42  ? 7.468   8.302   -0.571  1.00 30.83  ? 39  CYS A CA  1 
ATOM   144  C  C   . CYS A 1 42  ? 7.499   9.462   0.424   1.00 30.73  ? 39  CYS A C   1 
ATOM   145  O  O   . CYS A 1 42  ? 6.470   10.141  0.563   1.00 31.11  ? 39  CYS A O   1 
ATOM   146  C  CB  . CYS A 1 42  ? 6.950   8.783   -1.921  1.00 30.18  ? 39  CYS A CB  1 
ATOM   147  S  SG  . CYS A 1 42  ? 6.543   7.426   -3.041  1.00 33.45  ? 39  CYS A SG  1 
ATOM   148  N  N   . LEU A 1 43  ? 8.673   9.740   0.990   1.00 31.88  ? 40  LEU A N   1 
ATOM   149  C  CA  . LEU A 1 43  ? 8.888   10.792  2.014   1.00 32.90  ? 40  LEU A CA  1 
ATOM   150  C  C   . LEU A 1 43  ? 9.655   11.977  1.430   1.00 33.91  ? 40  LEU A C   1 
ATOM   151  O  O   . LEU A 1 43  ? 10.523  11.794  0.534   1.00 34.45  ? 40  LEU A O   1 
ATOM   152  C  CB  . LEU A 1 43  ? 9.648   10.219  3.213   1.00 33.35  ? 40  LEU A CB  1 
ATOM   153  C  CG  . LEU A 1 43  ? 9.016   8.995   3.874   1.00 34.57  ? 40  LEU A CG  1 
ATOM   154  C  CD1 . LEU A 1 43  ? 9.880   8.530   5.037   1.00 36.01  ? 40  LEU A CD1 1 
ATOM   155  C  CD2 . LEU A 1 43  ? 7.594   9.295   4.343   1.00 35.35  ? 40  LEU A CD2 1 
ATOM   156  N  N   . THR A 1 44  ? 9.340   13.155  1.953   1.00 35.45  ? 41  THR A N   1 
ATOM   157  C  CA  . THR A 1 44  ? 10.074  14.408  1.692   1.00 36.42  ? 41  THR A CA  1 
ATOM   158  C  C   . THR A 1 44  ? 11.452  14.232  2.312   1.00 38.29  ? 41  THR A C   1 
ATOM   159  O  O   . THR A 1 44  ? 11.606  13.486  3.283   1.00 33.77  ? 41  THR A O   1 
ATOM   160  C  CB  . THR A 1 44  ? 9.256   15.607  2.188   1.00 38.85  ? 41  THR A CB  1 
ATOM   161  O  OG1 . THR A 1 44  ? 9.149   15.492  3.608   1.00 38.36  ? 41  THR A OG1 1 
ATOM   162  C  CG2 . THR A 1 44  ? 7.880   15.662  1.555   1.00 38.13  ? 41  THR A CG2 1 
ATOM   163  N  N   . PRO A 1 45  ? 12.505  14.848  1.727   1.00 38.80  ? 42  PRO A N   1 
ATOM   164  C  CA  . PRO A 1 45  ? 13.851  14.794  2.293   1.00 40.29  ? 42  PRO A CA  1 
ATOM   165  C  C   . PRO A 1 45  ? 13.921  15.039  3.805   1.00 43.10  ? 42  PRO A C   1 
ATOM   166  O  O   . PRO A 1 45  ? 14.711  14.380  4.454   1.00 44.10  ? 42  PRO A O   1 
ATOM   167  C  CB  . PRO A 1 45  ? 14.573  15.916  1.536   1.00 40.53  ? 42  PRO A CB  1 
ATOM   168  C  CG  . PRO A 1 45  ? 13.910  15.914  0.177   1.00 40.62  ? 42  PRO A CG  1 
ATOM   169  C  CD  . PRO A 1 45  ? 12.458  15.600  0.460   1.00 40.34  ? 42  PRO A CD  1 
ATOM   170  N  N   . ASP A 1 46  ? 13.100  15.958  4.327   1.00 44.78  ? 43  ASP A N   1 
ATOM   171  C  CA  . ASP A 1 46  ? 13.092  16.313  5.773   1.00 46.23  ? 43  ASP A CA  1 
ATOM   172  C  C   . ASP A 1 46  ? 12.267  15.281  6.559   1.00 42.06  ? 43  ASP A C   1 
ATOM   173  O  O   . ASP A 1 46  ? 12.243  15.392  7.783   1.00 44.48  ? 43  ASP A O   1 
ATOM   174  C  CB  . ASP A 1 46  ? 12.602  17.747  6.002   1.00 47.49  ? 43  ASP A CB  1 
ATOM   175  C  CG  . ASP A 1 46  ? 11.135  17.990  5.690   1.00 50.21  ? 43  ASP A CG  1 
ATOM   176  O  OD1 . ASP A 1 46  ? 10.461  17.049  5.221   1.00 51.46  ? 43  ASP A OD1 1 
ATOM   177  O  OD2 . ASP A 1 46  ? 10.677  19.133  5.910   1.00 55.71  ? 43  ASP A OD2 1 
ATOM   178  N  N   . LYS A 1 47  ? 11.609  14.340  5.871   1.00 41.01  ? 44  LYS A N   1 
ATOM   179  C  CA  . LYS A 1 47  ? 10.907  13.149  6.435   1.00 40.68  ? 44  LYS A CA  1 
ATOM   180  C  C   . LYS A 1 47  ? 9.646   13.572  7.207   1.00 41.64  ? 44  LYS A C   1 
ATOM   181  O  O   . LYS A 1 47  ? 9.138   12.754  7.999   1.00 39.83  ? 44  LYS A O   1 
ATOM   182  C  CB  . LYS A 1 47  ? 11.862  12.331  7.313   1.00 43.54  ? 44  LYS A CB  1 
ATOM   183  C  CG  . LYS A 1 47  ? 12.963  11.609  6.550   1.00 44.58  ? 44  LYS A CG  1 
ATOM   184  C  CD  . LYS A 1 47  ? 14.140  11.231  7.416   1.00 48.63  ? 44  LYS A CD  1 
ATOM   185  C  CE  . LYS A 1 47  ? 15.164  10.378  6.695   1.00 51.68  ? 44  LYS A CE  1 
ATOM   186  N  NZ  . LYS A 1 47  ? 15.513  10.923  5.360   1.00 51.99  ? 44  LYS A NZ  1 
ATOM   187  N  N   . LYS A 1 48  ? 9.111   14.768  6.948   1.00 40.89  ? 45  LYS A N   1 
ATOM   188  C  CA  . LYS A 1 48  ? 7.949   15.308  7.704   1.00 41.23  ? 45  LYS A CA  1 
ATOM   189  C  C   . LYS A 1 48  ? 6.644   14.922  7.007   1.00 40.69  ? 45  LYS A C   1 
ATOM   190  O  O   . LYS A 1 48  ? 5.598   14.929  7.678   1.00 41.07  ? 45  LYS A O   1 
ATOM   191  C  CB  . LYS A 1 48  ? 8.075   16.822  7.878   1.00 44.25  ? 45  LYS A CB  1 
ATOM   192  C  CG  . LYS A 1 48  ? 9.219   17.241  8.787   1.00 47.93  ? 45  LYS A CG  1 
ATOM   193  C  CD  . LYS A 1 48  ? 9.133   18.668  9.264   1.00 51.84  ? 45  LYS A CD  1 
ATOM   194  C  CE  . LYS A 1 48  ? 10.169  18.977  10.321  1.00 53.84  ? 45  LYS A CE  1 
ATOM   195  N  NZ  . LYS A 1 48  ? 10.360  20.436  10.485  1.00 56.57  ? 45  LYS A NZ  1 
ATOM   196  N  N   . GLN A 1 49  ? 6.674   14.598  5.715   1.00 38.48  ? 46  GLN A N   1 
ATOM   197  C  CA  . GLN A 1 49  ? 5.427   14.268  4.991   1.00 36.29  ? 46  GLN A CA  1 
ATOM   198  C  C   . GLN A 1 49  ? 5.636   13.063  4.078   1.00 34.59  ? 46  GLN A C   1 
ATOM   199  O  O   . GLN A 1 49  ? 6.786   12.801  3.687   1.00 35.40  ? 46  GLN A O   1 
ATOM   200  C  CB  . GLN A 1 49  ? 4.937   15.481  4.204   1.00 40.96  ? 46  GLN A CB  1 
ATOM   201  C  CG  . GLN A 1 49  ? 4.702   16.712  5.061   1.00 44.19  ? 46  GLN A CG  1 
ATOM   202  C  CD  . GLN A 1 49  ? 4.468   17.918  4.189   1.00 48.77  ? 46  GLN A CD  1 
ATOM   203  O  OE1 . GLN A 1 49  ? 5.410   18.532  3.694   1.00 55.16  ? 46  GLN A OE1 1 
ATOM   204  N  NE2 . GLN A 1 49  ? 3.207   18.254  3.980   1.00 49.67  ? 46  GLN A NE2 1 
ATOM   205  N  N   . VAL A 1 50  ? 4.528   12.392  3.773   1.00 33.82  ? 47  VAL A N   1 
ATOM   206  C  CA  . VAL A 1 50  ? 4.412   11.227  2.856   1.00 33.06  ? 47  VAL A CA  1 
ATOM   207  C  C   . VAL A 1 50  ? 3.434   11.598  1.741   1.00 34.85  ? 47  VAL A C   1 
ATOM   208  O  O   . VAL A 1 50  ? 2.434   12.282  2.000   1.00 31.96  ? 47  VAL A O   1 
ATOM   209  C  CB  . VAL A 1 50  ? 3.974   9.935   3.574   1.00 30.97  ? 47  VAL A CB  1 
ATOM   210  C  CG1 . VAL A 1 50  ? 2.700   10.116  4.393   1.00 32.00  ? 47  VAL A CG1 1 
ATOM   211  C  CG2 . VAL A 1 50  ? 3.800   8.778   2.610   1.00 31.19  ? 47  VAL A CG2 1 
ATOM   212  N  N   . LEU A 1 51  ? 3.730   11.143  0.530   1.00 30.75  ? 48  LEU A N   1 
ATOM   213  C  CA  . LEU A 1 51  ? 2.876   11.332  -0.659  1.00 32.09  ? 48  LEU A CA  1 
ATOM   214  C  C   . LEU A 1 51  ? 1.772   10.283  -0.690  1.00 33.37  ? 48  LEU A C   1 
ATOM   215  O  O   . LEU A 1 51  ? 2.086   9.084   -0.729  1.00 31.62  ? 48  LEU A O   1 
ATOM   216  C  CB  . LEU A 1 51  ? 3.752   11.201  -1.906  1.00 32.21  ? 48  LEU A CB  1 
ATOM   217  C  CG  . LEU A 1 51  ? 3.099   11.686  -3.192  1.00 33.92  ? 48  LEU A CG  1 
ATOM   218  C  CD1 . LEU A 1 51  ? 2.943   13.199  -3.167  1.00 33.47  ? 48  LEU A CD1 1 
ATOM   219  C  CD2 . LEU A 1 51  ? 3.916   11.231  -4.391  1.00 33.25  ? 48  LEU A CD2 1 
ATOM   220  N  N   . MET A 1 52  ? 0.517   10.729  -0.748  1.00 31.77  ? 49  MET A N   1 
ATOM   221  C  CA  . MET A 1 52  ? -0.648  9.828   -0.884  1.00 29.27  ? 49  MET A CA  1 
ATOM   222  C  C   . MET A 1 52  ? -1.368  10.104  -2.201  1.00 29.96  ? 49  MET A C   1 
ATOM   223  O  O   . MET A 1 52  ? -1.253  11.213  -2.715  1.00 32.79  ? 49  MET A O   1 
ATOM   224  C  CB  . MET A 1 52  ? -1.578  10.039  0.316   1.00 30.19  ? 49  MET A CB  1 
ATOM   225  C  CG  . MET A 1 52  ? -0.816  9.995   1.622   1.00 30.30  ? 49  MET A CG  1 
ATOM   226  S  SD  . MET A 1 52  ? -1.912  9.621   3.034   1.00 32.64  ? 49  MET A SD  1 
ATOM   227  C  CE  . MET A 1 52  ? -2.557  8.030   2.529   1.00 29.81  ? 49  MET A CE  1 
ATOM   228  N  N   . ILE A 1 53  ? -2.047  9.098   -2.738  1.00 31.75  ? 50  ILE A N   1 
ATOM   229  C  CA  . ILE A 1 53  ? -2.880  9.209   -3.966  1.00 33.22  ? 50  ILE A CA  1 
ATOM   230  C  C   . ILE A 1 53  ? -4.305  8.819   -3.585  1.00 36.20  ? 50  ILE A C   1 
ATOM   231  O  O   . ILE A 1 53  ? -4.473  8.050   -2.620  1.00 35.38  ? 50  ILE A O   1 
ATOM   232  C  CB  . ILE A 1 53  ? -2.330  8.321   -5.100  1.00 34.50  ? 50  ILE A CB  1 
ATOM   233  C  CG1 . ILE A 1 53  ? -2.169  6.867   -4.650  1.00 35.99  ? 50  ILE A CG1 1 
ATOM   234  C  CG2 . ILE A 1 53  ? -1.030  8.900   -5.635  1.00 35.29  ? 50  ILE A CG2 1 
ATOM   235  C  CD1 . ILE A 1 53  ? -1.977  5.882   -5.768  1.00 34.91  ? 50  ILE A CD1 1 
ATOM   236  N  N   . THR A 1 54  ? -5.296  9.301   -4.330  1.00 34.09  ? 51  THR A N   1 
ATOM   237  C  CA  . THR A 1 54  ? -6.696  8.853   -4.154  1.00 38.14  ? 51  THR A CA  1 
ATOM   238  C  C   . THR A 1 54  ? -6.826  7.478   -4.798  1.00 35.45  ? 51  THR A C   1 
ATOM   239  O  O   . THR A 1 54  ? -6.144  7.225   -5.807  1.00 37.33  ? 51  THR A O   1 
ATOM   240  C  CB  . THR A 1 54  ? -7.671  9.906   -4.683  1.00 38.65  ? 51  THR A CB  1 
ATOM   241  O  OG1 . THR A 1 54  ? -7.411  10.090  -6.078  1.00 41.98  ? 51  THR A OG1 1 
ATOM   242  C  CG2 . THR A 1 54  ? -7.522  11.210  -3.931  1.00 40.79  ? 51  THR A CG2 1 
ATOM   243  N  N   . SER A 1 55  ? -7.608  6.599   -4.182  1.00 36.82  ? 52  SER A N   1 
ATOM   244  C  CA  . SER A 1 55  ? -7.960  5.258   -4.707  1.00 36.71  ? 52  SER A CA  1 
ATOM   245  C  C   . SER A 1 55  ? -8.778  5.414   -5.993  1.00 39.91  ? 52  SER A C   1 
ATOM   246  O  O   . SER A 1 55  ? -9.487  6.433   -6.142  1.00 41.59  ? 52  SER A O   1 
ATOM   247  C  CB  . SER A 1 55  ? -8.713  4.449   -3.675  1.00 38.68  ? 52  SER A CB  1 
ATOM   248  O  OG  . SER A 1 55  ? -9.331  3.323   -4.282  1.00 41.71  ? 52  SER A OG  1 
ATOM   249  N  N   . SER A 1 56  ? -8.676  4.448   -6.902  1.00 46.64  ? 53  SER A N   1 
ATOM   250  C  CA  . SER A 1 56  ? -9.502  4.409   -8.134  1.00 53.69  ? 53  SER A CA  1 
ATOM   251  C  C   . SER A 1 56  ? -10.805 3.650   -7.846  1.00 58.96  ? 53  SER A C   1 
ATOM   252  O  O   . SER A 1 56  ? -11.840 4.013   -8.436  1.00 61.73  ? 53  SER A O   1 
ATOM   253  C  CB  . SER A 1 56  ? -8.727  3.839   -9.294  1.00 55.43  ? 53  SER A CB  1 
ATOM   254  O  OG  . SER A 1 56  ? -8.962  2.448   -9.444  1.00 59.35  ? 53  SER A OG  1 
ATOM   255  N  N   . ALA A 1 57  ? -10.769 2.656   -6.952  1.00 61.65  ? 54  ALA A N   1 
ATOM   256  C  CA  . ALA A 1 57  ? -11.957 1.871   -6.539  1.00 61.87  ? 54  ALA A CA  1 
ATOM   257  C  C   . ALA A 1 57  ? -12.868 2.754   -5.677  1.00 61.06  ? 54  ALA A C   1 
ATOM   258  O  O   . ALA A 1 57  ? -14.100 2.634   -5.811  1.00 65.59  ? 54  ALA A O   1 
ATOM   259  C  CB  . ALA A 1 57  ? -11.539 0.621   -5.804  1.00 62.68  ? 54  ALA A CB  1 
ATOM   260  N  N   . HIS A 1 58  ? -12.278 3.609   -4.837  1.00 59.84  ? 55  HIS A N   1 
ATOM   261  C  CA  . HIS A 1 58  ? -12.990 4.518   -3.898  1.00 58.19  ? 55  HIS A CA  1 
ATOM   262  C  C   . HIS A 1 58  ? -12.371 5.916   -3.962  1.00 53.04  ? 55  HIS A C   1 
ATOM   263  O  O   . HIS A 1 58  ? -11.440 6.199   -3.189  1.00 48.92  ? 55  HIS A O   1 
ATOM   264  C  CB  . HIS A 1 58  ? -12.956 3.969   -2.465  1.00 59.97  ? 55  HIS A CB  1 
ATOM   265  C  CG  . HIS A 1 58  ? -13.512 2.595   -2.322  1.00 63.29  ? 55  HIS A CG  1 
ATOM   266  N  ND1 . HIS A 1 58  ? -12.701 1.489   -2.151  1.00 63.90  ? 55  HIS A ND1 1 
ATOM   267  C  CD2 . HIS A 1 58  ? -14.785 2.139   -2.319  1.00 64.68  ? 55  HIS A CD2 1 
ATOM   268  C  CE1 . HIS A 1 58  ? -13.451 0.412   -2.048  1.00 66.10  ? 55  HIS A CE1 1 
ATOM   269  N  NE2 . HIS A 1 58  ? -14.735 0.781   -2.152  1.00 66.88  ? 55  HIS A NE2 1 
ATOM   270  N  N   . LYS A 1 59  ? -12.935 6.777   -4.805  1.00 53.15  ? 56  LYS A N   1 
ATOM   271  C  CA  . LYS A 1 59  ? -12.339 8.069   -5.239  1.00 52.31  ? 56  LYS A CA  1 
ATOM   272  C  C   . LYS A 1 59  ? -12.109 9.040   -4.071  1.00 49.98  ? 56  LYS A C   1 
ATOM   273  O  O   . LYS A 1 59  ? -11.350 9.989   -4.284  1.00 46.25  ? 56  LYS A O   1 
ATOM   274  C  CB  . LYS A 1 59  ? -13.240 8.724   -6.289  1.00 57.30  ? 56  LYS A CB  1 
ATOM   275  C  CG  . LYS A 1 59  ? -13.698 7.799   -7.412  1.00 62.10  ? 56  LYS A CG  1 
ATOM   276  C  CD  . LYS A 1 59  ? -13.498 8.378   -8.801  1.00 65.12  ? 56  LYS A CD  1 
ATOM   277  C  CE  . LYS A 1 59  ? -14.594 8.002   -9.774  1.00 66.18  ? 56  LYS A CE  1 
ATOM   278  N  NZ  . LYS A 1 59  ? -14.529 8.818   -11.011 1.00 66.96  ? 56  LYS A NZ  1 
ATOM   279  N  N   . LYS A 1 60  ? -12.728 8.842   -2.899  1.00 52.19  ? 57  LYS A N   1 
ATOM   280  C  CA  . LYS A 1 60  ? -12.637 9.798   -1.756  1.00 55.60  ? 57  LYS A CA  1 
ATOM   281  C  C   . LYS A 1 60  ? -11.638 9.294   -0.703  1.00 54.77  ? 57  LYS A C   1 
ATOM   282  O  O   . LYS A 1 60  ? -11.457 10.002  0.318   1.00 53.15  ? 57  LYS A O   1 
ATOM   283  C  CB  . LYS A 1 60  ? -13.999 10.044  -1.089  1.00 58.62  ? 57  LYS A CB  1 
ATOM   284  C  CG  . LYS A 1 60  ? -15.211 10.082  -2.015  1.00 61.20  ? 57  LYS A CG  1 
ATOM   285  C  CD  . LYS A 1 60  ? -15.844 8.732   -2.345  1.00 62.16  ? 57  LYS A CD  1 
ATOM   286  C  CE  . LYS A 1 60  ? -15.356 7.561   -1.512  1.00 64.06  ? 57  LYS A CE  1 
ATOM   287  N  NZ  . LYS A 1 60  ? -15.688 6.255   -2.132  1.00 60.72  ? 57  LYS A NZ  1 
ATOM   288  N  N   . ARG A 1 61  ? -10.999 8.143   -0.935  1.00 51.39  ? 58  ARG A N   1 
ATOM   289  C  CA  . ARG A 1 61  ? -10.092 7.491   0.049   1.00 50.97  ? 58  ARG A CA  1 
ATOM   290  C  C   . ARG A 1 61  ? -8.637  7.634   -0.412  1.00 45.28  ? 58  ARG A C   1 
ATOM   291  O  O   . ARG A 1 61  ? -8.366  7.345   -1.586  1.00 44.45  ? 58  ARG A O   1 
ATOM   292  C  CB  . ARG A 1 61  ? -10.517 6.033   0.247   1.00 53.34  ? 58  ARG A CB  1 
ATOM   293  C  CG  . ARG A 1 61  ? -11.887 5.907   0.898   1.00 58.22  ? 58  ARG A CG  1 
ATOM   294  C  CD  . ARG A 1 61  ? -12.365 4.479   1.067   1.00 61.19  ? 58  ARG A CD  1 
ATOM   295  N  NE  . ARG A 1 61  ? -13.745 4.445   1.538   1.00 62.54  ? 58  ARG A NE  1 
ATOM   296  C  CZ  . ARG A 1 61  ? -14.554 3.389   1.470   1.00 65.71  ? 58  ARG A CZ  1 
ATOM   297  N  NH1 . ARG A 1 61  ? -14.135 2.244   0.953   1.00 64.96  ? 58  ARG A NH1 1 
ATOM   298  N  NH2 . ARG A 1 61  ? -15.792 3.483   1.926   1.00 67.78  ? 58  ARG A NH2 1 
ATOM   299  N  N   . TRP A 1 62  ? -7.761  8.068   0.502   1.00 38.86  ? 59  TRP A N   1 
ATOM   300  C  CA  . TRP A 1 62  ? -6.321  8.355   0.276   1.00 37.34  ? 59  TRP A CA  1 
ATOM   301  C  C   . TRP A 1 62  ? -5.469  7.160   0.705   1.00 36.89  ? 59  TRP A C   1 
ATOM   302  O  O   . TRP A 1 62  ? -5.480  6.828   1.901   1.00 35.80  ? 59  TRP A O   1 
ATOM   303  C  CB  . TRP A 1 62  ? -5.883  9.610   1.031   1.00 38.63  ? 59  TRP A CB  1 
ATOM   304  C  CG  . TRP A 1 62  ? -6.481  10.865  0.481   1.00 41.89  ? 59  TRP A CG  1 
ATOM   305  C  CD1 . TRP A 1 62  ? -7.669  11.434  0.840   1.00 44.18  ? 59  TRP A CD1 1 
ATOM   306  C  CD2 . TRP A 1 62  ? -5.919  11.707  -0.537  1.00 43.95  ? 59  TRP A CD2 1 
ATOM   307  N  NE1 . TRP A 1 62  ? -7.884  12.579  0.118   1.00 45.61  ? 59  TRP A NE1 1 
ATOM   308  C  CE2 . TRP A 1 62  ? -6.823  12.775  -0.730  1.00 45.07  ? 59  TRP A CE2 1 
ATOM   309  C  CE3 . TRP A 1 62  ? -4.740  11.671  -1.292  1.00 44.68  ? 59  TRP A CE3 1 
ATOM   310  C  CZ2 . TRP A 1 62  ? -6.584  13.787  -1.661  1.00 45.49  ? 59  TRP A CZ2 1 
ATOM   311  C  CZ3 . TRP A 1 62  ? -4.506  12.672  -2.209  1.00 45.64  ? 59  TRP A CZ3 1 
ATOM   312  C  CH2 . TRP A 1 62  ? -5.417  13.717  -2.388  1.00 45.88  ? 59  TRP A CH2 1 
ATOM   313  N  N   . ILE A 1 63  ? -4.716  6.599   -0.245  1.00 32.90  ? 60  ILE A N   1 
ATOM   314  C  CA  . ILE A 1 63  ? -3.813  5.422   -0.077  1.00 30.62  ? 60  ILE A CA  1 
ATOM   315  C  C   . ILE A 1 63  ? -2.437  5.835   -0.615  1.00 33.09  ? 60  ILE A C   1 
ATOM   316  O  O   . ILE A 1 63  ? -2.290  7.002   -0.987  1.00 34.73  ? 60  ILE A O   1 
ATOM   317  C  CB  . ILE A 1 63  ? -4.350  4.188   -0.823  1.00 31.28  ? 60  ILE A CB  1 
ATOM   318  C  CG1 . ILE A 1 63  ? -4.486  4.453   -2.325  1.00 32.10  ? 60  ILE A CG1 1 
ATOM   319  C  CG2 . ILE A 1 63  ? -5.656  3.695   -0.221  1.00 31.89  ? 60  ILE A CG2 1 
ATOM   320  C  CD1 . ILE A 1 63  ? -4.960  3.267   -3.098  1.00 31.60  ? 60  ILE A CD1 1 
ATOM   321  N  N   . VAL A 1 64  ? -1.504  4.884   -0.682  1.00 34.26  ? 61  VAL A N   1 
ATOM   322  C  CA  . VAL A 1 64  ? -0.109  5.077   -1.170  1.00 32.87  ? 61  VAL A CA  1 
ATOM   323  C  C   . VAL A 1 64  ? 0.024   4.317   -2.484  1.00 29.17  ? 61  VAL A C   1 
ATOM   324  O  O   . VAL A 1 64  ? -0.727  3.386   -2.764  1.00 31.77  ? 61  VAL A O   1 
ATOM   325  C  CB  . VAL A 1 64  ? 0.914   4.602   -0.122  1.00 33.09  ? 61  VAL A CB  1 
ATOM   326  C  CG1 . VAL A 1 64  ? 0.883   5.472   1.124   1.00 33.97  ? 61  VAL A CG1 1 
ATOM   327  C  CG2 . VAL A 1 64  ? 0.719   3.136   0.238   1.00 32.91  ? 61  VAL A CG2 1 
ATOM   328  N  N   . PRO A 1 65  ? 0.999   4.680   -3.346  1.00 30.97  ? 62  PRO A N   1 
ATOM   329  C  CA  . PRO A 1 65  ? 1.170   3.988   -4.621  1.00 29.15  ? 62  PRO A CA  1 
ATOM   330  C  C   . PRO A 1 65  ? 1.665   2.542   -4.464  1.00 28.60  ? 62  PRO A C   1 
ATOM   331  O  O   . PRO A 1 65  ? 2.622   2.317   -3.750  1.00 28.04  ? 62  PRO A O   1 
ATOM   332  C  CB  . PRO A 1 65  ? 2.217   4.824   -5.380  1.00 28.80  ? 62  PRO A CB  1 
ATOM   333  C  CG  . PRO A 1 65  ? 2.506   6.048   -4.513  1.00 30.57  ? 62  PRO A CG  1 
ATOM   334  C  CD  . PRO A 1 65  ? 1.968   5.755   -3.130  1.00 29.43  ? 62  PRO A CD  1 
ATOM   335  N  N   . LYS A 1 66  ? 1.028   1.615   -5.176  1.00 29.08  ? 63  LYS A N   1 
ATOM   336  C  CA  . LYS A 1 66  ? 1.374   0.176   -5.181  1.00 31.09  ? 63  LYS A CA  1 
ATOM   337  C  C   . LYS A 1 66  ? 0.653   -0.480  -6.350  1.00 32.53  ? 63  LYS A C   1 
ATOM   338  O  O   . LYS A 1 66  ? -0.375  0.075   -6.791  1.00 36.92  ? 63  LYS A O   1 
ATOM   339  C  CB  . LYS A 1 66  ? 0.931   -0.498  -3.878  1.00 33.70  ? 63  LYS A CB  1 
ATOM   340  C  CG  . LYS A 1 66  ? -0.571  -0.728  -3.775  1.00 36.68  ? 63  LYS A CG  1 
ATOM   341  C  CD  . LYS A 1 66  ? -1.191  -0.240  -2.498  1.00 38.33  ? 63  LYS A CD  1 
ATOM   342  C  CE  . LYS A 1 66  ? -2.662  0.101   -2.629  1.00 37.98  ? 63  LYS A CE  1 
ATOM   343  N  NZ  . LYS A 1 66  ? -3.348  -0.627  -3.727  1.00 38.68  ? 63  LYS A NZ  1 
ATOM   344  N  N   . GLY A 1 67  ? 1.150   -1.624  -6.800  1.00 31.00  ? 64  GLY A N   1 
ATOM   345  C  CA  . GLY A 1 67  ? 0.550   -2.375  -7.909  1.00 30.84  ? 64  GLY A CA  1 
ATOM   346  C  C   . GLY A 1 67  ? 1.162   -3.743  -8.075  1.00 30.77  ? 64  GLY A C   1 
ATOM   347  O  O   . GLY A 1 67  ? 2.220   -4.017  -7.476  1.00 33.48  ? 64  GLY A O   1 
ATOM   348  N  N   . GLY A 1 68  ? 0.467   -4.580  -8.837  1.00 31.37  ? 65  GLY A N   1 
ATOM   349  C  CA  . GLY A 1 68  ? 0.837   -5.970  -9.117  1.00 32.43  ? 65  GLY A CA  1 
ATOM   350  C  C   . GLY A 1 68  ? 2.200   -6.023  -9.772  1.00 36.12  ? 65  GLY A C   1 
ATOM   351  O  O   . GLY A 1 68  ? 2.431   -5.265  -10.742 1.00 33.91  ? 65  GLY A O   1 
ATOM   352  N  N   . VAL A 1 69  ? 3.087   -6.837  -9.217  1.00 33.09  ? 66  VAL A N   1 
ATOM   353  C  CA  . VAL A 1 69  ? 4.329   -7.266  -9.911  1.00 33.91  ? 66  VAL A CA  1 
ATOM   354  C  C   . VAL A 1 69  ? 3.901   -7.960  -11.214 1.00 34.32  ? 66  VAL A C   1 
ATOM   355  O  O   . VAL A 1 69  ? 2.892   -8.706  -11.190 1.00 32.92  ? 66  VAL A O   1 
ATOM   356  C  CB  . VAL A 1 69  ? 5.175   -8.181  -9.017  1.00 33.79  ? 66  VAL A CB  1 
ATOM   357  C  CG1 . VAL A 1 69  ? 6.367   -8.759  -9.766  1.00 34.55  ? 66  VAL A CG1 1 
ATOM   358  C  CG2 . VAL A 1 69  ? 5.627   -7.461  -7.751  1.00 34.19  ? 66  VAL A CG2 1 
ATOM   359  N  N   . GLU A 1 70  ? 4.627   -7.692  -12.306 1.00 36.22  ? 67  GLU A N   1 
ATOM   360  C  CA  . GLU A 1 70  ? 4.402   -8.297  -13.647 1.00 39.08  ? 67  GLU A CA  1 
ATOM   361  C  C   . GLU A 1 70  ? 5.490   -9.339  -13.909 1.00 41.08  ? 67  GLU A C   1 
ATOM   362  O  O   . GLU A 1 70  ? 6.590   -9.187  -13.362 1.00 41.19  ? 67  GLU A O   1 
ATOM   363  C  CB  . GLU A 1 70  ? 4.356   -7.192  -14.697 1.00 42.75  ? 67  GLU A CB  1 
ATOM   364  C  CG  . GLU A 1 70  ? 3.363   -6.112  -14.324 1.00 45.71  ? 67  GLU A CG  1 
ATOM   365  C  CD  . GLU A 1 70  ? 2.902   -5.214  -15.453 1.00 51.04  ? 67  GLU A CD  1 
ATOM   366  O  OE1 . GLU A 1 70  ? 3.743   -4.865  -16.312 1.00 52.28  ? 67  GLU A OE1 1 
ATOM   367  O  OE2 . GLU A 1 70  ? 1.699   -4.869  -15.464 1.00 51.81  ? 67  GLU A OE2 1 
ATOM   368  N  N   . LYS A 1 71  ? 5.172   -10.361 -14.711 1.00 44.24  ? 68  LYS A N   1 
ATOM   369  C  CA  . LYS A 1 71  ? 5.976   -11.604 -14.896 1.00 50.60  ? 68  LYS A CA  1 
ATOM   370  C  C   . LYS A 1 71  ? 7.406   -11.290 -15.361 1.00 52.87  ? 68  LYS A C   1 
ATOM   371  O  O   . LYS A 1 71  ? 8.301   -12.114 -15.085 1.00 53.75  ? 68  LYS A O   1 
ATOM   372  C  CB  . LYS A 1 71  ? 5.284   -12.536 -15.896 1.00 53.32  ? 68  LYS A CB  1 
ATOM   373  C  CG  . LYS A 1 71  ? 4.190   -13.400 -15.291 1.00 58.27  ? 68  LYS A CG  1 
ATOM   374  C  CD  . LYS A 1 71  ? 3.187   -13.916 -16.292 1.00 63.50  ? 68  LYS A CD  1 
ATOM   375  C  CE  . LYS A 1 71  ? 2.137   -14.798 -15.651 1.00 65.59  ? 68  LYS A CE  1 
ATOM   376  N  NZ  . LYS A 1 71  ? 1.326   -15.503 -16.670 1.00 66.47  ? 68  LYS A NZ  1 
ATOM   377  N  N   . ASP A 1 72  ? 7.619   -10.160 -16.040 1.00 54.67  ? 69  ASP A N   1 
ATOM   378  C  CA  . ASP A 1 72  ? 8.925   -9.818  -16.665 1.00 60.05  ? 69  ASP A CA  1 
ATOM   379  C  C   . ASP A 1 72  ? 9.785   -8.986  -15.701 1.00 58.13  ? 69  ASP A C   1 
ATOM   380  O  O   . ASP A 1 72  ? 10.988  -8.808  -15.998 1.00 57.56  ? 69  ASP A O   1 
ATOM   381  C  CB  . ASP A 1 72  ? 8.695   -9.129  -18.013 1.00 65.30  ? 69  ASP A CB  1 
ATOM   382  C  CG  . ASP A 1 72  ? 8.009   -10.024 -19.036 1.00 71.15  ? 69  ASP A CG  1 
ATOM   383  O  OD1 . ASP A 1 72  ? 7.171   -9.501  -19.800 1.00 77.04  ? 69  ASP A OD1 1 
ATOM   384  O  OD2 . ASP A 1 72  ? 8.317   -11.240 -19.069 1.00 72.76  ? 69  ASP A OD2 1 
ATOM   385  N  N   . GLU A 1 73  ? 9.226   -8.517  -14.581 1.00 47.77  ? 70  GLU A N   1 
ATOM   386  C  CA  . GLU A 1 73  ? 9.953   -7.641  -13.623 1.00 44.73  ? 70  GLU A CA  1 
ATOM   387  C  C   . GLU A 1 73  ? 10.916  -8.484  -12.791 1.00 41.21  ? 70  GLU A C   1 
ATOM   388  O  O   . GLU A 1 73  ? 10.529  -9.497  -12.216 1.00 41.83  ? 70  GLU A O   1 
ATOM   389  C  CB  . GLU A 1 73  ? 8.952   -6.847  -12.786 1.00 44.31  ? 70  GLU A CB  1 
ATOM   390  C  CG  . GLU A 1 73  ? 8.107   -5.927  -13.644 1.00 45.30  ? 70  GLU A CG  1 
ATOM   391  C  CD  . GLU A 1 73  ? 7.300   -4.886  -12.893 1.00 46.23  ? 70  GLU A CD  1 
ATOM   392  O  OE1 . GLU A 1 73  ? 6.475   -5.283  -12.043 1.00 43.17  ? 70  GLU A OE1 1 
ATOM   393  O  OE2 . GLU A 1 73  ? 7.487   -3.685  -13.173 1.00 43.25  ? 70  GLU A OE2 1 
ATOM   394  N  N   . PRO A 1 74  ? 12.209  -8.094  -12.712 1.00 41.79  ? 71  PRO A N   1 
ATOM   395  C  CA  . PRO A 1 74  ? 13.221  -8.892  -12.013 1.00 40.15  ? 71  PRO A CA  1 
ATOM   396  C  C   . PRO A 1 74  ? 13.280  -8.758  -10.480 1.00 36.52  ? 71  PRO A C   1 
ATOM   397  O  O   . PRO A 1 74  ? 13.923  -9.581  -9.851  1.00 36.55  ? 71  PRO A O   1 
ATOM   398  C  CB  . PRO A 1 74  ? 14.535  -8.353  -12.605 1.00 41.42  ? 71  PRO A CB  1 
ATOM   399  C  CG  . PRO A 1 74  ? 14.233  -6.904  -12.937 1.00 41.58  ? 71  PRO A CG  1 
ATOM   400  C  CD  . PRO A 1 74  ? 12.769  -6.877  -13.327 1.00 41.66  ? 71  PRO A CD  1 
ATOM   401  N  N   . ASN A 1 75  ? 12.641  -7.736  -9.905  1.00 34.28  ? 72  ASN A N   1 
ATOM   402  C  CA  . ASN A 1 75  ? 12.699  -7.488  -8.442  1.00 32.54  ? 72  ASN A CA  1 
ATOM   403  C  C   . ASN A 1 75  ? 11.558  -6.560  -8.027  1.00 28.60  ? 72  ASN A C   1 
ATOM   404  O  O   . ASN A 1 75  ? 10.956  -5.889  -8.903  1.00 29.15  ? 72  ASN A O   1 
ATOM   405  C  CB  . ASN A 1 75  ? 14.045  -6.906  -8.005  1.00 33.22  ? 72  ASN A CB  1 
ATOM   406  C  CG  . ASN A 1 75  ? 14.456  -5.662  -8.768  1.00 35.18  ? 72  ASN A CG  1 
ATOM   407  O  OD1 . ASN A 1 75  ? 13.685  -4.717  -8.914  1.00 32.19  ? 72  ASN A OD1 1 
ATOM   408  N  ND2 . ASN A 1 75  ? 15.676  -5.659  -9.278  1.00 37.99  ? 72  ASN A ND2 1 
ATOM   409  N  N   . TYR A 1 76  ? 11.275  -6.501  -6.727  1.00 29.80  ? 73  TYR A N   1 
ATOM   410  C  CA  . TYR A 1 76  ? 10.132  -5.717  -6.201  1.00 29.68  ? 73  TYR A CA  1 
ATOM   411  C  C   . TYR A 1 76  ? 10.401  -4.214  -6.343  1.00 29.22  ? 73  TYR A C   1 
ATOM   412  O  O   . TYR A 1 76  ? 9.456   -3.450  -6.571  1.00 29.37  ? 73  TYR A O   1 
ATOM   413  C  CB  . TYR A 1 76  ? 9.843   -6.133  -4.759  1.00 30.47  ? 73  TYR A CB  1 
ATOM   414  C  CG  . TYR A 1 76  ? 9.229   -7.498  -4.600  1.00 30.32  ? 73  TYR A CG  1 
ATOM   415  C  CD1 . TYR A 1 76  ? 7.903   -7.717  -4.925  1.00 29.71  ? 73  TYR A CD1 1 
ATOM   416  C  CD2 . TYR A 1 76  ? 9.957   -8.566  -4.093  1.00 30.62  ? 73  TYR A CD2 1 
ATOM   417  C  CE1 . TYR A 1 76  ? 7.317   -8.959  -4.770  1.00 32.04  ? 73  TYR A CE1 1 
ATOM   418  C  CE2 . TYR A 1 76  ? 9.382   -9.816  -3.920  1.00 31.61  ? 73  TYR A CE2 1 
ATOM   419  C  CZ  . TYR A 1 76  ? 8.055   -10.013 -4.261  1.00 31.71  ? 73  TYR A CZ  1 
ATOM   420  O  OH  . TYR A 1 76  ? 7.475   -11.233 -4.088  1.00 33.45  ? 73  TYR A OH  1 
ATOM   421  N  N   . GLU A 1 77  ? 11.656  -3.781  -6.207  1.00 29.16  ? 74  GLU A N   1 
ATOM   422  C  CA  . GLU A 1 77  ? 12.044  -2.359  -6.367  1.00 30.87  ? 74  GLU A CA  1 
ATOM   423  C  C   . GLU A 1 77  ? 11.565  -1.858  -7.736  1.00 28.63  ? 74  GLU A C   1 
ATOM   424  O  O   . GLU A 1 77  ? 11.107  -0.710  -7.814  1.00 28.53  ? 74  GLU A O   1 
ATOM   425  C  CB  . GLU A 1 77  ? 13.552  -2.170  -6.232  1.00 32.54  ? 74  GLU A CB  1 
ATOM   426  C  CG  . GLU A 1 77  ? 14.066  -2.390  -4.831  1.00 34.69  ? 74  GLU A CG  1 
ATOM   427  C  CD  . GLU A 1 77  ? 14.560  -3.797  -4.538  1.00 37.87  ? 74  GLU A CD  1 
ATOM   428  O  OE1 . GLU A 1 77  ? 14.144  -4.751  -5.249  1.00 34.98  ? 74  GLU A OE1 1 
ATOM   429  O  OE2 . GLU A 1 77  ? 15.364  -3.930  -3.594  1.00 41.21  ? 74  GLU A OE2 1 
ATOM   430  N  N   . THR A 1 78  ? 11.675  -2.679  -8.779  1.00 30.37  ? 75  THR A N   1 
ATOM   431  C  CA  . THR A 1 78  ? 11.286  -2.288  -10.160 1.00 32.40  ? 75  THR A CA  1 
ATOM   432  C  C   . THR A 1 78  ? 9.786   -1.984  -10.179 1.00 32.87  ? 75  THR A C   1 
ATOM   433  O  O   . THR A 1 78  ? 9.405   -0.895  -10.640 1.00 32.06  ? 75  THR A O   1 
ATOM   434  C  CB  . THR A 1 78  ? 11.618  -3.384  -11.181 1.00 34.08  ? 75  THR A CB  1 
ATOM   435  O  OG1 . THR A 1 78  ? 13.030  -3.572  -11.172 1.00 35.63  ? 75  THR A OG1 1 
ATOM   436  C  CG2 . THR A 1 78  ? 11.163  -3.050  -12.583 1.00 35.37  ? 75  THR A CG2 1 
ATOM   437  N  N   . THR A 1 79  ? 8.976   -2.941  -9.726  1.00 34.47  ? 76  THR A N   1 
ATOM   438  C  CA  . THR A 1 79  ? 7.507   -2.786  -9.586  1.00 31.64  ? 76  THR A CA  1 
ATOM   439  C  C   . THR A 1 79  ? 7.201   -1.520  -8.791  1.00 29.45  ? 76  THR A C   1 
ATOM   440  O  O   . THR A 1 79  ? 6.364   -0.735  -9.276  1.00 30.09  ? 76  THR A O   1 
ATOM   441  C  CB  . THR A 1 79  ? 6.865   -3.994  -8.902  1.00 32.07  ? 76  THR A CB  1 
ATOM   442  O  OG1 . THR A 1 79  ? 7.194   -5.138  -9.682  1.00 32.53  ? 76  THR A OG1 1 
ATOM   443  C  CG2 . THR A 1 79  ? 5.362   -3.864  -8.794  1.00 31.41  ? 76  THR A CG2 1 
ATOM   444  N  N   . ALA A 1 80  ? 7.821   -1.347  -7.613  1.00 29.87  ? 77  ALA A N   1 
ATOM   445  C  CA  . ALA A 1 80  ? 7.563   -0.228  -6.674  1.00 27.89  ? 77  ALA A CA  1 
ATOM   446  C  C   . ALA A 1 80  ? 7.801   1.116   -7.371  1.00 29.59  ? 77  ALA A C   1 
ATOM   447  O  O   . ALA A 1 80  ? 6.946   1.996   -7.259  1.00 30.47  ? 77  ALA A O   1 
ATOM   448  C  CB  . ALA A 1 80  ? 8.391   -0.345  -5.412  1.00 28.34  ? 77  ALA A CB  1 
ATOM   449  N  N   . GLN A 1 81  ? 8.911   1.280   -8.091  1.00 30.17  ? 78  GLN A N   1 
ATOM   450  C  CA  . GLN A 1 81  ? 9.245   2.587   -8.721  1.00 31.07  ? 78  GLN A CA  1 
ATOM   451  C  C   . GLN A 1 81  ? 8.356   2.803   -9.950  1.00 27.85  ? 78  GLN A C   1 
ATOM   452  O  O   . GLN A 1 81  ? 7.960   3.967   -10.179 1.00 29.23  ? 78  GLN A O   1 
ATOM   453  C  CB  . GLN A 1 81  ? 10.750  2.680   -8.970  1.00 32.87  ? 78  GLN A CB  1 
ATOM   454  C  CG  . GLN A 1 81  ? 11.501  2.838   -7.657  1.00 36.66  ? 78  GLN A CG  1 
ATOM   455  C  CD  . GLN A 1 81  ? 12.982  3.076   -7.784  1.00 39.68  ? 78  GLN A CD  1 
ATOM   456  O  OE1 . GLN A 1 81  ? 13.475  4.149   -7.457  1.00 41.90  ? 78  GLN A OE1 1 
ATOM   457  N  NE2 . GLN A 1 81  ? 13.705  2.052   -8.207  1.00 44.04  ? 78  GLN A NE2 1 
ATOM   458  N  N   . ARG A 1 82  ? 8.010   1.735   -10.676 1.00 30.75  ? 79  ARG A N   1 
ATOM   459  C  CA  . ARG A 1 82  ? 7.084   1.795   -11.835 1.00 30.43  ? 79  ARG A CA  1 
ATOM   460  C  C   . ARG A 1 82  ? 5.714   2.283   -11.351 1.00 32.13  ? 79  ARG A C   1 
ATOM   461  O  O   . ARG A 1 82  ? 5.122   3.152   -11.985 1.00 28.95  ? 79  ARG A O   1 
ATOM   462  C  CB  . ARG A 1 82  ? 6.946   0.439   -12.531 1.00 32.93  ? 79  ARG A CB  1 
ATOM   463  C  CG  . ARG A 1 82  ? 5.851   0.424   -13.589 1.00 35.01  ? 79  ARG A CG  1 
ATOM   464  C  CD  . ARG A 1 82  ? 5.782   -0.837  -14.418 1.00 38.49  ? 79  ARG A CD  1 
ATOM   465  N  NE  . ARG A 1 82  ? 5.432   -2.002  -13.623 1.00 38.73  ? 79  ARG A NE  1 
ATOM   466  C  CZ  . ARG A 1 82  ? 4.227   -2.250  -13.110 1.00 40.24  ? 79  ARG A CZ  1 
ATOM   467  N  NH1 . ARG A 1 82  ? 3.225   -1.400  -13.286 1.00 41.71  ? 79  ARG A NH1 1 
ATOM   468  N  NH2 . ARG A 1 82  ? 4.028   -3.357  -12.417 1.00 38.96  ? 79  ARG A NH2 1 
ATOM   469  N  N   . GLU A 1 83  ? 5.213   1.716   -10.256 1.00 32.58  ? 80  GLU A N   1 
ATOM   470  C  CA  . GLU A 1 83  ? 3.850   2.032   -9.768  1.00 32.66  ? 80  GLU A CA  1 
ATOM   471  C  C   . GLU A 1 83  ? 3.836   3.465   -9.236  1.00 28.97  ? 80  GLU A C   1 
ATOM   472  O  O   . GLU A 1 83  ? 2.825   4.164   -9.432  1.00 30.46  ? 80  GLU A O   1 
ATOM   473  C  CB  . GLU A 1 83  ? 3.420   0.981   -8.741  1.00 31.82  ? 80  GLU A CB  1 
ATOM   474  C  CG  . GLU A 1 83  ? 3.008   -0.332  -9.392  1.00 34.27  ? 80  GLU A CG  1 
ATOM   475  C  CD  . GLU A 1 83  ? 1.789   -0.260  -10.296 1.00 38.69  ? 80  GLU A CD  1 
ATOM   476  O  OE1 . GLU A 1 83  ? 1.533   -1.241  -11.035 1.00 44.11  ? 80  GLU A OE1 1 
ATOM   477  O  OE2 . GLU A 1 83  ? 1.088   0.766   -10.250 1.00 45.41  ? 80  GLU A OE2 1 
ATOM   478  N  N   . THR A 1 84  ? 4.925   3.906   -8.613  1.00 28.56  ? 81  THR A N   1 
ATOM   479  C  CA  . THR A 1 84  ? 5.056   5.244   -7.993  1.00 28.90  ? 81  THR A CA  1 
ATOM   480  C  C   . THR A 1 84  ? 5.101   6.297   -9.106  1.00 32.17  ? 81  THR A C   1 
ATOM   481  O  O   . THR A 1 84  ? 4.551   7.404   -8.920  1.00 29.98  ? 81  THR A O   1 
ATOM   482  C  CB  . THR A 1 84  ? 6.276   5.250   -7.075  1.00 32.49  ? 81  THR A CB  1 
ATOM   483  O  OG1 . THR A 1 84  ? 6.012   4.227   -6.114  1.00 34.83  ? 81  THR A OG1 1 
ATOM   484  C  CG2 . THR A 1 84  ? 6.539   6.562   -6.376  1.00 33.78  ? 81  THR A CG2 1 
ATOM   485  N  N   . TRP A 1 85  ? 5.687   5.949   -10.252 1.00 31.44  ? 82  TRP A N   1 
ATOM   486  C  CA  . TRP A 1 85  ? 5.645   6.857   -11.425 1.00 28.93  ? 82  TRP A CA  1 
ATOM   487  C  C   . TRP A 1 85  ? 4.237   6.847   -12.045 1.00 28.12  ? 82  TRP A C   1 
ATOM   488  O  O   . TRP A 1 85  ? 3.702   7.947   -12.260 1.00 32.13  ? 82  TRP A O   1 
ATOM   489  C  CB  . TRP A 1 85  ? 6.747   6.531   -12.442 1.00 30.52  ? 82  TRP A CB  1 
ATOM   490  C  CG  . TRP A 1 85  ? 6.497   7.324   -13.683 1.00 30.94  ? 82  TRP A CG  1 
ATOM   491  C  CD1 . TRP A 1 85  ? 5.994   6.860   -14.859 1.00 30.37  ? 82  TRP A CD1 1 
ATOM   492  C  CD2 . TRP A 1 85  ? 6.572   8.755   -13.806 1.00 31.76  ? 82  TRP A CD2 1 
ATOM   493  N  NE1 . TRP A 1 85  ? 5.772   7.906   -15.712 1.00 28.57  ? 82  TRP A NE1 1 
ATOM   494  C  CE2 . TRP A 1 85  ? 6.137   9.075   -15.106 1.00 29.06  ? 82  TRP A CE2 1 
ATOM   495  C  CE3 . TRP A 1 85  ? 6.982   9.791   -12.960 1.00 33.46  ? 82  TRP A CE3 1 
ATOM   496  C  CZ2 . TRP A 1 85  ? 6.086   10.389  -15.569 1.00 31.75  ? 82  TRP A CZ2 1 
ATOM   497  C  CZ3 . TRP A 1 85  ? 6.943   11.089  -13.421 1.00 32.78  ? 82  TRP A CZ3 1 
ATOM   498  C  CH2 . TRP A 1 85  ? 6.513   11.379  -14.716 1.00 32.56  ? 82  TRP A CH2 1 
ATOM   499  N  N   . GLU A 1 86  ? 3.677   5.671   -12.354 1.00 31.31  ? 83  GLU A N   1 
ATOM   500  C  CA  . GLU A 1 86  ? 2.360   5.496   -13.028 1.00 32.07  ? 83  GLU A CA  1 
ATOM   501  C  C   . GLU A 1 86  ? 1.244   6.174   -12.210 1.00 31.68  ? 83  GLU A C   1 
ATOM   502  O  O   . GLU A 1 86  ? 0.374   6.821   -12.815 1.00 29.70  ? 83  GLU A O   1 
ATOM   503  C  CB  . GLU A 1 86  ? 2.047   4.013   -13.253 1.00 35.36  ? 83  GLU A CB  1 
ATOM   504  C  CG  . GLU A 1 86  ? 2.925   3.341   -14.303 1.00 40.50  ? 83  GLU A CG  1 
ATOM   505  C  CD  . GLU A 1 86  ? 2.602   1.884   -14.608 1.00 45.59  ? 83  GLU A CD  1 
ATOM   506  O  OE1 . GLU A 1 86  ? 1.788   1.286   -13.867 1.00 54.07  ? 83  GLU A OE1 1 
ATOM   507  O  OE2 . GLU A 1 86  ? 3.168   1.340   -15.587 1.00 50.81  ? 83  GLU A OE2 1 
ATOM   508  N  N   . GLU A 1 87  ? 1.262   6.059   -10.880 1.00 33.99  ? 84  GLU A N   1 
ATOM   509  C  CA  . GLU A 1 87  ? 0.095   6.451   -10.040 1.00 32.74  ? 84  GLU A CA  1 
ATOM   510  C  C   . GLU A 1 87  ? 0.263   7.834   -9.388  1.00 34.39  ? 84  GLU A C   1 
ATOM   511  O  O   . GLU A 1 87  ? -0.787  8.405   -9.011  1.00 34.06  ? 84  GLU A O   1 
ATOM   512  C  CB  . GLU A 1 87  ? -0.163  5.345   -9.007  1.00 29.50  ? 84  GLU A CB  1 
ATOM   513  C  CG  . GLU A 1 87  ? -0.549  4.000   -9.613  1.00 31.08  ? 84  GLU A CG  1 
ATOM   514  C  CD  . GLU A 1 87  ? -1.016  2.981   -8.578  1.00 31.52  ? 84  GLU A CD  1 
ATOM   515  O  OE1 . GLU A 1 87  ? -1.514  1.895   -8.966  1.00 31.62  ? 84  GLU A OE1 1 
ATOM   516  O  OE2 . GLU A 1 87  ? -0.864  3.275   -7.385  1.00 33.20  ? 84  GLU A OE2 1 
ATOM   517  N  N   . ALA A 1 88  ? 1.484   8.363   -9.223  1.00 31.30  ? 85  ALA A N   1 
ATOM   518  C  CA  . ALA A 1 88  ? 1.754   9.584   -8.421  1.00 32.68  ? 85  ALA A CA  1 
ATOM   519  C  C   . ALA A 1 88  ? 2.705   10.567  -9.118  1.00 30.98  ? 85  ALA A C   1 
ATOM   520  O  O   . ALA A 1 88  ? 2.986   11.620  -8.521  1.00 31.42  ? 85  ALA A O   1 
ATOM   521  C  CB  . ALA A 1 88  ? 2.295   9.184   -7.066  1.00 32.08  ? 85  ALA A CB  1 
ATOM   522  N  N   . GLY A 1 89  ? 3.203   10.260  -10.315 1.00 35.70  ? 86  GLY A N   1 
ATOM   523  C  CA  . GLY A 1 89  ? 4.170   11.141  -11.003 1.00 33.09  ? 86  GLY A CA  1 
ATOM   524  C  C   . GLY A 1 89  ? 5.320   11.482  -10.079 1.00 30.26  ? 86  GLY A C   1 
ATOM   525  O  O   . GLY A 1 89  ? 5.742   12.645  -10.011 1.00 32.87  ? 86  GLY A O   1 
ATOM   526  N  N   . CYS A 1 90  ? 5.788   10.487  -9.333  1.00 31.29  ? 87  CYS A N   1 
ATOM   527  C  CA  . CYS A 1 90  ? 6.831   10.657  -8.300  1.00 31.85  ? 87  CYS A CA  1 
ATOM   528  C  C   . CYS A 1 90  ? 8.074   9.870   -8.711  1.00 31.08  ? 87  CYS A C   1 
ATOM   529  O  O   . CYS A 1 90  ? 7.932   8.695   -9.117  1.00 32.48  ? 87  CYS A O   1 
ATOM   530  C  CB  . CYS A 1 90  ? 6.359   10.173  -6.932  1.00 32.43  ? 87  CYS A CB  1 
ATOM   531  S  SG  . CYS A 1 90  ? 7.647   10.350  -5.675  1.00 34.86  ? 87  CYS A SG  1 
ATOM   532  N  N   . ILE A 1 91  ? 9.222   10.529  -8.627  1.00 31.69  ? 88  ILE A N   1 
ATOM   533  C  CA  . ILE A 1 91  ? 10.561  9.955   -8.926  1.00 33.47  ? 88  ILE A CA  1 
ATOM   534  C  C   . ILE A 1 91  ? 11.444  10.197  -7.706  1.00 30.53  ? 88  ILE A C   1 
ATOM   535  O  O   . ILE A 1 91  ? 11.505  11.332  -7.219  1.00 31.94  ? 88  ILE A O   1 
ATOM   536  C  CB  . ILE A 1 91  ? 11.174  10.594  -10.196 1.00 34.53  ? 88  ILE A CB  1 
ATOM   537  C  CG1 . ILE A 1 91  ? 10.284  10.398  -11.426 1.00 36.16  ? 88  ILE A CG1 1 
ATOM   538  C  CG2 . ILE A 1 91  ? 12.580  10.081  -10.424 1.00 36.99  ? 88  ILE A CG2 1 
ATOM   539  C  CD1 . ILE A 1 91  ? 10.193  8.968   -11.921 1.00 36.92  ? 88  ILE A CD1 1 
ATOM   540  N  N   . GLY A 1 92  ? 12.173  9.182   -7.268  1.00 32.53  ? 89  GLY A N   1 
ATOM   541  C  CA  . GLY A 1 92  ? 13.195  9.370   -6.234  1.00 31.87  ? 89  GLY A CA  1 
ATOM   542  C  C   . GLY A 1 92  ? 14.046  8.138   -6.071  1.00 32.13  ? 89  GLY A C   1 
ATOM   543  O  O   . GLY A 1 92  ? 14.001  7.251   -6.946  1.00 35.35  ? 89  GLY A O   1 
ATOM   544  N  N   . LYS A 1 93  ? 14.769  8.065   -4.966  1.00 34.19  ? 90  LYS A N   1 
ATOM   545  C  CA  . LYS A 1 93  ? 15.658  6.912   -4.710  1.00 36.57  ? 90  LYS A CA  1 
ATOM   546  C  C   . LYS A 1 93  ? 15.147  6.127   -3.502  1.00 34.52  ? 90  LYS A C   1 
ATOM   547  O  O   . LYS A 1 93  ? 14.771  6.748   -2.460  1.00 30.99  ? 90  LYS A O   1 
ATOM   548  C  CB  . LYS A 1 93  ? 17.114  7.355   -4.583  1.00 41.00  ? 90  LYS A CB  1 
ATOM   549  C  CG  . LYS A 1 93  ? 17.499  8.136   -3.340  1.00 43.04  ? 90  LYS A CG  1 
ATOM   550  C  CD  . LYS A 1 93  ? 18.951  7.897   -2.972  1.00 47.70  ? 90  LYS A CD  1 
ATOM   551  C  CE  . LYS A 1 93  ? 19.632  9.102   -2.361  1.00 50.83  ? 90  LYS A CE  1 
ATOM   552  N  NZ  . LYS A 1 93  ? 21.057  8.814   -2.076  1.00 54.90  ? 90  LYS A NZ  1 
ATOM   553  N  N   . ILE A 1 94  ? 15.150  4.808   -3.661  1.00 33.12  ? 91  ILE A N   1 
ATOM   554  C  CA  . ILE A 1 94  ? 14.855  3.830   -2.578  1.00 32.50  ? 91  ILE A CA  1 
ATOM   555  C  C   . ILE A 1 94  ? 15.982  3.933   -1.539  1.00 34.68  ? 91  ILE A C   1 
ATOM   556  O  O   . ILE A 1 94  ? 17.161  3.816   -1.915  1.00 35.80  ? 91  ILE A O   1 
ATOM   557  C  CB  . ILE A 1 94  ? 14.617  2.429   -3.179  1.00 30.04  ? 91  ILE A CB  1 
ATOM   558  C  CG1 . ILE A 1 94  ? 13.291  2.424   -3.947  1.00 32.23  ? 91  ILE A CG1 1 
ATOM   559  C  CG2 . ILE A 1 94  ? 14.660  1.340   -2.111  1.00 31.57  ? 91  ILE A CG2 1 
ATOM   560  C  CD1 . ILE A 1 94  ? 12.916  1.112   -4.586  1.00 33.49  ? 91  ILE A CD1 1 
ATOM   561  N  N   . VAL A 1 95  ? 15.631  4.232   -0.284  1.00 33.54  ? 92  VAL A N   1 
ATOM   562  C  CA  . VAL A 1 95  ? 16.605  4.401   0.832   1.00 33.18  ? 92  VAL A CA  1 
ATOM   563  C  C   . VAL A 1 95  ? 16.371  3.344   1.919   1.00 34.39  ? 92  VAL A C   1 
ATOM   564  O  O   . VAL A 1 95  ? 17.185  3.321   2.845   1.00 33.73  ? 92  VAL A O   1 
ATOM   565  C  CB  . VAL A 1 95  ? 16.557  5.814   1.449   1.00 37.05  ? 92  VAL A CB  1 
ATOM   566  C  CG1 . VAL A 1 95  ? 16.871  6.893   0.431   1.00 35.76  ? 92  VAL A CG1 1 
ATOM   567  C  CG2 . VAL A 1 95  ? 15.226  6.096   2.132   1.00 38.03  ? 92  VAL A CG2 1 
ATOM   568  N  N   . ALA A 1 96  ? 15.308  2.530   1.851   1.00 32.33  ? 93  ALA A N   1 
ATOM   569  C  CA  . ALA A 1 96  ? 15.082  1.441   2.834   1.00 33.85  ? 93  ALA A CA  1 
ATOM   570  C  C   . ALA A 1 96  ? 14.071  0.423   2.310   1.00 32.79  ? 93  ALA A C   1 
ATOM   571  O  O   . ALA A 1 96  ? 13.124  0.810   1.592   1.00 31.65  ? 93  ALA A O   1 
ATOM   572  C  CB  . ALA A 1 96  ? 14.646  2.004   4.166   1.00 34.12  ? 93  ALA A CB  1 
ATOM   573  N  N   . ASN A 1 97  ? 14.287  -0.839  2.680   1.00 31.58  ? 94  ASN A N   1 
ATOM   574  C  CA  . ASN A 1 97  ? 13.354  -1.971  2.474   1.00 30.17  ? 94  ASN A CA  1 
ATOM   575  C  C   . ASN A 1 97  ? 12.491  -2.061  3.735   1.00 30.91  ? 94  ASN A C   1 
ATOM   576  O  O   . ASN A 1 97  ? 13.054  -2.337  4.812   1.00 32.45  ? 94  ASN A O   1 
ATOM   577  C  CB  . ASN A 1 97  ? 14.119  -3.263  2.174   1.00 32.92  ? 94  ASN A CB  1 
ATOM   578  C  CG  . ASN A 1 97  ? 13.229  -4.454  1.883   1.00 35.48  ? 94  ASN A CG  1 
ATOM   579  O  OD1 . ASN A 1 97  ? 12.037  -4.455  2.194   1.00 39.79  ? 94  ASN A OD1 1 
ATOM   580  N  ND2 . ASN A 1 97  ? 13.796  -5.473  1.260   1.00 38.18  ? 94  ASN A ND2 1 
ATOM   581  N  N   . LEU A 1 98  ? 11.187  -1.807  3.601   1.00 27.53  ? 95  LEU A N   1 
ATOM   582  C  CA  . LEU A 1 98  ? 10.248  -1.770  4.756   1.00 28.46  ? 95  LEU A CA  1 
ATOM   583  C  C   . LEU A 1 98  ? 9.584   -3.144  4.904   1.00 29.59  ? 95  LEU A C   1 
ATOM   584  O  O   . LEU A 1 98  ? 8.660   -3.268  5.735   1.00 32.97  ? 95  LEU A O   1 
ATOM   585  C  CB  . LEU A 1 98  ? 9.210   -0.665  4.545   1.00 27.48  ? 95  LEU A CB  1 
ATOM   586  C  CG  . LEU A 1 98  ? 9.741   0.754   4.345   1.00 26.47  ? 95  LEU A CG  1 
ATOM   587  C  CD1 . LEU A 1 98  ? 8.584   1.714   4.155   1.00 27.61  ? 95  LEU A CD1 1 
ATOM   588  C  CD2 . LEU A 1 98  ? 10.627  1.212   5.488   1.00 27.72  ? 95  LEU A CD2 1 
ATOM   589  N  N   . GLY A 1 99  ? 10.021  -4.140  4.136   1.00 31.47  ? 96  GLY A N   1 
ATOM   590  C  CA  . GLY A 1 99  ? 9.576   -5.534  4.303   1.00 31.45  ? 96  GLY A CA  1 
ATOM   591  C  C   . GLY A 1 99  ? 8.182   -5.732  3.759   1.00 32.48  ? 96  GLY A C   1 
ATOM   592  O  O   . GLY A 1 99  ? 7.781   -4.948  2.870   1.00 33.97  ? 96  GLY A O   1 
ATOM   593  N  N   . THR A 1 100 ? 7.449   -6.713  4.297   1.00 31.72  ? 97  THR A N   1 
ATOM   594  C  CA  . THR A 1 100 ? 6.123   -7.138  3.780   1.00 30.91  ? 97  THR A CA  1 
ATOM   595  C  C   . THR A 1 100 ? 5.023   -6.843  4.810   1.00 32.96  ? 97  THR A C   1 
ATOM   596  O  O   . THR A 1 100 ? 5.306   -6.806  6.024   1.00 28.04  ? 97  THR A O   1 
ATOM   597  C  CB  . THR A 1 100 ? 6.083   -8.613  3.362   1.00 33.03  ? 97  THR A CB  1 
ATOM   598  O  OG1 . THR A 1 100 ? 6.213   -9.442  4.516   1.00 34.22  ? 97  THR A OG1 1 
ATOM   599  C  CG2 . THR A 1 100 ? 7.161   -8.984  2.364   1.00 34.73  ? 97  THR A CG2 1 
ATOM   600  N  N   . VAL A 1 101 ? 3.831   -6.598  4.282   1.00 32.31  ? 98  VAL A N   1 
ATOM   601  C  CA  . VAL A 1 101 ? 2.539   -6.499  5.015   1.00 34.55  ? 98  VAL A CA  1 
ATOM   602  C  C   . VAL A 1 101 ? 1.504   -7.219  4.149   1.00 34.40  ? 98  VAL A C   1 
ATOM   603  O  O   . VAL A 1 101 ? 1.782   -7.462  2.968   1.00 35.06  ? 98  VAL A O   1 
ATOM   604  C  CB  . VAL A 1 101 ? 2.174   -5.037  5.317   1.00 34.51  ? 98  VAL A CB  1 
ATOM   605  C  CG1 . VAL A 1 101 ? 3.214   -4.377  6.208   1.00 34.47  ? 98  VAL A CG1 1 
ATOM   606  C  CG2 . VAL A 1 101 ? 1.970   -4.213  4.052   1.00 35.14  ? 98  VAL A CG2 1 
ATOM   607  N  N   . GLU A 1 102 ? 0.375   -7.614  4.731   1.00 35.75  ? 99  GLU A N   1 
ATOM   608  C  CA  . GLU A 1 102 ? -0.620  -8.486  4.054   1.00 37.99  ? 99  GLU A CA  1 
ATOM   609  C  C   . GLU A 1 102 ? -1.982  -7.800  4.108   1.00 36.57  ? 99  GLU A C   1 
ATOM   610  O  O   . GLU A 1 102 ? -2.289  -7.209  5.168   1.00 35.16  ? 99  GLU A O   1 
ATOM   611  C  CB  . GLU A 1 102 ? -0.683  -9.857  4.727   1.00 43.80  ? 99  GLU A CB  1 
ATOM   612  C  CG  . GLU A 1 102 ? 0.620   -10.630 4.663   1.00 47.82  ? 99  GLU A CG  1 
ATOM   613  C  CD  . GLU A 1 102 ? 0.535   -12.012 5.288   1.00 51.76  ? 99  GLU A CD  1 
ATOM   614  O  OE1 . GLU A 1 102 ? -0.433  -12.263 6.030   1.00 50.97  ? 99  GLU A OE1 1 
ATOM   615  O  OE2 . GLU A 1 102 ? 1.441   -12.832 5.033   1.00 59.61  ? 99  GLU A OE2 1 
ATOM   616  N  N   . ASP A 1 103 ? -2.730  -7.844  3.004   1.00 36.56  ? 100 ASP A N   1 
ATOM   617  C  CA  . ASP A 1 103 ? -4.177  -7.503  2.975   1.00 37.91  ? 100 ASP A CA  1 
ATOM   618  C  C   . ASP A 1 103 ? -4.926  -8.716  3.528   1.00 37.11  ? 100 ASP A C   1 
ATOM   619  O  O   . ASP A 1 103 ? -5.023  -9.721  2.806   1.00 37.50  ? 100 ASP A O   1 
ATOM   620  C  CB  . ASP A 1 103 ? -4.691  -7.125  1.580   1.00 37.55  ? 100 ASP A CB  1 
ATOM   621  C  CG  . ASP A 1 103 ? -6.102  -6.547  1.583   1.00 41.54  ? 100 ASP A CG  1 
ATOM   622  O  OD1 . ASP A 1 103 ? -6.562  -6.085  0.508   1.00 40.62  ? 100 ASP A OD1 1 
ATOM   623  O  OD2 . ASP A 1 103 ? -6.743  -6.561  2.658   1.00 40.97  ? 100 ASP A OD2 1 
ATOM   624  N  N   . MET A 1 104 ? -5.413  -8.613  4.768   1.00 40.44  ? 101 MET A N   1 
ATOM   625  C  CA  . MET A 1 104 ? -6.108  -9.720  5.472   1.00 45.00  ? 101 MET A CA  1 
ATOM   626  C  C   . MET A 1 104 ? -7.628  -9.499  5.433   1.00 48.11  ? 101 MET A C   1 
ATOM   627  O  O   . MET A 1 104 ? -8.341  -10.275 6.107   1.00 44.37  ? 101 MET A O   1 
ATOM   628  C  CB  . MET A 1 104 ? -5.639  -9.832  6.929   1.00 48.20  ? 101 MET A CB  1 
ATOM   629  C  CG  . MET A 1 104 ? -4.293  -10.526 7.117   1.00 48.19  ? 101 MET A CG  1 
ATOM   630  S  SD  . MET A 1 104 ? -4.078  -12.051 6.150   1.00 51.03  ? 101 MET A SD  1 
ATOM   631  C  CE  . MET A 1 104 ? -5.595  -12.952 6.458   1.00 56.22  ? 101 MET A CE  1 
ATOM   632  N  N   . ARG A 1 105 ? -8.123  -8.514  4.670   1.00 45.81  ? 102 ARG A N   1 
ATOM   633  C  CA  . ARG A 1 105 ? -9.587  -8.332  4.469   1.00 48.74  ? 102 ARG A CA  1 
ATOM   634  C  C   . ARG A 1 105 ? -10.179 -9.654  3.991   1.00 51.72  ? 102 ARG A C   1 
ATOM   635  O  O   . ARG A 1 105 ? -9.627  -10.289 3.095   1.00 50.35  ? 102 ARG A O   1 
ATOM   636  C  CB  . ARG A 1 105 ? -9.917  -7.219  3.470   1.00 47.81  ? 102 ARG A CB  1 
ATOM   637  C  CG  . ARG A 1 105 ? -9.749  -5.821  4.041   1.00 47.43  ? 102 ARG A CG  1 
ATOM   638  C  CD  . ARG A 1 105 ? -9.976  -4.737  3.010   1.00 49.52  ? 102 ARG A CD  1 
ATOM   639  N  NE  . ARG A 1 105 ? -9.131  -4.891  1.834   1.00 50.13  ? 102 ARG A NE  1 
ATOM   640  C  CZ  . ARG A 1 105 ? -9.208  -4.139  0.738   1.00 52.73  ? 102 ARG A CZ  1 
ATOM   641  N  NH1 . ARG A 1 105 ? -10.105 -3.168  0.654   1.00 52.37  ? 102 ARG A NH1 1 
ATOM   642  N  NH2 . ARG A 1 105 ? -8.391  -4.368  -0.277  1.00 51.41  ? 102 ARG A NH2 1 
ATOM   643  N  N   . PRO A 1 106 ? -11.294 -10.114 4.607   1.00 57.68  ? 103 PRO A N   1 
ATOM   644  C  CA  . PRO A 1 106 ? -12.023 -11.294 4.139   1.00 60.33  ? 103 PRO A CA  1 
ATOM   645  C  C   . PRO A 1 106 ? -12.458 -11.215 2.677   1.00 66.22  ? 103 PRO A C   1 
ATOM   646  O  O   . PRO A 1 106 ? -12.491 -10.132 2.098   1.00 66.61  ? 103 PRO A O   1 
ATOM   647  C  CB  . PRO A 1 106 ? -13.292 -11.321 5.009   1.00 60.24  ? 103 PRO A CB  1 
ATOM   648  C  CG  . PRO A 1 106 ? -12.942 -10.527 6.253   1.00 58.87  ? 103 PRO A CG  1 
ATOM   649  C  CD  . PRO A 1 106 ? -11.895 -9.524  5.815   1.00 58.77  ? 103 PRO A CD  1 
ATOM   650  N  N   . PRO A 1 107 ? -12.797 -12.357 2.033   1.00 73.42  ? 104 PRO A N   1 
ATOM   651  C  CA  . PRO A 1 107 ? -13.441 -12.347 0.714   1.00 77.68  ? 104 PRO A CA  1 
ATOM   652  C  C   . PRO A 1 107 ? -14.748 -11.537 0.636   1.00 81.76  ? 104 PRO A C   1 
ATOM   653  O  O   . PRO A 1 107 ? -15.296 -11.193 1.667   1.00 80.82  ? 104 PRO A O   1 
ATOM   654  C  CB  . PRO A 1 107 ? -13.727 -13.835 0.457   1.00 77.05  ? 104 PRO A CB  1 
ATOM   655  C  CG  . PRO A 1 107 ? -12.653 -14.555 1.246   1.00 75.67  ? 104 PRO A CG  1 
ATOM   656  C  CD  . PRO A 1 107 ? -12.490 -13.720 2.498   1.00 74.42  ? 104 PRO A CD  1 
ATOM   657  N  N   . LYS A 1 108 ? -15.210 -11.250 -0.587  1.00 89.83  ? 105 LYS A N   1 
ATOM   658  C  CA  . LYS A 1 108 ? -16.454 -10.480 -0.869  1.00 95.95  ? 105 LYS A CA  1 
ATOM   659  C  C   . LYS A 1 108 ? -17.679 -11.316 -0.475  1.00 98.80  ? 105 LYS A C   1 
ATOM   660  O  O   . LYS A 1 108 ? -18.683 -10.721 -0.034  1.00 99.37  ? 105 LYS A O   1 
ATOM   661  C  CB  . LYS A 1 108 ? -16.543 -10.101 -2.352  1.00 98.90  ? 105 LYS A CB  1 
ATOM   662  C  CG  . LYS A 1 108 ? -15.411 -9.226  -2.875  1.00 100.81 ? 105 LYS A CG  1 
ATOM   663  C  CD  . LYS A 1 108 ? -15.667 -8.659  -4.256  1.00 102.67 ? 105 LYS A CD  1 
ATOM   664  C  CE  . LYS A 1 108 ? -14.429 -8.058  -4.887  1.00 103.28 ? 105 LYS A CE  1 
ATOM   665  N  NZ  . LYS A 1 108 ? -14.752 -6.853  -5.687  1.00 103.89 ? 105 LYS A NZ  1 
ATOM   666  N  N   . ASP A 1 109 ? -17.591 -12.640 -0.632  1.00 100.44 ? 106 ASP A N   1 
ATOM   667  C  CA  . ASP A 1 109 ? -18.709 -13.599 -0.422  1.00 101.84 ? 106 ASP A CA  1 
ATOM   668  C  C   . ASP A 1 109 ? -18.992 -13.757 1.080   1.00 100.76 ? 106 ASP A C   1 
ATOM   669  O  O   . ASP A 1 109 ? -20.147 -14.067 1.431   1.00 101.10 ? 106 ASP A O   1 
ATOM   670  C  CB  . ASP A 1 109 ? -18.393 -14.946 -1.079  1.00 102.01 ? 106 ASP A CB  1 
ATOM   671  C  CG  . ASP A 1 109 ? -19.629 -15.724 -1.489  1.00 101.28 ? 106 ASP A CG  1 
ATOM   672  O  OD1 . ASP A 1 109 ? -20.314 -16.248 -0.590  1.00 102.26 ? 106 ASP A OD1 1 
ATOM   673  O  OD2 . ASP A 1 109 ? -19.906 -15.786 -2.705  1.00 98.61  ? 106 ASP A OD2 1 
ATOM   674  N  N   . TRP A 1 110 ? -17.973 -13.534 1.917   1.00 99.61  ? 107 TRP A N   1 
ATOM   675  C  CA  . TRP A 1 110 ? -17.966 -13.732 3.395   1.00 98.73  ? 107 TRP A CA  1 
ATOM   676  C  C   . TRP A 1 110 ? -19.235 -13.183 4.069   1.00 100.84 ? 107 TRP A C   1 
ATOM   677  O  O   . TRP A 1 110 ? -19.737 -13.865 4.983   1.00 99.21  ? 107 TRP A O   1 
ATOM   678  C  CB  . TRP A 1 110 ? -16.681 -13.124 3.987   1.00 95.92  ? 107 TRP A CB  1 
ATOM   679  C  CG  . TRP A 1 110 ? -16.842 -12.307 5.234   1.00 95.75  ? 107 TRP A CG  1 
ATOM   680  C  CD1 . TRP A 1 110 ? -17.456 -11.092 5.360   1.00 96.70  ? 107 TRP A CD1 1 
ATOM   681  C  CD2 . TRP A 1 110 ? -16.311 -12.618 6.533   1.00 94.99  ? 107 TRP A CD2 1 
ATOM   682  N  NE1 . TRP A 1 110 ? -17.374 -10.646 6.652   1.00 95.18  ? 107 TRP A NE1 1 
ATOM   683  C  CE2 . TRP A 1 110 ? -16.673 -11.559 7.395   1.00 94.80  ? 107 TRP A CE2 1 
ATOM   684  C  CE3 . TRP A 1 110 ? -15.580 -13.692 7.053   1.00 93.45  ? 107 TRP A CE3 1 
ATOM   685  C  CZ2 . TRP A 1 110 ? -16.328 -11.547 8.745   1.00 92.71  ? 107 TRP A CZ2 1 
ATOM   686  C  CZ3 . TRP A 1 110 ? -15.235 -13.676 8.385   1.00 94.18  ? 107 TRP A CZ3 1 
ATOM   687  C  CH2 . TRP A 1 110 ? -15.607 -12.618 9.219   1.00 94.03  ? 107 TRP A CH2 1 
ATOM   688  N  N   . ASN A 1 111 ? -19.725 -12.008 3.653   1.00 104.29 ? 108 ASN A N   1 
ATOM   689  C  CA  . ASN A 1 111 ? -20.746 -11.218 4.401   1.00 106.54 ? 108 ASN A CA  1 
ATOM   690  C  C   . ASN A 1 111 ? -21.988 -12.079 4.682   1.00 107.32 ? 108 ASN A C   1 
ATOM   691  O  O   . ASN A 1 111 ? -22.537 -11.950 5.796   1.00 103.45 ? 108 ASN A O   1 
ATOM   692  C  CB  . ASN A 1 111 ? -21.105 -9.905  3.693   1.00 107.48 ? 108 ASN A CB  1 
ATOM   693  C  CG  . ASN A 1 111 ? -21.846 -10.095 2.385   1.00 107.08 ? 108 ASN A CG  1 
ATOM   694  O  OD1 . ASN A 1 111 ? -21.385 -10.820 1.505   1.00 107.60 ? 108 ASN A OD1 1 
ATOM   695  N  ND2 . ASN A 1 111 ? -22.988 -9.440  2.241   1.00 107.24 ? 108 ASN A ND2 1 
ATOM   696  N  N   . LYS A 1 112 ? -22.398 -12.927 3.727   1.00 107.42 ? 109 LYS A N   1 
ATOM   697  C  CA  . LYS A 1 112 ? -23.630 -13.764 3.803   1.00 106.19 ? 109 LYS A CA  1 
ATOM   698  C  C   . LYS A 1 112 ? -23.272 -15.243 4.013   1.00 104.91 ? 109 LYS A C   1 
ATOM   699  O  O   . LYS A 1 112 ? -24.000 -16.099 3.470   1.00 107.81 ? 109 LYS A O   1 
ATOM   700  C  CB  . LYS A 1 112 ? -24.466 -13.625 2.523   1.00 107.39 ? 109 LYS A CB  1 
ATOM   701  C  CG  . LYS A 1 112 ? -24.575 -12.224 1.936   1.00 106.81 ? 109 LYS A CG  1 
ATOM   702  C  CD  . LYS A 1 112 ? -25.569 -12.132 0.796   1.00 106.52 ? 109 LYS A CD  1 
ATOM   703  C  CE  . LYS A 1 112 ? -25.515 -10.811 0.058   1.00 105.04 ? 109 LYS A CE  1 
ATOM   704  N  NZ  . LYS A 1 112 ? -26.587 -10.712 -0.960  1.00 104.38 ? 109 LYS A NZ  1 
ATOM   705  N  N   . ASP A 1 113 ? -22.216 -15.544 4.780   1.00 103.56 ? 110 ASP A N   1 
ATOM   706  C  CA  . ASP A 1 113 ? -21.751 -16.933 5.057   1.00 103.44 ? 110 ASP A CA  1 
ATOM   707  C  C   . ASP A 1 113 ? -22.258 -17.385 6.432   1.00 103.90 ? 110 ASP A C   1 
ATOM   708  O  O   . ASP A 1 113 ? -22.658 -16.516 7.232   1.00 102.55 ? 110 ASP A O   1 
ATOM   709  C  CB  . ASP A 1 113 ? -20.226 -17.048 4.977   1.00 104.24 ? 110 ASP A CB  1 
ATOM   710  C  CG  . ASP A 1 113 ? -19.673 -17.023 3.561   1.00 105.86 ? 110 ASP A CG  1 
ATOM   711  O  OD1 . ASP A 1 113 ? -20.457 -16.761 2.625   1.00 106.08 ? 110 ASP A OD1 1 
ATOM   712  O  OD2 . ASP A 1 113 ? -18.463 -17.272 3.404   1.00 106.55 ? 110 ASP A OD2 1 
ATOM   713  N  N   . ILE A 1 114 ? -22.216 -18.698 6.690   1.00 106.32 ? 111 ILE A N   1 
ATOM   714  C  CA  . ILE A 1 114 ? -22.744 -19.349 7.929   1.00 106.70 ? 111 ILE A CA  1 
ATOM   715  C  C   . ILE A 1 114 ? -21.734 -19.147 9.072   1.00 102.56 ? 111 ILE A C   1 
ATOM   716  O  O   . ILE A 1 114 ? -22.110 -18.498 10.065  1.00 105.82 ? 111 ILE A O   1 
ATOM   717  C  CB  . ILE A 1 114 ? -23.087 -20.835 7.670   1.00 108.55 ? 111 ILE A CB  1 
ATOM   718  C  CG1 . ILE A 1 114 ? -24.287 -20.964 6.724   1.00 107.58 ? 111 ILE A CG1 1 
ATOM   719  C  CG2 . ILE A 1 114 ? -23.319 -21.588 8.974   1.00 107.41 ? 111 ILE A CG2 1 
ATOM   720  C  CD1 . ILE A 1 114 ? -24.534 -22.366 6.209   1.00 106.89 ? 111 ILE A CD1 1 
ATOM   721  N  N   . LYS A 1 115 ? -20.513 -19.678 8.942   1.00 99.08  ? 112 LYS A N   1 
ATOM   722  C  CA  . LYS A 1 115 ? -19.404 -19.494 9.923   1.00 97.53  ? 112 LYS A CA  1 
ATOM   723  C  C   . LYS A 1 115 ? -18.638 -18.211 9.569   1.00 93.12  ? 112 LYS A C   1 
ATOM   724  O  O   . LYS A 1 115 ? -18.288 -18.062 8.381   1.00 95.11  ? 112 LYS A O   1 
ATOM   725  C  CB  . LYS A 1 115 ? -18.471 -20.710 9.912   1.00 100.23 ? 112 LYS A CB  1 
ATOM   726  C  CG  . LYS A 1 115 ? -19.137 -22.046 10.215  1.00 102.50 ? 112 LYS A CG  1 
ATOM   727  C  CD  . LYS A 1 115 ? -18.166 -23.205 10.274  1.00 105.02 ? 112 LYS A CD  1 
ATOM   728  C  CE  . LYS A 1 115 ? -18.820 -24.505 10.693  1.00 107.73 ? 112 LYS A CE  1 
ATOM   729  N  NZ  . LYS A 1 115 ? -17.858 -25.632 10.682  1.00 108.80 ? 112 LYS A NZ  1 
ATOM   730  N  N   . GLN A 1 116 ? -18.384 -17.325 10.544  1.00 86.05  ? 113 GLN A N   1 
ATOM   731  C  CA  . GLN A 1 116 ? -17.812 -15.970 10.292  1.00 80.13  ? 113 GLN A CA  1 
ATOM   732  C  C   . GLN A 1 116 ? -16.664 -15.627 11.256  1.00 75.28  ? 113 GLN A C   1 
ATOM   733  O  O   . GLN A 1 116 ? -15.691 -15.027 10.779  1.00 71.95  ? 113 GLN A O   1 
ATOM   734  C  CB  . GLN A 1 116 ? -18.914 -14.909 10.338  1.00 81.16  ? 113 GLN A CB  1 
ATOM   735  C  CG  . GLN A 1 116 ? -19.695 -14.799 9.034   1.00 81.36  ? 113 GLN A CG  1 
ATOM   736  C  CD  . GLN A 1 116 ? -20.644 -13.624 9.014   1.00 82.49  ? 113 GLN A CD  1 
ATOM   737  O  OE1 . GLN A 1 116 ? -20.305 -12.520 9.435   1.00 80.25  ? 113 GLN A OE1 1 
ATOM   738  N  NE2 . GLN A 1 116 ? -21.847 -13.848 8.507   1.00 82.76  ? 113 GLN A NE2 1 
ATOM   739  N  N   . PHE A 1 117 ? -16.752 -15.966 12.548  1.00 71.21  ? 114 PHE A N   1 
ATOM   740  C  CA  . PHE A 1 117 ? -15.745 -15.577 13.577  1.00 67.75  ? 114 PHE A CA  1 
ATOM   741  C  C   . PHE A 1 117 ? -15.289 -16.798 14.390  1.00 70.43  ? 114 PHE A C   1 
ATOM   742  O  O   . PHE A 1 117 ? -16.017 -17.807 14.438  1.00 71.18  ? 114 PHE A O   1 
ATOM   743  C  CB  . PHE A 1 117 ? -16.316 -14.485 14.486  1.00 63.17  ? 114 PHE A CB  1 
ATOM   744  C  CG  . PHE A 1 117 ? -16.567 -13.164 13.805  1.00 58.68  ? 114 PHE A CG  1 
ATOM   745  C  CD1 . PHE A 1 117 ? -15.622 -12.146 13.853  1.00 57.08  ? 114 PHE A CD1 1 
ATOM   746  C  CD2 . PHE A 1 117 ? -17.747 -12.934 13.112  1.00 57.45  ? 114 PHE A CD2 1 
ATOM   747  C  CE1 . PHE A 1 117 ? -15.854 -10.932 13.224  1.00 56.04  ? 114 PHE A CE1 1 
ATOM   748  C  CE2 . PHE A 1 117 ? -17.979 -11.717 12.489  1.00 57.50  ? 114 PHE A CE2 1 
ATOM   749  C  CZ  . PHE A 1 117 ? -17.030 -10.719 12.543  1.00 58.17  ? 114 PHE A CZ  1 
ATOM   750  N  N   . GLU A 1 118 ? -14.100 -16.698 14.999  1.00 74.48  ? 115 GLU A N   1 
ATOM   751  C  CA  . GLU A 1 118 ? -13.517 -17.697 15.939  1.00 76.67  ? 115 GLU A CA  1 
ATOM   752  C  C   . GLU A 1 118 ? -13.131 -16.971 17.235  1.00 77.66  ? 115 GLU A C   1 
ATOM   753  O  O   . GLU A 1 118 ? -12.475 -15.912 17.141  1.00 74.21  ? 115 GLU A O   1 
ATOM   754  C  CB  . GLU A 1 118 ? -12.300 -18.396 15.323  1.00 79.05  ? 115 GLU A CB  1 
ATOM   755  C  CG  . GLU A 1 118 ? -12.600 -19.124 14.020  1.00 82.37  ? 115 GLU A CG  1 
ATOM   756  C  CD  . GLU A 1 118 ? -11.469 -19.985 13.473  1.00 83.82  ? 115 GLU A CD  1 
ATOM   757  O  OE1 . GLU A 1 118 ? -10.994 -20.877 14.210  1.00 87.54  ? 115 GLU A OE1 1 
ATOM   758  O  OE2 . GLU A 1 118 ? -11.063 -19.766 12.310  1.00 78.58  ? 115 GLU A OE2 1 
ATOM   759  N  N   . ASN A 1 119 ? -13.526 -17.522 18.390  1.00 81.31  ? 116 ASN A N   1 
ATOM   760  C  CA  . ASN A 1 119 ? -13.368 -16.904 19.737  1.00 83.18  ? 116 ASN A CA  1 
ATOM   761  C  C   . ASN A 1 119 ? -12.551 -17.844 20.633  1.00 86.87  ? 116 ASN A C   1 
ATOM   762  O  O   . ASN A 1 119 ? -12.684 -19.077 20.475  1.00 83.55  ? 116 ASN A O   1 
ATOM   763  C  CB  . ASN A 1 119 ? -14.728 -16.567 20.355  1.00 80.16  ? 116 ASN A CB  1 
ATOM   764  C  CG  . ASN A 1 119 ? -15.653 -15.857 19.388  1.00 78.28  ? 116 ASN A CG  1 
ATOM   765  O  OD1 . ASN A 1 119 ? -15.565 -14.641 19.218  1.00 75.33  ? 116 ASN A OD1 1 
ATOM   766  N  ND2 . ASN A 1 119 ? -16.540 -16.602 18.745  1.00 73.16  ? 116 ASN A ND2 1 
ATOM   767  N  N   . SER A 1 120 ? -11.744 -17.281 21.542  1.00 93.41  ? 117 SER A N   1 
ATOM   768  C  CA  . SER A 1 120 ? -10.767 -18.022 22.386  1.00 98.20  ? 117 SER A CA  1 
ATOM   769  C  C   . SER A 1 120 ? -10.637 -17.376 23.773  1.00 100.10 ? 117 SER A C   1 
ATOM   770  O  O   . SER A 1 120 ? -9.540  -16.866 24.089  1.00 101.26 ? 117 SER A O   1 
ATOM   771  C  CB  . SER A 1 120 ? -9.432  -18.114 21.690  1.00 100.01 ? 117 SER A CB  1 
ATOM   772  O  OG  . SER A 1 120 ? -8.902  -16.820 21.437  1.00 102.52 ? 117 SER A OG  1 
ATOM   773  N  N   . ARG A 1 121 ? -11.723 -17.393 24.555  1.00 100.81 ? 118 ARG A N   1 
ATOM   774  C  CA  . ARG A 1 121 ? -11.759 -17.128 26.024  1.00 99.86  ? 118 ARG A CA  1 
ATOM   775  C  C   . ARG A 1 121 ? -11.530 -15.641 26.330  1.00 94.49  ? 118 ARG A C   1 
ATOM   776  O  O   . ARG A 1 121 ? -12.391 -15.059 27.017  1.00 92.93  ? 118 ARG A O   1 
ATOM   777  C  CB  . ARG A 1 121 ? -10.741 -18.003 26.766  1.00 104.46 ? 118 ARG A CB  1 
ATOM   778  C  CG  . ARG A 1 121 ? -10.819 -17.899 28.282  1.00 107.22 ? 118 ARG A CG  1 
ATOM   779  C  CD  . ARG A 1 121 ? -10.008 -18.974 28.982  1.00 111.37 ? 118 ARG A CD  1 
ATOM   780  N  NE  . ARG A 1 121 ? -8.586  -18.903 28.663  1.00 116.24 ? 118 ARG A NE  1 
ATOM   781  C  CZ  . ARG A 1 121 ? -7.685  -18.143 29.289  1.00 117.88 ? 118 ARG A CZ  1 
ATOM   782  N  NH1 . ARG A 1 121 ? -6.419  -18.172 28.905  1.00 115.97 ? 118 ARG A NH1 1 
ATOM   783  N  NH2 . ARG A 1 121 ? -8.038  -17.357 30.294  1.00 118.33 ? 118 ARG A NH2 1 
ATOM   784  N  N   . LYS A 1 122 ? -10.406 -15.060 25.890  1.00 90.03  ? 119 LYS A N   1 
ATOM   785  C  CA  . LYS A 1 122 ? -10.031 -13.646 26.176  1.00 87.17  ? 119 LYS A CA  1 
ATOM   786  C  C   . LYS A 1 122 ? -9.734  -12.888 24.875  1.00 78.98  ? 119 LYS A C   1 
ATOM   787  O  O   . LYS A 1 122 ? -9.056  -11.840 24.955  1.00 74.79  ? 119 LYS A O   1 
ATOM   788  C  CB  . LYS A 1 122 ? -8.813  -13.587 27.105  1.00 93.10  ? 119 LYS A CB  1 
ATOM   789  C  CG  . LYS A 1 122 ? -9.056  -14.049 28.535  1.00 97.47  ? 119 LYS A CG  1 
ATOM   790  C  CD  . LYS A 1 122 ? -7.873  -13.812 29.454  1.00 99.83  ? 119 LYS A CD  1 
ATOM   791  C  CE  . LYS A 1 122 ? -8.198  -14.047 30.914  1.00 101.58 ? 119 LYS A CE  1 
ATOM   792  N  NZ  . LYS A 1 122 ? -6.976  -14.076 31.752  1.00 103.62 ? 119 LYS A NZ  1 
ATOM   793  N  N   . ASP A 1 123 ? -10.223 -13.371 23.726  1.00 69.68  ? 120 ASP A N   1 
ATOM   794  C  CA  . ASP A 1 123 ? -10.013 -12.686 22.423  1.00 66.25  ? 120 ASP A CA  1 
ATOM   795  C  C   . ASP A 1 123 ? -10.944 -13.244 21.343  1.00 60.75  ? 120 ASP A C   1 
ATOM   796  O  O   . ASP A 1 123 ? -11.375 -14.410 21.466  1.00 56.25  ? 120 ASP A O   1 
ATOM   797  C  CB  . ASP A 1 123 ? -8.553  -12.773 21.970  1.00 66.38  ? 120 ASP A CB  1 
ATOM   798  C  CG  . ASP A 1 123 ? -8.039  -11.455 21.420  1.00 68.12  ? 120 ASP A CG  1 
ATOM   799  O  OD1 . ASP A 1 123 ? -8.023  -11.307 20.182  1.00 67.25  ? 120 ASP A OD1 1 
ATOM   800  O  OD2 . ASP A 1 123 ? -7.679  -10.576 22.243  1.00 64.66  ? 120 ASP A OD2 1 
ATOM   801  N  N   . SER A 1 124 ? -11.232 -12.418 20.328  1.00 55.22  ? 121 SER A N   1 
ATOM   802  C  CA  . SER A 1 124 ? -11.963 -12.794 19.090  1.00 51.27  ? 121 SER A CA  1 
ATOM   803  C  C   . SER A 1 124 ? -11.117 -12.440 17.860  1.00 51.94  ? 121 SER A C   1 
ATOM   804  O  O   . SER A 1 124 ? -10.357 -11.443 17.895  1.00 52.35  ? 121 SER A O   1 
ATOM   805  C  CB  . SER A 1 124 ? -13.330 -12.151 19.029  1.00 51.90  ? 121 SER A CB  1 
ATOM   806  O  OG  . SER A 1 124 ? -14.172 -12.641 20.068  1.00 49.52  ? 121 SER A OG  1 
ATOM   807  N  N   . GLU A 1 125 ? -11.256 -13.262 16.821  1.00 49.38  ? 122 GLU A N   1 
ATOM   808  C  CA  . GLU A 1 125 ? -10.561 -13.172 15.514  1.00 52.39  ? 122 GLU A CA  1 
ATOM   809  C  C   . GLU A 1 125 ? -11.600 -13.497 14.438  1.00 52.07  ? 122 GLU A C   1 
ATOM   810  O  O   . GLU A 1 125 ? -12.619 -14.126 14.784  1.00 55.64  ? 122 GLU A O   1 
ATOM   811  C  CB  . GLU A 1 125 ? -9.392  -14.161 15.460  1.00 52.17  ? 122 GLU A CB  1 
ATOM   812  C  CG  . GLU A 1 125 ? -8.402  -14.015 16.605  1.00 54.02  ? 122 GLU A CG  1 
ATOM   813  C  CD  . GLU A 1 125 ? -7.630  -12.703 16.656  1.00 56.83  ? 122 GLU A CD  1 
ATOM   814  O  OE1 . GLU A 1 125 ? -7.462  -12.065 15.594  1.00 61.48  ? 122 GLU A OE1 1 
ATOM   815  O  OE2 . GLU A 1 125 ? -7.180  -12.323 17.759  1.00 56.19  ? 122 GLU A OE2 1 
ATOM   816  N  N   . VAL A 1 126 ? -11.363 -13.086 13.189  1.00 53.44  ? 123 VAL A N   1 
ATOM   817  C  CA  . VAL A 1 126 ? -12.229 -13.478 12.038  1.00 50.38  ? 123 VAL A CA  1 
ATOM   818  C  C   . VAL A 1 126 ? -11.747 -14.862 11.589  1.00 50.32  ? 123 VAL A C   1 
ATOM   819  O  O   . VAL A 1 126 ? -10.577 -15.187 11.868  1.00 46.78  ? 123 VAL A O   1 
ATOM   820  C  CB  . VAL A 1 126 ? -12.262 -12.424 10.904  1.00 53.60  ? 123 VAL A CB  1 
ATOM   821  C  CG1 . VAL A 1 126 ? -11.455 -11.171 11.220  1.00 52.47  ? 123 VAL A CG1 1 
ATOM   822  C  CG2 . VAL A 1 126 ? -11.859 -12.987 9.548   1.00 53.35  ? 123 VAL A CG2 1 
ATOM   823  N  N   . ALA A 1 127 ? -12.631 -15.654 10.970  1.00 49.86  ? 124 ALA A N   1 
ATOM   824  C  CA  . ALA A 1 127 ? -12.380 -17.060 10.570  1.00 52.40  ? 124 ALA A CA  1 
ATOM   825  C  C   . ALA A 1 127 ? -11.181 -17.118 9.616   1.00 54.26  ? 124 ALA A C   1 
ATOM   826  O  O   . ALA A 1 127 ? -11.122 -16.265 8.711   1.00 50.53  ? 124 ALA A O   1 
ATOM   827  C  CB  . ALA A 1 127 ? -13.619 -17.648 9.940   1.00 50.75  ? 124 ALA A CB  1 
ATOM   828  N  N   . LYS A 1 128 ? -10.271 -18.080 9.830   1.00 57.25  ? 125 LYS A N   1 
ATOM   829  C  CA  . LYS A 1 128 ? -9.001  -18.263 9.068   1.00 57.14  ? 125 LYS A CA  1 
ATOM   830  C  C   . LYS A 1 128 ? -9.277  -18.199 7.563   1.00 54.22  ? 125 LYS A C   1 
ATOM   831  O  O   . LYS A 1 128 ? -10.275 -18.794 7.114   1.00 49.55  ? 125 LYS A O   1 
ATOM   832  C  CB  . LYS A 1 128 ? -8.344  -19.605 9.406   1.00 61.02  ? 125 LYS A CB  1 
ATOM   833  C  CG  . LYS A 1 128 ? -7.714  -19.698 10.788  1.00 65.11  ? 125 LYS A CG  1 
ATOM   834  C  CD  . LYS A 1 128 ? -6.964  -20.996 11.018  1.00 68.88  ? 125 LYS A CD  1 
ATOM   835  C  CE  . LYS A 1 128 ? -7.178  -21.575 12.402  1.00 71.48  ? 125 LYS A CE  1 
ATOM   836  N  NZ  . LYS A 1 128 ? -6.633  -20.694 13.462  1.00 73.61  ? 125 LYS A NZ  1 
ATOM   837  N  N   . HIS A 1 129 ? -8.409  -17.507 6.820   1.00 53.51  ? 126 HIS A N   1 
ATOM   838  C  CA  . HIS A 1 129 ? -8.482  -17.326 5.345   1.00 51.08  ? 126 HIS A CA  1 
ATOM   839  C  C   . HIS A 1 129 ? -7.104  -16.906 4.847   1.00 48.72  ? 126 HIS A C   1 
ATOM   840  O  O   . HIS A 1 129 ? -6.316  -16.359 5.614   1.00 44.04  ? 126 HIS A O   1 
ATOM   841  C  CB  . HIS A 1 129 ? -9.573  -16.301 4.991   1.00 53.03  ? 126 HIS A CB  1 
ATOM   842  C  CG  . HIS A 1 129 ? -9.368  -14.967 5.630   1.00 55.42  ? 126 HIS A CG  1 
ATOM   843  N  ND1 . HIS A 1 129 ? -9.551  -14.763 6.987   1.00 56.46  ? 126 HIS A ND1 1 
ATOM   844  C  CD2 . HIS A 1 129 ? -8.993  -13.775 5.115   1.00 53.12  ? 126 HIS A CD2 1 
ATOM   845  C  CE1 . HIS A 1 129 ? -9.291  -13.506 7.277   1.00 56.40  ? 126 HIS A CE1 1 
ATOM   846  N  NE2 . HIS A 1 129 ? -8.951  -12.879 6.148   1.00 53.63  ? 126 HIS A NE2 1 
ATOM   847  N  N   . PRO A 1 130 ? -6.756  -17.144 3.562   1.00 49.21  ? 127 PRO A N   1 
ATOM   848  C  CA  . PRO A 1 130 ? -5.477  -16.683 3.031   1.00 48.10  ? 127 PRO A CA  1 
ATOM   849  C  C   . PRO A 1 130 ? -5.516  -15.180 2.785   1.00 45.95  ? 127 PRO A C   1 
ATOM   850  O  O   . PRO A 1 130 ? -6.588  -14.598 2.619   1.00 45.39  ? 127 PRO A O   1 
ATOM   851  C  CB  . PRO A 1 130 ? -5.337  -17.460 1.717   1.00 47.59  ? 127 PRO A CB  1 
ATOM   852  C  CG  . PRO A 1 130 ? -6.769  -17.652 1.267   1.00 49.84  ? 127 PRO A CG  1 
ATOM   853  C  CD  . PRO A 1 130 ? -7.563  -17.839 2.545   1.00 48.53  ? 127 PRO A CD  1 
ATOM   854  N  N   . PRO A 1 131 ? -4.349  -14.505 2.746   1.00 42.62  ? 128 PRO A N   1 
ATOM   855  C  CA  . PRO A 1 131 ? -4.318  -13.077 2.467   1.00 41.83  ? 128 PRO A CA  1 
ATOM   856  C  C   . PRO A 1 131 ? -4.776  -12.856 1.020   1.00 38.85  ? 128 PRO A C   1 
ATOM   857  O  O   . PRO A 1 131 ? -4.564  -13.732 0.202   1.00 38.30  ? 128 PRO A O   1 
ATOM   858  C  CB  . PRO A 1 131 ? -2.859  -12.643 2.690   1.00 41.30  ? 128 PRO A CB  1 
ATOM   859  C  CG  . PRO A 1 131 ? -2.132  -13.871 3.215   1.00 41.56  ? 128 PRO A CG  1 
ATOM   860  C  CD  . PRO A 1 131 ? -3.006  -15.075 2.918   1.00 43.41  ? 128 PRO A CD  1 
ATOM   861  N  N   . ARG A 1 132 ? -5.433  -11.727 0.757   1.00 37.78  ? 129 ARG A N   1 
ATOM   862  C  CA  . ARG A 1 132 ? -5.748  -11.270 -0.618  1.00 40.14  ? 129 ARG A CA  1 
ATOM   863  C  C   . ARG A 1 132 ? -4.439  -10.945 -1.338  1.00 37.68  ? 129 ARG A C   1 
ATOM   864  O  O   . ARG A 1 132 ? -4.276  -11.369 -2.490  1.00 35.54  ? 129 ARG A O   1 
ATOM   865  C  CB  . ARG A 1 132 ? -6.612  -10.009 -0.602  1.00 43.59  ? 129 ARG A CB  1 
ATOM   866  C  CG  . ARG A 1 132 ? -8.083  -10.273 -0.859  1.00 48.31  ? 129 ARG A CG  1 
ATOM   867  C  CD  . ARG A 1 132 ? -8.814  -8.956  -0.956  1.00 51.16  ? 129 ARG A CD  1 
ATOM   868  N  NE  . ARG A 1 132 ? -10.154 -9.034  -0.407  1.00 52.80  ? 129 ARG A NE  1 
ATOM   869  C  CZ  . ARG A 1 132 ? -10.974 -7.999  -0.281  1.00 54.99  ? 129 ARG A CZ  1 
ATOM   870  N  NH1 . ARG A 1 132 ? -10.594 -6.790  -0.668  1.00 56.14  ? 129 ARG A NH1 1 
ATOM   871  N  NH2 . ARG A 1 132 ? -12.174 -8.177  0.239   1.00 56.88  ? 129 ARG A NH2 1 
ATOM   872  N  N   . THR A 1 133 ? -3.553  -10.232 -0.645  1.00 37.12  ? 130 THR A N   1 
ATOM   873  C  CA  . THR A 1 133 ? -2.376  -9.553  -1.239  1.00 35.27  ? 130 THR A CA  1 
ATOM   874  C  C   . THR A 1 133 ? -1.201  -9.575  -0.265  1.00 36.36  ? 130 THR A C   1 
ATOM   875  O  O   . THR A 1 133 ? -1.412  -9.317  0.926   1.00 32.86  ? 130 THR A O   1 
ATOM   876  C  CB  . THR A 1 133 ? -2.691  -8.097  -1.584  1.00 36.10  ? 130 THR A CB  1 
ATOM   877  O  OG1 . THR A 1 133 ? -3.840  -8.081  -2.428  1.00 36.59  ? 130 THR A OG1 1 
ATOM   878  C  CG2 . THR A 1 133 ? -1.534  -7.390  -2.258  1.00 36.67  ? 130 THR A CG2 1 
ATOM   879  N  N   . GLU A 1 134 ? -0.002  -9.823  -0.787  1.00 32.75  ? 131 GLU A N   1 
ATOM   880  C  CA  . GLU A 1 134 ? 1.276   -9.683  -0.055  1.00 34.46  ? 131 GLU A CA  1 
ATOM   881  C  C   . GLU A 1 134 ? 1.962   -8.459  -0.661  1.00 34.40  ? 131 GLU A C   1 
ATOM   882  O  O   . GLU A 1 134 ? 2.194   -8.481  -1.876  1.00 35.56  ? 131 GLU A O   1 
ATOM   883  C  CB  . GLU A 1 134 ? 2.017   -11.014 -0.183  1.00 37.12  ? 131 GLU A CB  1 
ATOM   884  C  CG  . GLU A 1 134 ? 3.467   -11.020 0.237   1.00 41.47  ? 131 GLU A CG  1 
ATOM   885  C  CD  . GLU A 1 134 ? 4.115   -12.349 -0.129  1.00 43.38  ? 131 GLU A CD  1 
ATOM   886  O  OE1 . GLU A 1 134 ? 3.474   -13.407 0.157   1.00 43.20  ? 131 GLU A OE1 1 
ATOM   887  O  OE2 . GLU A 1 134 ? 5.222   -12.331 -0.745  1.00 41.01  ? 131 GLU A OE2 1 
ATOM   888  N  N   . PHE A 1 135 ? 2.175   -7.411  0.140   1.00 31.75  ? 132 PHE A N   1 
ATOM   889  C  CA  . PHE A 1 135 ? 2.788   -6.127  -0.281  1.00 31.70  ? 132 PHE A CA  1 
ATOM   890  C  C   . PHE A 1 135 ? 4.260   -6.103  0.109   1.00 31.35  ? 132 PHE A C   1 
ATOM   891  O  O   . PHE A 1 135 ? 4.567   -6.363  1.263   1.00 29.49  ? 132 PHE A O   1 
ATOM   892  C  CB  . PHE A 1 135 ? 2.144   -4.924  0.403   1.00 30.81  ? 132 PHE A CB  1 
ATOM   893  C  CG  . PHE A 1 135 ? 0.675   -4.746  0.126   1.00 32.55  ? 132 PHE A CG  1 
ATOM   894  C  CD1 . PHE A 1 135 ? -0.270  -5.353  0.935   1.00 33.63  ? 132 PHE A CD1 1 
ATOM   895  C  CD2 . PHE A 1 135 ? 0.239   -3.954  -0.924  1.00 35.10  ? 132 PHE A CD2 1 
ATOM   896  C  CE1 . PHE A 1 135 ? -1.621  -5.179  0.688   1.00 33.23  ? 132 PHE A CE1 1 
ATOM   897  C  CE2 . PHE A 1 135 ? -1.115  -3.772  -1.164  1.00 34.91  ? 132 PHE A CE2 1 
ATOM   898  C  CZ  . PHE A 1 135 ? -2.042  -4.392  -0.358  1.00 34.16  ? 132 PHE A CZ  1 
ATOM   899  N  N   . HIS A 1 136 ? 5.139   -5.771  -0.833  1.00 29.80  ? 133 HIS A N   1 
ATOM   900  C  CA  . HIS A 1 136 ? 6.568   -5.484  -0.565  1.00 27.92  ? 133 HIS A CA  1 
ATOM   901  C  C   . HIS A 1 136 ? 6.771   -3.973  -0.646  1.00 27.49  ? 133 HIS A C   1 
ATOM   902  O  O   . HIS A 1 136 ? 6.713   -3.415  -1.769  1.00 26.65  ? 133 HIS A O   1 
ATOM   903  C  CB  . HIS A 1 136 ? 7.437   -6.289  -1.539  1.00 28.27  ? 133 HIS A CB  1 
ATOM   904  C  CG  . HIS A 1 136 ? 7.265   -7.764  -1.394  1.00 28.80  ? 133 HIS A CG  1 
ATOM   905  N  ND1 . HIS A 1 136 ? 8.265   -8.574  -0.910  1.00 30.82  ? 133 HIS A ND1 1 
ATOM   906  C  CD2 . HIS A 1 136 ? 6.207   -8.570  -1.628  1.00 28.93  ? 133 HIS A CD2 1 
ATOM   907  C  CE1 . HIS A 1 136 ? 7.844   -9.820  -0.869  1.00 31.05  ? 133 HIS A CE1 1 
ATOM   908  N  NE2 . HIS A 1 136 ? 6.583   -9.846  -1.309  1.00 29.87  ? 133 HIS A NE2 1 
ATOM   909  N  N   . PHE A 1 137 ? 6.988   -3.316  0.489   1.00 27.44  ? 134 PHE A N   1 
ATOM   910  C  CA  . PHE A 1 137 ? 7.139   -1.838  0.549   1.00 28.83  ? 134 PHE A CA  1 
ATOM   911  C  C   . PHE A 1 137 ? 8.593   -1.425  0.728   1.00 29.24  ? 134 PHE A C   1 
ATOM   912  O  O   . PHE A 1 137 ? 9.357   -2.089  1.461   1.00 28.24  ? 134 PHE A O   1 
ATOM   913  C  CB  . PHE A 1 137 ? 6.297   -1.207  1.664   1.00 29.62  ? 134 PHE A CB  1 
ATOM   914  C  CG  . PHE A 1 137 ? 4.912   -0.868  1.197   1.00 29.42  ? 134 PHE A CG  1 
ATOM   915  C  CD1 . PHE A 1 137 ? 4.667   0.298   0.488   1.00 31.95  ? 134 PHE A CD1 1 
ATOM   916  C  CD2 . PHE A 1 137 ? 3.863   -1.748  1.410   1.00 30.19  ? 134 PHE A CD2 1 
ATOM   917  C  CE1 . PHE A 1 137 ? 3.394   0.590   0.025   1.00 32.78  ? 134 PHE A CE1 1 
ATOM   918  C  CE2 . PHE A 1 137 ? 2.592   -1.451  0.951   1.00 31.35  ? 134 PHE A CE2 1 
ATOM   919  C  CZ  . PHE A 1 137 ? 2.359   -0.282  0.263   1.00 32.06  ? 134 PHE A CZ  1 
ATOM   920  N  N   . TYR A 1 138 ? 8.917   -0.309  0.075   1.00 27.67  ? 135 TYR A N   1 
ATOM   921  C  CA  . TYR A 1 138 ? 10.200  0.413   0.112   1.00 27.63  ? 135 TYR A CA  1 
ATOM   922  C  C   . TYR A 1 138 ? 9.921   1.860   0.475   1.00 26.51  ? 135 TYR A C   1 
ATOM   923  O  O   . TYR A 1 138 ? 8.893   2.393   -0.007  1.00 31.99  ? 135 TYR A O   1 
ATOM   924  C  CB  . TYR A 1 138 ? 10.876  0.342   -1.260  1.00 27.35  ? 135 TYR A CB  1 
ATOM   925  C  CG  . TYR A 1 138 ? 11.199  -1.076  -1.622  1.00 27.09  ? 135 TYR A CG  1 
ATOM   926  C  CD1 . TYR A 1 138 ? 12.377  -1.661  -1.189  1.00 27.93  ? 135 TYR A CD1 1 
ATOM   927  C  CD2 . TYR A 1 138 ? 10.277  -1.872  -2.272  1.00 27.13  ? 135 TYR A CD2 1 
ATOM   928  C  CE1 . TYR A 1 138 ? 12.660  -2.987  -1.459  1.00 29.38  ? 135 TYR A CE1 1 
ATOM   929  C  CE2 . TYR A 1 138 ? 10.536  -3.208  -2.536  1.00 28.42  ? 135 TYR A CE2 1 
ATOM   930  C  CZ  . TYR A 1 138 ? 11.735  -3.766  -2.126  1.00 29.16  ? 135 TYR A CZ  1 
ATOM   931  O  OH  . TYR A 1 138 ? 12.021  -5.073  -2.393  1.00 34.06  ? 135 TYR A OH  1 
ATOM   932  N  N   . GLU A 1 139 ? 10.810  2.454   1.264   1.00 26.48  ? 136 GLU A N   1 
ATOM   933  C  CA  . GLU A 1 139 ? 10.838  3.901   1.541   1.00 29.02  ? 136 GLU A CA  1 
ATOM   934  C  C   . GLU A 1 139 ? 11.626  4.581   0.424   1.00 30.34  ? 136 GLU A C   1 
ATOM   935  O  O   . GLU A 1 139 ? 12.724  4.109   0.099   1.00 29.71  ? 136 GLU A O   1 
ATOM   936  C  CB  . GLU A 1 139 ? 11.488  4.192   2.883   1.00 31.36  ? 136 GLU A CB  1 
ATOM   937  C  CG  . GLU A 1 139 ? 11.307  5.615   3.352   1.00 34.98  ? 136 GLU A CG  1 
ATOM   938  C  CD  . GLU A 1 139 ? 12.087  5.868   4.627   1.00 38.73  ? 136 GLU A CD  1 
ATOM   939  O  OE1 . GLU A 1 139 ? 12.951  6.768   4.625   1.00 40.22  ? 136 GLU A OE1 1 
ATOM   940  O  OE2 . GLU A 1 139 ? 11.850  5.128   5.609   1.00 37.23  ? 136 GLU A OE2 1 
ATOM   941  N  N   . LEU A 1 140 ? 11.074  5.654   -0.114  1.00 31.09  ? 137 LEU A N   1 
ATOM   942  C  CA  . LEU A 1 140 ? 11.682  6.421   -1.229  1.00 32.66  ? 137 LEU A CA  1 
ATOM   943  C  C   . LEU A 1 140 ? 11.837  7.865   -0.757  1.00 34.79  ? 137 LEU A C   1 
ATOM   944  O  O   . LEU A 1 140 ? 10.910  8.341   -0.087  1.00 35.61  ? 137 LEU A O   1 
ATOM   945  C  CB  . LEU A 1 140 ? 10.752  6.274   -2.431  1.00 34.76  ? 137 LEU A CB  1 
ATOM   946  C  CG  . LEU A 1 140 ? 11.109  7.091   -3.674  1.00 34.83  ? 137 LEU A CG  1 
ATOM   947  C  CD1 . LEU A 1 140 ? 10.707  6.331   -4.929  1.00 38.22  ? 137 LEU A CD1 1 
ATOM   948  C  CD2 . LEU A 1 140 ? 10.434  8.452   -3.650  1.00 35.46  ? 137 LEU A CD2 1 
ATOM   949  N  N   . GLU A 1 141 ? 12.992  8.484   -1.005  1.00 33.49  ? 138 GLU A N   1 
ATOM   950  C  CA  . GLU A 1 141 ? 13.218  9.935   -0.793  1.00 37.26  ? 138 GLU A CA  1 
ATOM   951  C  C   . GLU A 1 141 ? 12.827  10.655  -2.082  1.00 36.08  ? 138 GLU A C   1 
ATOM   952  O  O   . GLU A 1 141 ? 13.453  10.387  -3.123  1.00 33.01  ? 138 GLU A O   1 
ATOM   953  C  CB  . GLU A 1 141 ? 14.670  10.228  -0.428  1.00 41.30  ? 138 GLU A CB  1 
ATOM   954  C  CG  . GLU A 1 141 ? 14.969  11.715  -0.342  1.00 46.62  ? 138 GLU A CG  1 
ATOM   955  C  CD  . GLU A 1 141 ? 16.371  12.066  0.118   1.00 53.33  ? 138 GLU A CD  1 
ATOM   956  O  OE1 . GLU A 1 141 ? 16.783  13.232  -0.077  1.00 60.92  ? 138 GLU A OE1 1 
ATOM   957  O  OE2 . GLU A 1 141 ? 17.050  11.175  0.663   1.00 59.43  ? 138 GLU A OE2 1 
ATOM   958  N  N   . ILE A 1 142 ? 11.810  11.513  -2.023  1.00 35.10  ? 139 ILE A N   1 
ATOM   959  C  CA  . ILE A 1 142 ? 11.224  12.143  -3.240  1.00 34.08  ? 139 ILE A CA  1 
ATOM   960  C  C   . ILE A 1 142 ? 12.325  13.015  -3.844  1.00 34.80  ? 139 ILE A C   1 
ATOM   961  O  O   . ILE A 1 142 ? 13.002  13.698  -3.066  1.00 30.77  ? 139 ILE A O   1 
ATOM   962  C  CB  . ILE A 1 142 ? 9.931   12.913  -2.904  1.00 33.56  ? 139 ILE A CB  1 
ATOM   963  C  CG1 . ILE A 1 142 ? 8.824   11.952  -2.451  1.00 33.31  ? 139 ILE A CG1 1 
ATOM   964  C  CG2 . ILE A 1 142 ? 9.472   13.748  -4.092  1.00 33.41  ? 139 ILE A CG2 1 
ATOM   965  C  CD1 . ILE A 1 142 ? 7.548   12.628  -1.983  1.00 34.68  ? 139 ILE A CD1 1 
ATOM   966  N  N   . GLU A 1 143 ? 12.575  12.885  -5.152  1.00 35.82  ? 140 GLU A N   1 
ATOM   967  C  CA  . GLU A 1 143 ? 13.550  13.748  -5.871  1.00 36.80  ? 140 GLU A CA  1 
ATOM   968  C  C   . GLU A 1 143 ? 12.792  14.694  -6.811  1.00 36.58  ? 140 GLU A C   1 
ATOM   969  O  O   . GLU A 1 143 ? 13.266  15.825  -7.012  1.00 36.41  ? 140 GLU A O   1 
ATOM   970  C  CB  . GLU A 1 143 ? 14.611  12.883  -6.548  1.00 35.77  ? 140 GLU A CB  1 
ATOM   971  C  CG  . GLU A 1 143 ? 15.683  12.427  -5.572  1.00 37.61  ? 140 GLU A CG  1 
ATOM   972  C  CD  . GLU A 1 143 ? 16.631  11.369  -6.106  1.00 42.57  ? 140 GLU A CD  1 
ATOM   973  O  OE1 . GLU A 1 143 ? 16.457  10.959  -7.278  1.00 44.70  ? 140 GLU A OE1 1 
ATOM   974  O  OE2 . GLU A 1 143 ? 17.549  10.966  -5.353  1.00 47.73  ? 140 GLU A OE2 1 
ATOM   975  N  N   . ASN A 1 144 ? 11.643  14.276  -7.337  1.00 36.65  ? 141 ASN A N   1 
ATOM   976  C  CA  . ASN A 1 144 ? 10.817  15.151  -8.204  1.00 39.08  ? 141 ASN A CA  1 
ATOM   977  C  C   . ASN A 1 144 ? 9.356   14.687  -8.218  1.00 38.95  ? 141 ASN A C   1 
ATOM   978  O  O   . ASN A 1 144 ? 9.105   13.448  -8.181  1.00 37.99  ? 141 ASN A O   1 
ATOM   979  C  CB  . ASN A 1 144 ? 11.407  15.197  -9.616  1.00 41.11  ? 141 ASN A CB  1 
ATOM   980  C  CG  . ASN A 1 144 ? 11.028  16.453  -10.370 1.00 45.31  ? 141 ASN A CG  1 
ATOM   981  O  OD1 . ASN A 1 144 ? 10.776  17.496  -9.766  1.00 48.15  ? 141 ASN A OD1 1 
ATOM   982  N  ND2 . ASN A 1 144 ? 11.014  16.366  -11.687 1.00 46.49  ? 141 ASN A ND2 1 
ATOM   983  N  N   . LEU A 1 145 ? 8.433   15.654  -8.284  1.00 39.47  ? 142 LEU A N   1 
ATOM   984  C  CA  . LEU A 1 145 ? 7.001   15.447  -8.622  1.00 39.29  ? 142 LEU A CA  1 
ATOM   985  C  C   . LEU A 1 145 ? 6.730   16.153  -9.952  1.00 40.67  ? 142 LEU A C   1 
ATOM   986  O  O   . LEU A 1 145 ? 7.040   17.356  -10.045 1.00 39.31  ? 142 LEU A O   1 
ATOM   987  C  CB  . LEU A 1 145 ? 6.096   16.020  -7.528  1.00 38.08  ? 142 LEU A CB  1 
ATOM   988  C  CG  . LEU A 1 145 ? 6.305   15.472  -6.117  1.00 37.60  ? 142 LEU A CG  1 
ATOM   989  C  CD1 . LEU A 1 145 ? 5.454   16.256  -5.130  1.00 36.73  ? 142 LEU A CD1 1 
ATOM   990  C  CD2 . LEU A 1 145 ? 5.984   13.984  -6.060  1.00 37.52  ? 142 LEU A CD2 1 
ATOM   991  N  N   . LEU A 1 146 ? 6.201   15.409  -10.923 1.00 42.35  ? 143 LEU A N   1 
ATOM   992  C  CA  . LEU A 1 146 ? 5.904   15.886  -12.299 1.00 44.71  ? 143 LEU A CA  1 
ATOM   993  C  C   . LEU A 1 146 ? 4.392   16.097  -12.429 1.00 46.10  ? 143 LEU A C   1 
ATOM   994  O  O   . LEU A 1 146 ? 3.620   15.286  -11.872 1.00 42.18  ? 143 LEU A O   1 
ATOM   995  C  CB  . LEU A 1 146 ? 6.399   14.851  -13.315 1.00 45.82  ? 143 LEU A CB  1 
ATOM   996  C  CG  . LEU A 1 146 ? 7.909   14.795  -13.565 1.00 47.22  ? 143 LEU A CG  1 
ATOM   997  C  CD1 . LEU A 1 146 ? 8.421   16.082  -14.196 1.00 46.05  ? 143 LEU A CD1 1 
ATOM   998  C  CD2 . LEU A 1 146 ? 8.679   14.494  -12.292 1.00 47.88  ? 143 LEU A CD2 1 
ATOM   999  N  N   . ASP A 1 147 ? 3.988   17.139  -13.156 1.00 47.48  ? 144 ASP A N   1 
ATOM   1000 C  CA  . ASP A 1 147 ? 2.561   17.515  -13.330 1.00 48.19  ? 144 ASP A CA  1 
ATOM   1001 C  C   . ASP A 1 147 ? 1.866   16.529  -14.274 1.00 47.13  ? 144 ASP A C   1 
ATOM   1002 O  O   . ASP A 1 147 ? 0.664   16.289  -14.077 1.00 49.34  ? 144 ASP A O   1 
ATOM   1003 C  CB  . ASP A 1 147 ? 2.444   18.965  -13.796 1.00 53.26  ? 144 ASP A CB  1 
ATOM   1004 C  CG  . ASP A 1 147 ? 2.446   19.947  -12.638 1.00 59.22  ? 144 ASP A CG  1 
ATOM   1005 O  OD1 . ASP A 1 147 ? 3.465   20.645  -12.458 1.00 60.30  ? 144 ASP A OD1 1 
ATOM   1006 O  OD2 . ASP A 1 147 ? 1.424   20.005  -11.924 1.00 66.51  ? 144 ASP A OD2 1 
ATOM   1007 N  N   . LYS A 1 148 ? 2.585   15.967  -15.250 1.00 43.19  ? 145 LYS A N   1 
ATOM   1008 C  CA  . LYS A 1 148 ? 2.024   14.984  -16.214 1.00 42.80  ? 145 LYS A CA  1 
ATOM   1009 C  C   . LYS A 1 148 ? 2.597   13.592  -15.926 1.00 42.11  ? 145 LYS A C   1 
ATOM   1010 O  O   . LYS A 1 148 ? 3.833   13.448  -15.904 1.00 40.28  ? 145 LYS A O   1 
ATOM   1011 C  CB  . LYS A 1 148 ? 2.317   15.397  -17.659 1.00 45.44  ? 145 LYS A CB  1 
ATOM   1012 C  CG  . LYS A 1 148 ? 1.754   14.448  -18.708 1.00 47.93  ? 145 LYS A CG  1 
ATOM   1013 C  CD  . LYS A 1 148 ? 2.143   14.797  -20.128 1.00 50.86  ? 145 LYS A CD  1 
ATOM   1014 C  CE  . LYS A 1 148 ? 1.159   14.259  -21.144 1.00 52.30  ? 145 LYS A CE  1 
ATOM   1015 N  NZ  . LYS A 1 148 ? 1.736   14.262  -22.509 1.00 52.49  ? 145 LYS A NZ  1 
ATOM   1016 N  N   . PHE A 1 149 ? 1.719   12.601  -15.749 1.00 41.84  ? 146 PHE A N   1 
ATOM   1017 C  CA  . PHE A 1 149 ? 2.080   11.182  -15.506 1.00 37.64  ? 146 PHE A CA  1 
ATOM   1018 C  C   . PHE A 1 149 ? 0.889   10.316  -15.901 1.00 36.18  ? 146 PHE A C   1 
ATOM   1019 O  O   . PHE A 1 149 ? -0.212  10.835  -16.101 1.00 38.53  ? 146 PHE A O   1 
ATOM   1020 C  CB  . PHE A 1 149 ? 2.584   11.029  -14.070 1.00 36.96  ? 146 PHE A CB  1 
ATOM   1021 C  CG  . PHE A 1 149 ? 1.584   11.411  -13.009 1.00 38.69  ? 146 PHE A CG  1 
ATOM   1022 C  CD1 . PHE A 1 149 ? 0.671   10.478  -12.548 1.00 38.79  ? 146 PHE A CD1 1 
ATOM   1023 C  CD2 . PHE A 1 149 ? 1.567   12.687  -12.465 1.00 36.87  ? 146 PHE A CD2 1 
ATOM   1024 C  CE1 . PHE A 1 149 ? -0.250  10.818  -11.570 1.00 39.20  ? 146 PHE A CE1 1 
ATOM   1025 C  CE2 . PHE A 1 149 ? 0.654   13.021  -11.476 1.00 40.39  ? 146 PHE A CE2 1 
ATOM   1026 C  CZ  . PHE A 1 149 ? -0.255  12.087  -11.038 1.00 39.39  ? 146 PHE A CZ  1 
ATOM   1027 N  N   . PRO A 1 150 ? 1.070   8.992   -16.103 1.00 32.50  ? 147 PRO A N   1 
ATOM   1028 C  CA  . PRO A 1 150 ? 0.047   8.180   -16.761 1.00 33.14  ? 147 PRO A CA  1 
ATOM   1029 C  C   . PRO A 1 150 ? -1.360  8.322   -16.157 1.00 36.91  ? 147 PRO A C   1 
ATOM   1030 O  O   . PRO A 1 150 ? -2.290  8.448   -16.918 1.00 37.86  ? 147 PRO A O   1 
ATOM   1031 C  CB  . PRO A 1 150 ? 0.611   6.768   -16.611 1.00 32.39  ? 147 PRO A CB  1 
ATOM   1032 C  CG  . PRO A 1 150 ? 2.104   6.992   -16.678 1.00 32.65  ? 147 PRO A CG  1 
ATOM   1033 C  CD  . PRO A 1 150 ? 2.298   8.223   -15.828 1.00 31.20  ? 147 PRO A CD  1 
ATOM   1034 N  N   . GLU A 1 151 ? -1.488  8.328   -14.829 1.00 39.97  ? 148 GLU A N   1 
ATOM   1035 C  CA  . GLU A 1 151 ? -2.820  8.290   -14.158 1.00 39.99  ? 148 GLU A CA  1 
ATOM   1036 C  C   . GLU A 1 151 ? -3.201  9.673   -13.611 1.00 41.62  ? 148 GLU A C   1 
ATOM   1037 O  O   . GLU A 1 151 ? -4.126  9.722   -12.776 1.00 40.85  ? 148 GLU A O   1 
ATOM   1038 C  CB  . GLU A 1 151 ? -2.813  7.193   -13.087 1.00 38.99  ? 148 GLU A CB  1 
ATOM   1039 C  CG  . GLU A 1 151 ? -2.610  5.807   -13.673 1.00 40.40  ? 148 GLU A CG  1 
ATOM   1040 C  CD  . GLU A 1 151 ? -2.893  4.647   -12.735 1.00 43.25  ? 148 GLU A CD  1 
ATOM   1041 O  OE1 . GLU A 1 151 ? -3.231  4.904   -11.568 1.00 45.46  ? 148 GLU A OE1 1 
ATOM   1042 O  OE2 . GLU A 1 151 ? -2.795  3.483   -13.184 1.00 46.77  ? 148 GLU A OE2 1 
ATOM   1043 N  N   . CYS A 1 152 ? -2.587  10.754  -14.113 1.00 40.78  ? 149 CYS A N   1 
ATOM   1044 C  CA  . CYS A 1 152 ? -2.659  12.136  -13.556 1.00 43.65  ? 149 CYS A CA  1 
ATOM   1045 C  C   . CYS A 1 152 ? -4.059  12.757  -13.688 1.00 44.32  ? 149 CYS A C   1 
ATOM   1046 O  O   . CYS A 1 152 ? -4.292  13.793  -13.016 1.00 44.41  ? 149 CYS A O   1 
ATOM   1047 C  CB  . CYS A 1 152 ? -1.657  13.060  -14.238 1.00 46.37  ? 149 CYS A CB  1 
ATOM   1048 S  SG  . CYS A 1 152 ? -2.067  13.438  -15.963 1.00 45.47  ? 149 CYS A SG  1 
ATOM   1049 N  N   . HIS A 1 153 ? -4.939  12.179  -14.513 1.00 44.20  ? 150 HIS A N   1 
ATOM   1050 C  CA  . HIS A 1 153 ? -6.333  12.660  -14.736 1.00 49.30  ? 150 HIS A CA  1 
ATOM   1051 C  C   . HIS A 1 153 ? -7.341  11.735  -14.045 1.00 49.98  ? 150 HIS A C   1 
ATOM   1052 O  O   . HIS A 1 153 ? -8.547  12.013  -14.138 1.00 50.85  ? 150 HIS A O   1 
ATOM   1053 C  CB  . HIS A 1 153 ? -6.629  12.785  -16.239 1.00 50.83  ? 150 HIS A CB  1 
ATOM   1054 C  CG  . HIS A 1 153 ? -5.796  13.817  -16.927 1.00 52.89  ? 150 HIS A CG  1 
ATOM   1055 N  ND1 . HIS A 1 153 ? -5.767  15.139  -16.514 1.00 53.96  ? 150 HIS A ND1 1 
ATOM   1056 C  CD2 . HIS A 1 153 ? -4.967  13.732  -17.991 1.00 50.72  ? 150 HIS A CD2 1 
ATOM   1057 C  CE1 . HIS A 1 153 ? -4.953  15.823  -17.294 1.00 53.33  ? 150 HIS A CE1 1 
ATOM   1058 N  NE2 . HIS A 1 153 ? -4.446  14.980  -18.205 1.00 51.53  ? 150 HIS A NE2 1 
ATOM   1059 N  N   . LYS A 1 154 ? -6.859  10.683  -13.378 1.00 49.04  ? 151 LYS A N   1 
ATOM   1060 C  CA  . LYS A 1 154 ? -7.676  9.589   -12.793 1.00 48.85  ? 151 LYS A CA  1 
ATOM   1061 C  C   . LYS A 1 154 ? -7.480  9.537   -11.268 1.00 45.25  ? 151 LYS A C   1 
ATOM   1062 O  O   . LYS A 1 154 ? -8.216  8.778   -10.606 1.00 52.22  ? 151 LYS A O   1 
ATOM   1063 C  CB  . LYS A 1 154 ? -7.261  8.282   -13.474 1.00 51.57  ? 151 LYS A CB  1 
ATOM   1064 C  CG  . LYS A 1 154 ? -8.248  7.131   -13.362 1.00 56.95  ? 151 LYS A CG  1 
ATOM   1065 C  CD  . LYS A 1 154 ? -7.607  5.769   -13.548 1.00 59.11  ? 151 LYS A CD  1 
ATOM   1066 C  CE  . LYS A 1 154 ? -6.606  5.430   -12.461 1.00 60.48  ? 151 LYS A CE  1 
ATOM   1067 N  NZ  . LYS A 1 154 ? -6.401  3.967   -12.339 1.00 62.30  ? 151 LYS A NZ  1 
ATOM   1068 N  N   . ARG A 1 155 ? -6.539  10.318  -10.733 1.00 42.21  ? 152 ARG A N   1 
ATOM   1069 C  CA  . ARG A 1 155 ? -6.137  10.330  -9.302  1.00 41.33  ? 152 ARG A CA  1 
ATOM   1070 C  C   . ARG A 1 155 ? -5.702  11.739  -8.931  1.00 40.01  ? 152 ARG A C   1 
ATOM   1071 O  O   . ARG A 1 155 ? -5.245  12.461  -9.825  1.00 41.96  ? 152 ARG A O   1 
ATOM   1072 C  CB  . ARG A 1 155 ? -4.931  9.428   -9.004  1.00 40.82  ? 152 ARG A CB  1 
ATOM   1073 C  CG  . ARG A 1 155 ? -5.121  7.958   -9.335  1.00 38.11  ? 152 ARG A CG  1 
ATOM   1074 C  CD  . ARG A 1 155 ? -4.001  7.146   -8.718  1.00 35.57  ? 152 ARG A CD  1 
ATOM   1075 N  NE  . ARG A 1 155 ? -4.024  5.773   -9.184  1.00 35.69  ? 152 ARG A NE  1 
ATOM   1076 C  CZ  . ARG A 1 155 ? -4.539  4.734   -8.534  1.00 36.62  ? 152 ARG A CZ  1 
ATOM   1077 N  NH1 . ARG A 1 155 ? -5.098  4.887   -7.345  1.00 34.78  ? 152 ARG A NH1 1 
ATOM   1078 N  NH2 . ARG A 1 155 ? -4.480  3.535   -9.079  1.00 38.11  ? 152 ARG A NH2 1 
ATOM   1079 N  N   . HIS A 1 156 ? -5.852  12.096  -7.658  1.00 39.10  ? 153 HIS A N   1 
ATOM   1080 C  CA  . HIS A 1 156 ? -5.173  13.239  -7.008  1.00 39.49  ? 153 HIS A CA  1 
ATOM   1081 C  C   . HIS A 1 156 ? -3.960  12.686  -6.263  1.00 39.10  ? 153 HIS A C   1 
ATOM   1082 O  O   . HIS A 1 156 ? -3.922  11.461  -6.016  1.00 41.00  ? 153 HIS A O   1 
ATOM   1083 C  CB  . HIS A 1 156 ? -6.149  13.992  -6.092  1.00 44.14  ? 153 HIS A CB  1 
ATOM   1084 C  CG  . HIS A 1 156 ? -7.379  14.450  -6.804  1.00 48.08  ? 153 HIS A CG  1 
ATOM   1085 N  ND1 . HIS A 1 156 ? -8.315  13.561  -7.303  1.00 51.10  ? 153 HIS A ND1 1 
ATOM   1086 C  CD2 . HIS A 1 156 ? -7.823  15.685  -7.120  1.00 51.16  ? 153 HIS A CD2 1 
ATOM   1087 C  CE1 . HIS A 1 156 ? -9.285  14.231  -7.894  1.00 52.99  ? 153 HIS A CE1 1 
ATOM   1088 N  NE2 . HIS A 1 156 ? -9.008  15.536  -7.790  1.00 54.65  ? 153 HIS A NE2 1 
ATOM   1089 N  N   . ARG A 1 157 ? -3.015  13.552  -5.921  1.00 38.50  ? 154 ARG A N   1 
ATOM   1090 C  CA  . ARG A 1 157 ? -1.791  13.183  -5.181  1.00 40.13  ? 154 ARG A CA  1 
ATOM   1091 C  C   . ARG A 1 157 ? -1.352  14.388  -4.362  1.00 41.34  ? 154 ARG A C   1 
ATOM   1092 O  O   . ARG A 1 157 ? -1.196  15.475  -4.940  1.00 44.93  ? 154 ARG A O   1 
ATOM   1093 C  CB  . ARG A 1 157 ? -0.705  12.718  -6.148  1.00 41.16  ? 154 ARG A CB  1 
ATOM   1094 C  CG  . ARG A 1 157 ? 0.632   13.423  -5.999  1.00 42.16  ? 154 ARG A CG  1 
ATOM   1095 C  CD  . ARG A 1 157 ? 1.019   13.811  -7.396  1.00 41.94  ? 154 ARG A CD  1 
ATOM   1096 N  NE  . ARG A 1 157 ? 1.609   15.120  -7.578  1.00 44.16  ? 154 ARG A NE  1 
ATOM   1097 C  CZ  . ARG A 1 157 ? 2.408   15.409  -8.600  1.00 45.28  ? 154 ARG A CZ  1 
ATOM   1098 N  NH1 . ARG A 1 157 ? 2.750   14.451  -9.447  1.00 41.89  ? 154 ARG A NH1 1 
ATOM   1099 N  NH2 . ARG A 1 157 ? 2.888   16.633  -8.750  1.00 45.18  ? 154 ARG A NH2 1 
ATOM   1100 N  N   . LYS A 1 158 ? -1.147  14.177  -3.066  1.00 40.80  ? 155 LYS A N   1 
ATOM   1101 C  CA  . LYS A 1 158 ? -0.865  15.259  -2.096  1.00 38.42  ? 155 LYS A CA  1 
ATOM   1102 C  C   . LYS A 1 158 ? 0.022   14.708  -0.985  1.00 36.63  ? 155 LYS A C   1 
ATOM   1103 O  O   . LYS A 1 158 ? -0.111  13.511  -0.657  1.00 34.40  ? 155 LYS A O   1 
ATOM   1104 C  CB  . LYS A 1 158 ? -2.177  15.813  -1.536  1.00 40.91  ? 155 LYS A CB  1 
ATOM   1105 C  CG  . LYS A 1 158 ? -2.045  17.140  -0.812  1.00 42.44  ? 155 LYS A CG  1 
ATOM   1106 C  CD  . LYS A 1 158 ? -3.359  17.669  -0.281  1.00 45.15  ? 155 LYS A CD  1 
ATOM   1107 C  CE  . LYS A 1 158 ? -3.167  18.793  0.715   1.00 47.21  ? 155 LYS A CE  1 
ATOM   1108 N  NZ  . LYS A 1 158 ? -4.334  18.919  1.620   1.00 51.52  ? 155 LYS A NZ  1 
ATOM   1109 N  N   . LEU A 1 159 ? 0.887   15.575  -0.463  1.00 35.03  ? 156 LEU A N   1 
ATOM   1110 C  CA  . LEU A 1 159 ? 1.748   15.341  0.713   1.00 35.51  ? 156 LEU A CA  1 
ATOM   1111 C  C   . LEU A 1 159 ? 0.903   15.533  1.970   1.00 35.90  ? 156 LEU A C   1 
ATOM   1112 O  O   . LEU A 1 159 ? 0.034   16.431  1.979   1.00 33.67  ? 156 LEU A O   1 
ATOM   1113 C  CB  . LEU A 1 159 ? 2.917   16.330  0.695   1.00 37.67  ? 156 LEU A CB  1 
ATOM   1114 C  CG  . LEU A 1 159 ? 3.974   16.098  -0.389  1.00 39.40  ? 156 LEU A CG  1 
ATOM   1115 C  CD1 . LEU A 1 159 ? 4.960   17.260  -0.436  1.00 40.03  ? 156 LEU A CD1 1 
ATOM   1116 C  CD2 . LEU A 1 159 ? 4.712   14.783  -0.169  1.00 38.14  ? 156 LEU A CD2 1 
ATOM   1117 N  N   . TYR A 1 160 ? 1.174   14.725  2.988   1.00 38.84  ? 157 TYR A N   1 
ATOM   1118 C  CA  . TYR A 1 160 ? 0.484   14.760  4.302   1.00 37.68  ? 157 TYR A CA  1 
ATOM   1119 C  C   . TYR A 1 160 ? 1.507   14.496  5.408   1.00 37.66  ? 157 TYR A C   1 
ATOM   1120 O  O   . TYR A 1 160 ? 2.372   13.607  5.243   1.00 37.30  ? 157 TYR A O   1 
ATOM   1121 C  CB  . TYR A 1 160 ? -0.619  13.705  4.333   1.00 36.45  ? 157 TYR A CB  1 
ATOM   1122 C  CG  . TYR A 1 160 ? -1.850  13.992  3.514   1.00 38.18  ? 157 TYR A CG  1 
ATOM   1123 C  CD1 . TYR A 1 160 ? -2.813  14.892  3.945   1.00 39.22  ? 157 TYR A CD1 1 
ATOM   1124 C  CD2 . TYR A 1 160 ? -2.102  13.304  2.338   1.00 36.42  ? 157 TYR A CD2 1 
ATOM   1125 C  CE1 . TYR A 1 160 ? -3.964  15.133  3.209   1.00 38.27  ? 157 TYR A CE1 1 
ATOM   1126 C  CE2 . TYR A 1 160 ? -3.245  13.530  1.592   1.00 38.39  ? 157 TYR A CE2 1 
ATOM   1127 C  CZ  . TYR A 1 160 ? -4.183  14.446  2.028   1.00 38.20  ? 157 TYR A CZ  1 
ATOM   1128 O  OH  . TYR A 1 160 ? -5.310  14.665  1.284   1.00 41.13  ? 157 TYR A OH  1 
ATOM   1129 N  N   . SER A 1 161 ? 1.403   15.232  6.513   1.00 35.93  ? 158 SER A N   1 
ATOM   1130 C  CA  . SER A 1 161 ? 2.112   14.935  7.784   1.00 37.81  ? 158 SER A CA  1 
ATOM   1131 C  C   . SER A 1 161 ? 1.694   13.544  8.280   1.00 34.03  ? 158 SER A C   1 
ATOM   1132 O  O   . SER A 1 161 ? 0.678   13.007  7.776   1.00 36.25  ? 158 SER A O   1 
ATOM   1133 C  CB  . SER A 1 161 ? 1.819   15.970  8.830   1.00 40.61  ? 158 SER A CB  1 
ATOM   1134 O  OG  . SER A 1 161 ? 0.531   15.739  9.378   1.00 42.14  ? 158 SER A OG  1 
ATOM   1135 N  N   . TYR A 1 162 ? 2.429   12.999  9.250   1.00 35.29  ? 159 TYR A N   1 
ATOM   1136 C  CA  . TYR A 1 162 ? 2.186   11.645  9.815   1.00 37.62  ? 159 TYR A CA  1 
ATOM   1137 C  C   . TYR A 1 162 ? 0.758   11.545  10.376  1.00 36.29  ? 159 TYR A C   1 
ATOM   1138 O  O   . TYR A 1 162 ? 0.014   10.605  10.002  1.00 34.07  ? 159 TYR A O   1 
ATOM   1139 C  CB  . TYR A 1 162 ? 3.207   11.287  10.893  1.00 36.98  ? 159 TYR A CB  1 
ATOM   1140 C  CG  . TYR A 1 162 ? 2.870   9.963   11.528  1.00 38.56  ? 159 TYR A CG  1 
ATOM   1141 C  CD1 . TYR A 1 162 ? 2.995   8.791   10.806  1.00 36.84  ? 159 TYR A CD1 1 
ATOM   1142 C  CD2 . TYR A 1 162 ? 2.345   9.884   12.810  1.00 40.85  ? 159 TYR A CD2 1 
ATOM   1143 C  CE1 . TYR A 1 162 ? 2.646   7.567   11.350  1.00 38.42  ? 159 TYR A CE1 1 
ATOM   1144 C  CE2 . TYR A 1 162 ? 1.994   8.665   13.372  1.00 39.84  ? 159 TYR A CE2 1 
ATOM   1145 C  CZ  . TYR A 1 162 ? 2.139   7.501   12.637  1.00 38.76  ? 159 TYR A CZ  1 
ATOM   1146 O  OH  . TYR A 1 162 ? 1.801   6.291   13.175  1.00 37.18  ? 159 TYR A OH  1 
ATOM   1147 N  N   . THR A 1 163 ? 0.362   12.496  11.223  1.00 38.12  ? 160 THR A N   1 
ATOM   1148 C  CA  . THR A 1 163 ? -0.972  12.487  11.887  1.00 40.48  ? 160 THR A CA  1 
ATOM   1149 C  C   . THR A 1 163 ? -2.071  12.421  10.821  1.00 39.20  ? 160 THR A C   1 
ATOM   1150 O  O   . THR A 1 163 ? -2.960  11.544  10.935  1.00 34.89  ? 160 THR A O   1 
ATOM   1151 C  CB  . THR A 1 163 ? -1.130  13.680  12.838  1.00 44.90  ? 160 THR A CB  1 
ATOM   1152 O  OG1 . THR A 1 163 ? -0.015  13.661  13.730  1.00 45.92  ? 160 THR A OG1 1 
ATOM   1153 C  CG2 . THR A 1 163 ? -2.425  13.629  13.622  1.00 46.92  ? 160 THR A CG2 1 
ATOM   1154 N  N   . GLU A 1 164 ? -1.971  13.260  9.782   1.00 38.74  ? 161 GLU A N   1 
ATOM   1155 C  CA  . GLU A 1 164 ? -2.956  13.346  8.669   1.00 38.38  ? 161 GLU A CA  1 
ATOM   1156 C  C   . GLU A 1 164 ? -2.963  12.041  7.863   1.00 36.22  ? 161 GLU A C   1 
ATOM   1157 O  O   . GLU A 1 164 ? -4.057  11.522  7.560   1.00 35.87  ? 161 GLU A O   1 
ATOM   1158 C  CB  . GLU A 1 164 ? -2.621  14.526  7.751   1.00 44.74  ? 161 GLU A CB  1 
ATOM   1159 C  CG  . GLU A 1 164 ? -2.598  15.883  8.439   1.00 47.88  ? 161 GLU A CG  1 
ATOM   1160 C  CD  . GLU A 1 164 ? -2.161  17.033  7.542   1.00 52.36  ? 161 GLU A CD  1 
ATOM   1161 O  OE1 . GLU A 1 164 ? -2.791  18.110  7.628   1.00 54.36  ? 161 GLU A OE1 1 
ATOM   1162 O  OE2 . GLU A 1 164 ? -1.197  16.853  6.748   1.00 46.90  ? 161 GLU A OE2 1 
ATOM   1163 N  N   . ALA A 1 165 ? -1.786  11.538  7.484   1.00 36.36  ? 162 ALA A N   1 
ATOM   1164 C  CA  . ALA A 1 165 ? -1.626  10.278  6.718   1.00 35.24  ? 162 ALA A CA  1 
ATOM   1165 C  C   . ALA A 1 165 ? -2.251  9.106   7.493   1.00 29.91  ? 162 ALA A C   1 
ATOM   1166 O  O   . ALA A 1 165 ? -3.037  8.329   6.895   1.00 29.71  ? 162 ALA A O   1 
ATOM   1167 C  CB  . ALA A 1 165 ? -0.160  10.038  6.457   1.00 35.24  ? 162 ALA A CB  1 
ATOM   1168 N  N   . LYS A 1 166 ? -1.903  8.981   8.772   1.00 32.41  ? 163 LYS A N   1 
ATOM   1169 C  CA  . LYS A 1 166 ? -2.474  7.949   9.690   1.00 34.92  ? 163 LYS A CA  1 
ATOM   1170 C  C   . LYS A 1 166 ? -4.008  8.005   9.634   1.00 32.59  ? 163 LYS A C   1 
ATOM   1171 O  O   . LYS A 1 166 ? -4.633  6.951   9.400   1.00 31.69  ? 163 LYS A O   1 
ATOM   1172 C  CB  . LYS A 1 166 ? -1.940  8.151   11.113  1.00 38.32  ? 163 LYS A CB  1 
ATOM   1173 C  CG  . LYS A 1 166 ? -2.434  7.157   12.158  1.00 43.17  ? 163 LYS A CG  1 
ATOM   1174 C  CD  . LYS A 1 166 ? -1.769  7.348   13.513  1.00 45.81  ? 163 LYS A CD  1 
ATOM   1175 C  CE  . LYS A 1 166 ? -2.604  6.856   14.681  1.00 52.76  ? 163 LYS A CE  1 
ATOM   1176 N  NZ  . LYS A 1 166 ? -2.414  5.407   14.941  1.00 53.26  ? 163 LYS A NZ  1 
ATOM   1177 N  N   . GLN A 1 167 ? -4.621  9.183   9.797   1.00 34.88  ? 164 GLN A N   1 
ATOM   1178 C  CA  . GLN A 1 167 ? -6.107  9.283   9.766   1.00 34.98  ? 164 GLN A CA  1 
ATOM   1179 C  C   . GLN A 1 167 ? -6.644  8.885   8.390   1.00 33.58  ? 164 GLN A C   1 
ATOM   1180 O  O   . GLN A 1 167 ? -7.636  8.133   8.354   1.00 33.89  ? 164 GLN A O   1 
ATOM   1181 C  CB  . GLN A 1 167 ? -6.636  10.662  10.169  1.00 40.25  ? 164 GLN A CB  1 
ATOM   1182 C  CG  . GLN A 1 167 ? -8.139  10.640  10.415  1.00 41.78  ? 164 GLN A CG  1 
ATOM   1183 C  CD  . GLN A 1 167 ? -8.547  9.585   11.422  1.00 45.47  ? 164 GLN A CD  1 
ATOM   1184 O  OE1 . GLN A 1 167 ? -7.979  9.482   12.512  1.00 45.47  ? 164 GLN A OE1 1 
ATOM   1185 N  NE2 . GLN A 1 167 ? -9.534  8.774   11.069  1.00 48.06  ? 164 GLN A NE2 1 
ATOM   1186 N  N   . ASN A 1 168 ? -5.999  9.327   7.299   1.00 32.41  ? 165 ASN A N   1 
ATOM   1187 C  CA  . ASN A 1 168 ? -6.396  8.946   5.919   1.00 32.16  ? 165 ASN A CA  1 
ATOM   1188 C  C   . ASN A 1 168 ? -6.477  7.425   5.790   1.00 29.26  ? 165 ASN A C   1 
ATOM   1189 O  O   . ASN A 1 168 ? -7.449  6.917   5.166   1.00 32.25  ? 165 ASN A O   1 
ATOM   1190 C  CB  . ASN A 1 168 ? -5.427  9.511   4.874   1.00 33.87  ? 165 ASN A CB  1 
ATOM   1191 C  CG  . ASN A 1 168 ? -5.600  10.997  4.636   1.00 37.44  ? 165 ASN A CG  1 
ATOM   1192 O  OD1 . ASN A 1 168 ? -6.622  11.579  5.004   1.00 41.21  ? 165 ASN A OD1 1 
ATOM   1193 N  ND2 . ASN A 1 168 ? -4.618  11.624  4.003   1.00 38.30  ? 165 ASN A ND2 1 
ATOM   1194 N  N   . LEU A 1 169 ? -5.452  6.705   6.260   1.00 30.54  ? 166 LEU A N   1 
ATOM   1195 C  CA  . LEU A 1 169 ? -5.361  5.237   6.039   1.00 31.54  ? 166 LEU A CA  1 
ATOM   1196 C  C   . LEU A 1 169 ? -6.392  4.491   6.897   1.00 32.70  ? 166 LEU A C   1 
ATOM   1197 O  O   . LEU A 1 169 ? -6.914  3.461   6.421   1.00 30.50  ? 166 LEU A O   1 
ATOM   1198 C  CB  . LEU A 1 169 ? -3.925  4.782   6.313   1.00 33.62  ? 166 LEU A CB  1 
ATOM   1199 C  CG  . LEU A 1 169 ? -2.928  5.190   5.223   1.00 32.36  ? 166 LEU A CG  1 
ATOM   1200 C  CD1 . LEU A 1 169 ? -1.508  4.814   5.613   1.00 33.38  ? 166 LEU A CD1 1 
ATOM   1201 C  CD2 . LEU A 1 169 ? -3.294  4.552   3.899   1.00 31.02  ? 166 LEU A CD2 1 
ATOM   1202 N  N   . ILE A 1 170 ? -6.717  5.006   8.083   1.00 34.81  ? 167 ILE A N   1 
ATOM   1203 C  CA  . ILE A 1 170 ? -7.802  4.404   8.925   1.00 34.63  ? 167 ILE A CA  1 
ATOM   1204 C  C   . ILE A 1 170 ? -9.150  4.624   8.213   1.00 34.67  ? 167 ILE A C   1 
ATOM   1205 O  O   . ILE A 1 170 ? -9.915  3.632   8.035   1.00 32.77  ? 167 ILE A O   1 
ATOM   1206 C  CB  . ILE A 1 170 ? -7.750  4.957   10.363  1.00 38.32  ? 167 ILE A CB  1 
ATOM   1207 C  CG1 . ILE A 1 170 ? -6.501  4.467   11.103  1.00 37.27  ? 167 ILE A CG1 1 
ATOM   1208 C  CG2 . ILE A 1 170 ? -9.021  4.602   11.121  1.00 36.78  ? 167 ILE A CG2 1 
ATOM   1209 C  CD1 . ILE A 1 170 ? -6.159  5.260   12.354  1.00 39.34  ? 167 ILE A CD1 1 
ATOM   1210 N  N   . ASP A 1 171 ? -9.402  5.856   7.760   1.00 37.49  ? 168 ASP A N   1 
ATOM   1211 C  CA  . ASP A 1 171 ? -10.601 6.245   6.967   1.00 36.83  ? 168 ASP A CA  1 
ATOM   1212 C  C   . ASP A 1 171 ? -10.706 5.349   5.729   1.00 36.33  ? 168 ASP A C   1 
ATOM   1213 O  O   . ASP A 1 171 ? -11.831 4.955   5.390   1.00 36.27  ? 168 ASP A O   1 
ATOM   1214 C  CB  . ASP A 1 171 ? -10.564 7.720   6.563   1.00 38.54  ? 168 ASP A CB  1 
ATOM   1215 C  CG  . ASP A 1 171 ? -10.666 8.708   7.714   1.00 43.02  ? 168 ASP A CG  1 
ATOM   1216 O  OD1 . ASP A 1 171 ? -11.023 8.280   8.844   1.00 47.07  ? 168 ASP A OD1 1 
ATOM   1217 O  OD2 . ASP A 1 171 ? -10.377 9.905   7.479   1.00 48.59  ? 168 ASP A OD2 1 
ATOM   1218 N  N   . ALA A 1 172 ? -9.573  5.023   5.087   1.00 35.65  ? 169 ALA A N   1 
ATOM   1219 C  CA  . ALA A 1 172 ? -9.509  4.163   3.881   1.00 35.94  ? 169 ALA A CA  1 
ATOM   1220 C  C   . ALA A 1 172 ? -9.700  2.682   4.240   1.00 33.62  ? 169 ALA A C   1 
ATOM   1221 O  O   . ALA A 1 172 ? -9.910  1.875   3.309   1.00 31.02  ? 169 ALA A O   1 
ATOM   1222 C  CB  . ALA A 1 172 ? -8.202  4.412   3.160   1.00 36.20  ? 169 ALA A CB  1 
ATOM   1223 N  N   . LYS A 1 173 ? -9.668  2.337   5.536   1.00 34.69  ? 170 LYS A N   1 
ATOM   1224 C  CA  . LYS A 1 173 ? -9.821  0.948   6.050   1.00 34.90  ? 170 LYS A CA  1 
ATOM   1225 C  C   . LYS A 1 173 ? -8.647  0.079   5.565   1.00 32.24  ? 170 LYS A C   1 
ATOM   1226 O  O   . LYS A 1 173 ? -8.902  -1.060  5.153   1.00 31.88  ? 170 LYS A O   1 
ATOM   1227 C  CB  . LYS A 1 173 ? -11.156 0.346   5.600   1.00 37.63  ? 170 LYS A CB  1 
ATOM   1228 C  CG  . LYS A 1 173 ? -12.399 1.164   5.925   1.00 41.56  ? 170 LYS A CG  1 
ATOM   1229 C  CD  . LYS A 1 173 ? -13.658 0.460   5.465   1.00 44.08  ? 170 LYS A CD  1 
ATOM   1230 C  CE  . LYS A 1 173 ? -14.864 1.365   5.351   1.00 48.96  ? 170 LYS A CE  1 
ATOM   1231 N  NZ  . LYS A 1 173 ? -15.930 0.724   4.548   1.00 52.95  ? 170 LYS A NZ  1 
ATOM   1232 N  N   . ARG A 1 174 ? -7.421  0.613   5.611   1.00 33.04  ? 171 ARG A N   1 
ATOM   1233 C  CA  . ARG A 1 174 ? -6.180  -0.063  5.133   1.00 32.12  ? 171 ARG A CA  1 
ATOM   1234 C  C   . ARG A 1 174 ? -5.122  -0.007  6.232   1.00 33.28  ? 171 ARG A C   1 
ATOM   1235 O  O   . ARG A 1 174 ? -4.123  0.708   6.144   1.00 32.95  ? 171 ARG A O   1 
ATOM   1236 C  CB  . ARG A 1 174 ? -5.702  0.570   3.820   1.00 31.51  ? 171 ARG A CB  1 
ATOM   1237 C  CG  . ARG A 1 174 ? -6.728  0.528   2.697   1.00 31.34  ? 171 ARG A CG  1 
ATOM   1238 C  CD  . ARG A 1 174 ? -7.290  -0.832  2.329   1.00 35.29  ? 171 ARG A CD  1 
ATOM   1239 N  NE  . ARG A 1 174 ? -6.282  -1.721  1.764   1.00 37.40  ? 171 ARG A NE  1 
ATOM   1240 C  CZ  . ARG A 1 174 ? -5.895  -1.736  0.486   1.00 37.50  ? 171 ARG A CZ  1 
ATOM   1241 N  NH1 . ARG A 1 174 ? -6.445  -0.924  -0.403  1.00 38.90  ? 171 ARG A NH1 1 
ATOM   1242 N  NH2 . ARG A 1 174 ? -4.959  -2.583  0.102   1.00 37.55  ? 171 ARG A NH2 1 
ATOM   1243 N  N   . PRO A 1 175 ? -5.306  -0.770  7.332   1.00 31.97  ? 172 PRO A N   1 
ATOM   1244 C  CA  . PRO A 1 175 ? -4.324  -0.771  8.417   1.00 32.77  ? 172 PRO A CA  1 
ATOM   1245 C  C   . PRO A 1 175 ? -2.946  -1.312  7.993   1.00 28.84  ? 172 PRO A C   1 
ATOM   1246 O  O   . PRO A 1 175 ? -1.945  -0.871  8.556   1.00 31.70  ? 172 PRO A O   1 
ATOM   1247 C  CB  . PRO A 1 175 ? -4.968  -1.679  9.481   1.00 31.54  ? 172 PRO A CB  1 
ATOM   1248 C  CG  . PRO A 1 175 ? -5.983  -2.524  8.733   1.00 30.71  ? 172 PRO A CG  1 
ATOM   1249 C  CD  . PRO A 1 175 ? -6.441  -1.678  7.563   1.00 31.47  ? 172 PRO A CD  1 
ATOM   1250 N  N   . GLU A 1 176 ? -2.930  -2.238  7.033   1.00 29.22  ? 173 GLU A N   1 
ATOM   1251 C  CA  . GLU A 1 176 ? -1.685  -2.843  6.476   1.00 30.15  ? 173 GLU A CA  1 
ATOM   1252 C  C   . GLU A 1 176 ? -0.846  -1.738  5.822   1.00 28.86  ? 173 GLU A C   1 
ATOM   1253 O  O   . GLU A 1 176 ? 0.381   -1.785  5.957   1.00 28.82  ? 173 GLU A O   1 
ATOM   1254 C  CB  . GLU A 1 176 ? -2.002  -4.013  5.537   1.00 31.69  ? 173 GLU A CB  1 
ATOM   1255 C  CG  . GLU A 1 176 ? -2.461  -3.645  4.139   1.00 33.57  ? 173 GLU A CG  1 
ATOM   1256 C  CD  . GLU A 1 176 ? -3.956  -3.448  3.948   1.00 36.21  ? 173 GLU A CD  1 
ATOM   1257 O  OE1 . GLU A 1 176 ? -4.635  -3.018  4.929   1.00 39.34  ? 173 GLU A OE1 1 
ATOM   1258 O  OE2 . GLU A 1 176 ? -4.454  -3.754  2.831   1.00 36.41  ? 173 GLU A OE2 1 
ATOM   1259 N  N   . LEU A 1 177 ? -1.468  -0.747  5.177   1.00 30.41  ? 174 LEU A N   1 
ATOM   1260 C  CA  . LEU A 1 177 ? -0.702  0.375   4.566   1.00 28.08  ? 174 LEU A CA  1 
ATOM   1261 C  C   . LEU A 1 177 ? -0.210  1.276   5.694   1.00 27.96  ? 174 LEU A C   1 
ATOM   1262 O  O   . LEU A 1 177 ? 0.912   1.790   5.598   1.00 28.15  ? 174 LEU A O   1 
ATOM   1263 C  CB  . LEU A 1 177 ? -1.542  1.135   3.533   1.00 29.48  ? 174 LEU A CB  1 
ATOM   1264 C  CG  . LEU A 1 177 ? -2.192  0.288   2.441   1.00 29.72  ? 174 LEU A CG  1 
ATOM   1265 C  CD1 . LEU A 1 177 ? -2.997  1.170   1.499   1.00 33.36  ? 174 LEU A CD1 1 
ATOM   1266 C  CD2 . LEU A 1 177 ? -1.156  -0.517  1.662   1.00 30.19  ? 174 LEU A CD2 1 
ATOM   1267 N  N   . LEU A 1 178 ? -0.986  1.400   6.780   1.00 28.08  ? 175 LEU A N   1 
ATOM   1268 C  CA  . LEU A 1 178 ? -0.526  2.166   7.962   1.00 26.24  ? 175 LEU A CA  1 
ATOM   1269 C  C   . LEU A 1 178 ? 0.693   1.475   8.594   1.00 27.13  ? 175 LEU A C   1 
ATOM   1270 O  O   . LEU A 1 178 ? 1.648   2.168   8.970   1.00 29.85  ? 175 LEU A O   1 
ATOM   1271 C  CB  . LEU A 1 178 ? -1.676  2.326   8.963   1.00 27.40  ? 175 LEU A CB  1 
ATOM   1272 C  CG  . LEU A 1 178 ? -1.268  2.930   10.294  1.00 27.57  ? 175 LEU A CG  1 
ATOM   1273 C  CD1 . LEU A 1 178 ? -0.584  4.274   10.119  1.00 28.01  ? 175 LEU A CD1 1 
ATOM   1274 C  CD2 . LEU A 1 178 ? -2.481  3.059   11.201  1.00 28.73  ? 175 LEU A CD2 1 
ATOM   1275 N  N   . GLU A 1 179 ? 0.677   0.154   8.690   1.00 30.90  ? 176 GLU A N   1 
ATOM   1276 C  CA  . GLU A 1 179 ? 1.820   -0.624  9.232   1.00 32.18  ? 176 GLU A CA  1 
ATOM   1277 C  C   . GLU A 1 179 ? 3.087   -0.340  8.409   1.00 29.29  ? 176 GLU A C   1 
ATOM   1278 O  O   . GLU A 1 179 ? 4.154   -0.167  9.018   1.00 27.61  ? 176 GLU A O   1 
ATOM   1279 C  CB  . GLU A 1 179 ? 1.472   -2.103  9.207   1.00 33.07  ? 176 GLU A CB  1 
ATOM   1280 C  CG  . GLU A 1 179 ? 2.531   -2.985  9.832   1.00 34.23  ? 176 GLU A CG  1 
ATOM   1281 C  CD  . GLU A 1 179 ? 2.140   -4.449  9.827   1.00 37.46  ? 176 GLU A CD  1 
ATOM   1282 O  OE1 . GLU A 1 179 ? 2.872   -5.256  10.426  1.00 43.11  ? 176 GLU A OE1 1 
ATOM   1283 O  OE2 . GLU A 1 179 ? 1.114   -4.779  9.210   1.00 41.84  ? 176 GLU A OE2 1 
ATOM   1284 N  N   . ALA A 1 180 ? 2.972   -0.328  7.077   1.00 30.45  ? 177 ALA A N   1 
ATOM   1285 C  CA  . ALA A 1 180 ? 4.094   0.020   6.170   1.00 29.01  ? 177 ALA A CA  1 
ATOM   1286 C  C   . ALA A 1 180 ? 4.578   1.437   6.492   1.00 27.55  ? 177 ALA A C   1 
ATOM   1287 O  O   . ALA A 1 180 ? 5.789   1.621   6.697   1.00 28.33  ? 177 ALA A O   1 
ATOM   1288 C  CB  . ALA A 1 180 ? 3.678   -0.147  4.722   1.00 29.05  ? 177 ALA A CB  1 
ATOM   1289 N  N   . LEU A 1 181 ? 3.665   2.412   6.579   1.00 28.04  ? 178 LEU A N   1 
ATOM   1290 C  CA  . LEU A 1 181 ? 4.027   3.819   6.891   1.00 28.52  ? 178 LEU A CA  1 
ATOM   1291 C  C   . LEU A 1 181 ? 4.789   3.880   8.222   1.00 28.14  ? 178 LEU A C   1 
ATOM   1292 O  O   . LEU A 1 181 ? 5.771   4.626   8.320   1.00 29.25  ? 178 LEU A O   1 
ATOM   1293 C  CB  . LEU A 1 181 ? 2.761   4.682   6.923   1.00 30.24  ? 178 LEU A CB  1 
ATOM   1294 C  CG  . LEU A 1 181 ? 2.964   6.114   7.415   1.00 30.80  ? 178 LEU A CG  1 
ATOM   1295 C  CD1 . LEU A 1 181 ? 3.902   6.889   6.493   1.00 32.16  ? 178 LEU A CD1 1 
ATOM   1296 C  CD2 . LEU A 1 181 ? 1.627   6.828   7.525   1.00 31.15  ? 178 LEU A CD2 1 
ATOM   1297 N  N   . ASN A 1 182 ? 4.353   3.120   9.235   1.00 30.60  ? 179 ASN A N   1 
ATOM   1298 C  CA  . ASN A 1 182 ? 4.937   3.173   10.600  1.00 30.51  ? 179 ASN A CA  1 
ATOM   1299 C  C   . ASN A 1 182 ? 6.378   2.637   10.613  1.00 31.06  ? 179 ASN A C   1 
ATOM   1300 O  O   . ASN A 1 182 ? 7.140   3.070   11.484  1.00 32.65  ? 179 ASN A O   1 
ATOM   1301 C  CB  . ASN A 1 182 ? 4.058   2.426   11.604  1.00 30.72  ? 179 ASN A CB  1 
ATOM   1302 C  CG  . ASN A 1 182 ? 2.838   3.231   11.998  1.00 32.07  ? 179 ASN A CG  1 
ATOM   1303 O  OD1 . ASN A 1 182 ? 2.766   4.424   11.725  1.00 29.20  ? 179 ASN A OD1 1 
ATOM   1304 N  ND2 . ASN A 1 182 ? 1.871   2.577   12.612  1.00 34.92  ? 179 ASN A ND2 1 
ATOM   1305 N  N   . ARG A 1 183 ? 6.755   1.760   9.675   1.00 30.55  ? 180 ARG A N   1 
ATOM   1306 C  CA  . ARG A 1 183 ? 8.129   1.199   9.577   1.00 31.60  ? 180 ARG A CA  1 
ATOM   1307 C  C   . ARG A 1 183 ? 9.075   2.216   8.922   1.00 33.41  ? 180 ARG A C   1 
ATOM   1308 O  O   . ARG A 1 183 ? 10.311  2.091   9.110   1.00 31.70  ? 180 ARG A O   1 
ATOM   1309 C  CB  . ARG A 1 183 ? 8.117   -0.111  8.785   1.00 33.49  ? 180 ARG A CB  1 
ATOM   1310 C  CG  . ARG A 1 183 ? 7.296   -1.221  9.427   1.00 33.41  ? 180 ARG A CG  1 
ATOM   1311 C  CD  . ARG A 1 183 ? 7.336   -2.464  8.564   1.00 33.28  ? 180 ARG A CD  1 
ATOM   1312 N  NE  . ARG A 1 183 ? 6.403   -3.501  8.990   1.00 34.67  ? 180 ARG A NE  1 
ATOM   1313 C  CZ  . ARG A 1 183 ? 6.134   -4.602  8.300   1.00 32.56  ? 180 ARG A CZ  1 
ATOM   1314 N  NH1 . ARG A 1 183 ? 6.740   -4.835  7.144   1.00 34.36  ? 180 ARG A NH1 1 
ATOM   1315 N  NH2 . ARG A 1 183 ? 5.272   -5.482  8.767   1.00 33.65  ? 180 ARG A NH2 1 
ATOM   1316 N  N   . SER A 1 184 ? 8.528   3.192   8.189   1.00 31.42  ? 181 SER A N   1 
ATOM   1317 C  CA  . SER A 1 184 ? 9.306   4.268   7.517   1.00 33.33  ? 181 SER A CA  1 
ATOM   1318 C  C   . SER A 1 184 ? 9.951   5.182   8.566   1.00 36.39  ? 181 SER A C   1 
ATOM   1319 O  O   . SER A 1 184 ? 9.559   5.114   9.750   1.00 36.69  ? 181 SER A O   1 
ATOM   1320 C  CB  . SER A 1 184 ? 8.442   5.054   6.560   1.00 33.18  ? 181 SER A CB  1 
ATOM   1321 O  OG  . SER A 1 184 ? 7.661   6.034   7.242   1.00 29.58  ? 181 SER A OG  1 
ATOM   1322 N  N   . ALA A 1 185 ? 10.890  6.032   8.143   1.00 34.65  ? 182 ALA A N   1 
ATOM   1323 C  CA  . ALA A 1 185 ? 11.560  7.036   8.997   1.00 36.45  ? 182 ALA A CA  1 
ATOM   1324 C  C   . ALA A 1 185 ? 10.755  8.345   9.059   1.00 34.62  ? 182 ALA A C   1 
ATOM   1325 O  O   . ALA A 1 185 ? 11.343  9.363   9.486   1.00 35.20  ? 182 ALA A O   1 
ATOM   1326 C  CB  . ALA A 1 185 ? 12.956  7.274   8.480   1.00 37.16  ? 182 ALA A CB  1 
ATOM   1327 N  N   . ILE A 1 186 ? 9.484   8.350   8.653   1.00 34.06  ? 183 ILE A N   1 
ATOM   1328 C  CA  . ILE A 1 186 ? 8.605   9.559   8.761   1.00 36.63  ? 183 ILE A CA  1 
ATOM   1329 C  C   . ILE A 1 186 ? 8.612   10.035  10.221  1.00 38.94  ? 183 ILE A C   1 
ATOM   1330 O  O   . ILE A 1 186 ? 8.547   9.186   11.117  1.00 39.51  ? 183 ILE A O   1 
ATOM   1331 C  CB  . ILE A 1 186 ? 7.175   9.310   8.240   1.00 36.08  ? 183 ILE A CB  1 
ATOM   1332 C  CG1 . ILE A 1 186 ? 6.402   10.627  8.115   1.00 36.00  ? 183 ILE A CG1 1 
ATOM   1333 C  CG2 . ILE A 1 186 ? 6.419   8.301   9.103   1.00 37.09  ? 183 ILE A CG2 1 
ATOM   1334 C  CD1 . ILE A 1 186 ? 5.150   10.531  7.283   1.00 35.57  ? 183 ILE A CD1 1 
ATOM   1335 N  N   . ILE A 1 187 ? 8.746   11.342  10.444  1.00 42.75  ? 184 ILE A N   1 
ATOM   1336 C  CA  . ILE A 1 187 ? 8.719   11.940  11.812  1.00 41.69  ? 184 ILE A CA  1 
ATOM   1337 C  C   . ILE A 1 187 ? 7.272   11.899  12.307  1.00 42.39  ? 184 ILE A C   1 
ATOM   1338 O  O   . ILE A 1 187 ? 6.404   12.479  11.639  1.00 39.35  ? 184 ILE A O   1 
ATOM   1339 C  CB  . ILE A 1 187 ? 9.314   13.359  11.805  1.00 45.84  ? 184 ILE A CB  1 
ATOM   1340 C  CG1 . ILE A 1 187 ? 10.810  13.305  11.490  1.00 45.59  ? 184 ILE A CG1 1 
ATOM   1341 C  CG2 . ILE A 1 187 ? 9.035   14.078  13.118  1.00 46.14  ? 184 ILE A CG2 1 
ATOM   1342 C  CD1 . ILE A 1 187 ? 11.321  14.513  10.759  1.00 47.03  ? 184 ILE A CD1 1 
ATOM   1343 N  N   . LYS A 1 188 ? 7.039   11.222  13.434  1.00 43.72  ? 185 LYS A N   1 
ATOM   1344 C  CA  . LYS A 1 188 ? 5.689   10.971  14.009  1.00 48.92  ? 185 LYS A CA  1 
ATOM   1345 C  C   . LYS A 1 188 ? 5.364   12.001  15.099  1.00 54.97  ? 185 LYS A C   1 
ATOM   1346 O  O   . LYS A 1 188 ? 4.186   12.075  15.488  1.00 60.36  ? 185 LYS A O   1 
ATOM   1347 C  CB  . LYS A 1 188 ? 5.622   9.550   14.568  1.00 48.74  ? 185 LYS A CB  1 
ATOM   1348 C  CG  . LYS A 1 188 ? 5.690   8.465   13.508  1.00 49.57  ? 185 LYS A CG  1 
ATOM   1349 C  CD  . LYS A 1 188 ? 5.925   7.086   14.048  1.00 51.46  ? 185 LYS A CD  1 
ATOM   1350 C  CE  . LYS A 1 188 ? 5.894   6.048   12.947  1.00 51.27  ? 185 LYS A CE  1 
ATOM   1351 N  NZ  . LYS A 1 188 ? 6.537   4.787   13.378  1.00 51.34  ? 185 LYS A NZ  1 
ATOM   1352 N  N   . ASP A 1 189 ? 6.362   12.755  15.573  1.00 61.14  ? 186 ASP A N   1 
ATOM   1353 C  CA  . ASP A 1 189 ? 6.193   13.816  16.603  1.00 67.47  ? 186 ASP A CA  1 
ATOM   1354 C  C   . ASP A 1 189 ? 5.787   15.119  15.902  1.00 71.24  ? 186 ASP A C   1 
ATOM   1355 O  O   . ASP A 1 189 ? 6.657   16.001  15.729  1.00 73.16  ? 186 ASP A O   1 
ATOM   1356 C  CB  . ASP A 1 189 ? 7.466   13.980  17.440  1.00 71.01  ? 186 ASP A CB  1 
ATOM   1357 C  CG  . ASP A 1 189 ? 7.269   14.832  18.683  1.00 74.50  ? 186 ASP A CG  1 
ATOM   1358 O  OD1 . ASP A 1 189 ? 7.479   16.057  18.590  1.00 75.05  ? 186 ASP A OD1 1 
ATOM   1359 O  OD2 . ASP A 1 189 ? 6.911   14.261  19.736  1.00 77.73  ? 186 ASP A OD2 1 
ATOM   1360 N  N   . ASP A 1 190 ? 4.512   15.227  15.511  1.00 72.84  ? 187 ASP A N   1 
ATOM   1361 C  CA  . ASP A 1 190 ? 3.940   16.408  14.809  1.00 70.47  ? 187 ASP A CA  1 
ATOM   1362 C  C   . ASP A 1 190 ? 3.623   17.493  15.845  1.00 71.36  ? 187 ASP A C   1 
ATOM   1363 O  O   . ASP A 1 190 ? 2.568   18.128  15.816  1.00 73.75  ? 187 ASP A O   1 
ATOM   1364 C  CB  . ASP A 1 190 ? 2.704   16.025  13.989  1.00 67.91  ? 187 ASP A CB  1 
ATOM   1365 C  CG  . ASP A 1 190 ? 2.947   14.904  12.993  1.00 64.68  ? 187 ASP A CG  1 
ATOM   1366 O  OD1 . ASP A 1 190 ? 2.076   14.691  12.125  1.00 58.14  ? 187 ASP A OD1 1 
ATOM   1367 O  OD2 . ASP A 1 190 ? 4.005   14.247  13.098  1.00 64.77  ? 187 ASP A OD2 1 
HETATM 1368 O  O22 . RYT B 2 .   ? -19.602 3.846   1.776   1.00 116.85 ? 201 RYT A O22 1 
HETATM 1369 P  P02 . RYT B 2 .   ? -19.344 3.903   0.273   1.00 119.99 ? 201 RYT A P02 1 
HETATM 1370 O  O32 . RYT B 2 .   ? -20.515 4.239   -0.563  1.00 119.04 ? 201 RYT A O32 1 
HETATM 1371 O  O12 . RYT B 2 .   ? -18.163 4.942   0.040   1.00 120.02 ? 201 RYT A O12 1 
HETATM 1372 O  O13 . RYT B 2 .   ? -18.694 2.511   -0.150  1.00 123.10 ? 201 RYT A O13 1 
HETATM 1373 P  P03 . RYT B 2 .   ? -19.315 1.399   -1.103  1.00 127.80 ? 201 RYT A P03 1 
HETATM 1374 O  O33 . RYT B 2 .   ? -18.219 1.018   -2.101  1.00 129.76 ? 201 RYT A O33 1 
HETATM 1375 O  O23 . RYT B 2 .   ? -20.609 1.803   -1.692  1.00 126.86 ? 201 RYT A O23 1 
HETATM 1376 O  O14 . RYT B 2 .   ? -19.524 0.168   -0.115  1.00 127.94 ? 201 RYT A O14 1 
HETATM 1377 P  P04 . RYT B 2 .   ? -19.048 -1.332  -0.344  1.00 128.74 ? 201 RYT A P04 1 
HETATM 1378 O  O34 . RYT B 2 .   ? -19.446 -1.707  -1.775  1.00 126.67 ? 201 RYT A O34 1 
HETATM 1379 O  O24 . RYT B 2 .   ? -19.542 -2.243  0.714   1.00 125.50 ? 201 RYT A O24 1 
HETATM 1380 O  O15 . RYT B 2 .   ? -17.467 -1.127  -0.321  1.00 127.16 ? 201 RYT A O15 1 
HETATM 1381 P  P05 . RYT B 2 .   ? -16.248 -1.797  0.454   1.00 122.95 ? 201 RYT A P05 1 
HETATM 1382 O  O35 . RYT B 2 .   ? -16.826 -2.523  1.671   1.00 122.46 ? 201 RYT A O35 1 
HETATM 1383 O  O25 . RYT B 2 .   ? -15.171 -0.826  0.747   1.00 118.12 ? 201 RYT A O25 1 
HETATM 1384 O  O16 . RYT B 2 .   ? -15.784 -2.912  -0.585  1.00 117.06 ? 201 RYT A O16 1 
HETATM 1385 P  P06 . RYT B 2 .   ? -15.907 -3.111  -2.163  1.00 111.45 ? 201 RYT A P06 1 
HETATM 1386 O  O36 . RYT B 2 .   ? -16.140 -4.604  -2.422  1.00 104.99 ? 201 RYT A O36 1 
HETATM 1387 O  O26 . RYT B 2 .   ? -16.881 -2.195  -2.801  1.00 114.08 ? 201 RYT A O26 1 
HETATM 1388 O  O17 . RYT B 2 .   ? -14.426 -2.783  -2.637  1.00 101.86 ? 201 RYT A O17 1 
HETATM 1389 P  P07 . RYT B 2 .   ? -13.832 -2.360  -4.051  1.00 95.11  ? 201 RYT A P07 1 
HETATM 1390 O  O37 . RYT B 2 .   ? -13.732 -3.519  -4.969  1.00 93.67  ? 201 RYT A O37 1 
HETATM 1391 O  O27 . RYT B 2 .   ? -14.643 -1.153  -4.536  1.00 91.91  ? 201 RYT A O27 1 
HETATM 1392 O  O18 . RYT B 2 .   ? -12.387 -1.840  -3.632  1.00 78.90  ? 201 RYT A O18 1 
HETATM 1393 P  P08 . RYT B 2 .   ? -11.149 -2.635  -3.029  1.00 65.43  ? 201 RYT A P08 1 
HETATM 1394 O  O38 . RYT B 2 .   ? -11.576 -4.092  -2.879  1.00 65.20  ? 201 RYT A O38 1 
HETATM 1395 O  O28 . RYT B 2 .   ? -10.577 -1.947  -1.847  1.00 58.89  ? 201 RYT A O28 1 
HETATM 1396 O  O19 . RYT B 2 .   ? -10.145 -2.594  -4.258  1.00 64.29  ? 201 RYT A O19 1 
HETATM 1397 P  P09 . RYT B 2 .   ? -8.556  -2.556  -4.288  1.00 57.76  ? 201 RYT A P09 1 
HETATM 1398 O  O39 . RYT B 2 .   ? -7.965  -3.060  -3.027  1.00 56.53  ? 201 RYT A O39 1 
HETATM 1399 O  O29 . RYT B 2 .   ? -8.126  -3.273  -5.578  1.00 61.57  ? 201 RYT A O29 1 
HETATM 1400 O  O40 . RYT B 2 .   ? -8.288  -1.006  -4.503  1.00 49.22  ? 201 RYT A O40 1 
HETATM 1401 P  P10 . RYT B 2 .   ? -7.128  -0.066  -3.970  1.00 48.13  ? 201 RYT A P10 1 
HETATM 1402 O  O60 . RYT B 2 .   ? -7.676  1.149   -3.367  1.00 45.81  ? 201 RYT A O60 1 
HETATM 1403 O  O50 . RYT B 2 .   ? -6.179  -0.936  -3.130  1.00 46.15  ? 201 RYT A O50 1 
HETATM 1404 O  O41 . RYT B 2 .   ? -6.303  0.248   -5.292  1.00 54.48  ? 201 RYT A O41 1 
HETATM 1405 P  P11 . RYT B 2 .   ? -6.526  1.278   -6.477  1.00 53.31  ? 201 RYT A P11 1 
HETATM 1406 O  O61 . RYT B 2 .   ? -7.909  1.886   -6.270  1.00 57.44  ? 201 RYT A O61 1 
HETATM 1407 O  O51 . RYT B 2 .   ? -5.420  2.232   -6.555  1.00 55.11  ? 201 RYT A O51 1 
HETATM 1408 O  O42 . RYT B 2 .   ? -6.660  0.269   -7.693  1.00 57.54  ? 201 RYT A O42 1 
HETATM 1409 P  P12 . RYT B 2 .   ? -5.637  -0.097  -8.848  1.00 60.83  ? 201 RYT A P12 1 
HETATM 1410 O  O62 . RYT B 2 .   ? -6.432  -0.066  -10.155 1.00 62.68  ? 201 RYT A O62 1 
HETATM 1411 O  O52 . RYT B 2 .   ? -4.463  0.789   -8.766  1.00 59.65  ? 201 RYT A O52 1 
HETATM 1412 O  O43 . RYT B 2 .   ? -5.304  -1.623  -8.539  1.00 66.49  ? 201 RYT A O43 1 
HETATM 1413 P  P13 . RYT B 2 .   ? -4.110  -2.410  -7.832  1.00 74.45  ? 201 RYT A P13 1 
HETATM 1414 O  O63 . RYT B 2 .   ? -4.715  -3.613  -7.110  1.00 77.65  ? 201 RYT A O63 1 
HETATM 1415 O  O53 . RYT B 2 .   ? -3.275  -1.543  -6.976  1.00 67.18  ? 201 RYT A O53 1 
HETATM 1416 O  O44 . RYT B 2 .   ? -3.307  -2.993  -9.079  1.00 77.55  ? 201 RYT A O44 1 
HETATM 1417 P  P14 . RYT B 2 .   ? -2.443  -2.370  -10.263 1.00 78.08  ? 201 RYT A P14 1 
HETATM 1418 O  O64 . RYT B 2 .   ? -2.028  -0.945  -9.856  1.00 68.46  ? 201 RYT A O64 1 
HETATM 1419 O  O54 . RYT B 2 .   ? -1.346  -3.280  -10.642 1.00 72.97  ? 201 RYT A O54 1 
HETATM 1420 O  O45 . RYT B 2 .   ? -3.541  -2.235  -11.410 1.00 86.22  ? 201 RYT A O45 1 
HETATM 1421 P  P15 . RYT B 2 .   ? -4.655  -3.191  -12.043 1.00 92.52  ? 201 RYT A P15 1 
HETATM 1422 O  O65 . RYT B 2 .   ? -4.013  -4.242  -12.900 1.00 89.68  ? 201 RYT A O65 1 
HETATM 1423 O  O55 . RYT B 2 .   ? -5.681  -2.351  -12.824 1.00 88.61  ? 201 RYT A O55 1 
HETATM 1424 O  O75 . RYT B 2 .   ? -5.374  -3.792  -10.816 1.00 88.74  ? 201 RYT A O75 1 
HETATM 1425 P  P01 . RYT B 2 .   ? -18.304 6.528   0.085   1.00 119.33 ? 201 RYT A P01 1 
HETATM 1426 O  O21 . RYT B 2 .   ? -18.390 7.080   -1.346  1.00 120.05 ? 201 RYT A O21 1 
HETATM 1427 O  O11 . RYT B 2 .   ? -17.202 7.120   0.884   1.00 118.53 ? 201 RYT A O11 1 
HETATM 1428 O  O31 . RYT B 2 .   ? -19.670 6.761   0.746   1.00 121.50 ? 201 RYT A O31 1 
HETATM 1429 MG MG  . MG  C 3 .   ? -2.329  0.186   -7.950  1.00 43.12  ? 202 MG  A MG  1 
HETATM 1430 O  O   . HOH D 4 .   ? -7.892  11.500  13.553  1.00 41.04  ? 301 HOH A O   1 
HETATM 1431 O  O   . HOH D 4 .   ? 3.289   -18.230 -8.140  1.00 51.66  ? 302 HOH A O   1 
HETATM 1432 O  O   . HOH D 4 .   ? -9.279  -0.118  -1.121  1.00 45.89  ? 303 HOH A O   1 
HETATM 1433 O  O   . HOH D 4 .   ? 7.590   18.690  4.603   1.00 55.07  ? 304 HOH A O   1 
HETATM 1434 O  O   . HOH D 4 .   ? -6.601  -4.356  5.095   1.00 49.11  ? 305 HOH A O   1 
HETATM 1435 O  O   . HOH D 4 .   ? -8.366  -11.536 13.440  1.00 45.58  ? 306 HOH A O   1 
HETATM 1436 O  O   . HOH D 4 .   ? 13.232  10.080  10.776  1.00 43.48  ? 307 HOH A O   1 
HETATM 1437 O  O   . HOH D 4 .   ? 0.329   -23.817 -1.056  1.00 49.72  ? 308 HOH A O   1 
HETATM 1438 O  O   . HOH D 4 .   ? -2.803  -1.045  -13.402 1.00 56.89  ? 309 HOH A O   1 
HETATM 1439 O  O   . HOH D 4 .   ? 2.938   -0.732  -16.856 1.00 54.55  ? 310 HOH A O   1 
HETATM 1440 O  O   . HOH D 4 .   ? -1.645  0.900   -11.422 1.00 45.40  ? 311 HOH A O   1 
HETATM 1441 O  O   . HOH D 4 .   ? -5.564  -6.174  -1.774  1.00 37.90  ? 312 HOH A O   1 
HETATM 1442 O  O   . HOH D 4 .   ? 9.166   5.972   -9.183  1.00 36.67  ? 313 HOH A O   1 
HETATM 1443 O  O   . HOH D 4 .   ? 0.702   -4.029  -12.163 1.00 46.12  ? 314 HOH A O   1 
HETATM 1444 O  O   . HOH D 4 .   ? 6.558   -14.399 -1.452  0.50 45.73  ? 315 HOH A O   1 
HETATM 1445 O  O   . HOH D 4 .   ? 4.288   -15.767 -0.418  1.00 33.03  ? 316 HOH A O   1 
HETATM 1446 O  O   . HOH D 4 .   ? 12.386  14.553  -12.884 1.00 45.19  ? 317 HOH A O   1 
HETATM 1447 O  O   . HOH D 4 .   ? -13.803 -5.573  -2.883  1.00 64.10  ? 318 HOH A O   1 
HETATM 1448 O  O   . HOH D 4 .   ? 14.459  -5.759  -1.943  1.00 45.59  ? 319 HOH A O   1 
HETATM 1449 O  O   . HOH D 4 .   ? -8.843  8.597   -7.687  1.00 49.78  ? 320 HOH A O   1 
HETATM 1450 O  O   . HOH D 4 .   ? -8.687  8.213   3.250   1.00 34.79  ? 321 HOH A O   1 
HETATM 1451 O  O   . HOH D 4 .   ? 9.061   6.710   11.837  1.00 43.09  ? 322 HOH A O   1 
HETATM 1452 O  O   . HOH D 4 .   ? 4.938   14.150  10.200  1.00 35.53  ? 323 HOH A O   1 
HETATM 1453 O  O   . HOH D 4 .   ? 16.346  -2.296  -1.756  1.00 49.34  ? 324 HOH A O   1 
HETATM 1454 O  O   . HOH D 4 .   ? 13.520  3.811   7.195   1.00 44.93  ? 325 HOH A O   1 
HETATM 1455 O  O   . HOH D 4 .   ? -16.638 6.635   -4.591  1.00 58.48  ? 326 HOH A O   1 
HETATM 1456 O  O   . HOH D 4 .   ? 9.980   19.905  -10.593 1.00 50.24  ? 327 HOH A O   1 
HETATM 1457 O  O   . HOH D 4 .   ? 0.827   -9.550  -9.711  1.00 46.44  ? 328 HOH A O   1 
HETATM 1458 O  O   . HOH D 4 .   ? -0.487  -20.240 -5.541  1.00 50.87  ? 329 HOH A O   1 
HETATM 1459 O  O   . HOH D 4 .   ? -21.874 -11.994 11.554  1.00 49.99  ? 330 HOH A O   1 
HETATM 1460 O  O   . HOH D 4 .   ? -5.543  -6.442  6.375   1.00 49.07  ? 331 HOH A O   1 
HETATM 1461 O  O   . HOH D 4 .   ? -2.949  -3.218  -4.400  1.00 42.10  ? 332 HOH A O   1 
HETATM 1462 O  O   . HOH D 4 .   ? -0.034  -7.735  -12.631 1.00 59.24  ? 333 HOH A O   1 
HETATM 1463 O  O   . HOH D 4 .   ? -5.605  8.566   13.446  1.00 44.51  ? 334 HOH A O   1 
HETATM 1464 O  O   . HOH D 4 .   ? 3.479   14.297  -24.614 1.00 41.34  ? 335 HOH A O   1 
HETATM 1465 O  O   . HOH D 4 .   ? 3.771   6.939   -0.529  1.00 33.30  ? 336 HOH A O   1 
HETATM 1466 O  O   . HOH D 4 .   ? 1.040   -14.478 1.129   1.00 35.20  ? 337 HOH A O   1 
HETATM 1467 O  O   . HOH D 4 .   ? -0.635  3.431   14.196  1.00 37.40  ? 338 HOH A O   1 
HETATM 1468 O  O   . HOH D 4 .   ? 10.771  -7.484  -0.508  1.00 44.19  ? 339 HOH A O   1 
HETATM 1469 O  O   . HOH D 4 .   ? 9.812   -5.052  0.626   1.00 38.47  ? 340 HOH A O   1 
HETATM 1470 O  O   . HOH D 4 .   ? 4.666   -0.877  11.668  1.00 43.25  ? 341 HOH A O   1 
HETATM 1471 O  O   . HOH D 4 .   ? 13.422  -7.377  -4.626  1.00 35.61  ? 342 HOH A O   1 
HETATM 1472 O  O   . HOH D 4 .   ? -2.699  1.814   -5.850  1.00 41.83  ? 343 HOH A O   1 
HETATM 1473 O  O   . HOH D 4 .   ? -1.303  -0.528  11.275  1.00 32.19  ? 344 HOH A O   1 
HETATM 1474 O  O   . HOH D 4 .   ? 8.013   -11.009 -11.742 1.00 38.55  ? 345 HOH A O   1 
HETATM 1475 O  O   . HOH D 4 .   ? -16.809 4.132   -3.680  1.00 47.63  ? 346 HOH A O   1 
HETATM 1476 O  O   . HOH D 4 .   ? -5.171  -16.325 -1.836  1.00 51.43  ? 347 HOH A O   1 
HETATM 1477 O  O   . HOH D 4 .   ? -12.509 3.750   9.262   1.00 39.03  ? 348 HOH A O   1 
HETATM 1478 O  O   . HOH D 4 .   ? -18.976 4.683   -2.956  1.00 45.49  ? 349 HOH A O   1 
HETATM 1479 O  O   . HOH D 4 .   ? 15.615  -10.234 -7.592  1.00 43.64  ? 350 HOH A O   1 
HETATM 1480 O  O   . HOH D 4 .   ? 11.853  6.542   -8.757  1.00 35.20  ? 351 HOH A O   1 
HETATM 1481 O  O   . HOH D 4 .   ? 16.438  4.042   -6.149  1.00 39.43  ? 352 HOH A O   1 
HETATM 1482 O  O   . HOH D 4 .   ? 0.531   -7.163  7.603   1.00 43.54  ? 353 HOH A O   1 
HETATM 1483 O  O   . HOH D 4 .   ? -5.152  -3.777  -2.702  1.00 50.90  ? 354 HOH A O   1 
HETATM 1484 O  O   . HOH D 4 .   ? 4.925   8.530   -18.439 1.00 33.54  ? 355 HOH A O   1 
HETATM 1485 O  O   . HOH D 4 .   ? -3.103  -6.797  7.954   1.00 45.44  ? 356 HOH A O   1 
HETATM 1486 O  O   . HOH D 4 .   ? -14.213 4.041   6.846   1.00 57.64  ? 357 HOH A O   1 
HETATM 1487 O  O   . HOH D 4 .   ? 16.549  -0.953  4.620   1.00 37.62  ? 358 HOH A O   1 
HETATM 1488 O  O   . HOH D 4 .   ? -22.866 -0.091  -1.136  1.00 69.30  ? 359 HOH A O   1 
HETATM 1489 O  O   . HOH D 4 .   ? 2.188   -16.462 -10.453 1.00 44.05  ? 360 HOH A O   1 
HETATM 1490 O  O   . HOH D 4 .   ? 8.754   -7.528  6.907   1.00 38.20  ? 361 HOH A O   1 
HETATM 1491 O  O   . HOH D 4 .   ? -0.876  -22.662 -4.666  1.00 55.79  ? 362 HOH A O   1 
HETATM 1492 O  O   . HOH D 4 .   ? 0.990   -16.097 5.383   1.00 50.16  ? 363 HOH A O   1 
HETATM 1493 O  O   . HOH D 4 .   ? 5.054   12.631  -18.982 1.00 46.99  ? 364 HOH A O   1 
HETATM 1494 O  O   . HOH D 4 .   ? 2.659   10.481  -18.824 1.00 32.75  ? 365 HOH A O   1 
HETATM 1495 O  O   . HOH D 4 .   ? -12.366 -10.527 -2.748  1.00 61.76  ? 366 HOH A O   1 
HETATM 1496 O  O   . HOH D 4 .   ? 6.382   -15.244 -2.624  0.50 37.31  ? 367 HOH A O   1 
HETATM 1497 O  O   . HOH D 4 .   ? -19.606 7.331   -4.913  1.00 61.96  ? 368 HOH A O   1 
HETATM 1498 O  O   . HOH D 4 .   ? -10.143 -12.441 -2.122  1.00 51.59  ? 369 HOH A O   1 
HETATM 1499 O  O   . HOH D 4 .   ? 2.917   -8.708  8.374   1.00 48.02  ? 370 HOH A O   1 
HETATM 1500 O  O   . HOH D 4 .   ? -21.180 -5.969  1.559   1.00 68.75  ? 371 HOH A O   1 
HETATM 1501 O  O   . HOH D 4 .   ? -8.327  -14.202 -1.045  1.00 52.44  ? 372 HOH A O   1 
HETATM 1502 O  O   . HOH D 4 .   ? -8.065  13.615  11.896  1.00 48.51  ? 373 HOH A O   1 
HETATM 1503 O  O   . HOH D 4 .   ? -17.542 9.001   -4.960  1.00 69.04  ? 374 HOH A O   1 
HETATM 1504 O  O   . HOH D 4 .   ? -13.944 -21.645 17.383  1.00 65.43  ? 375 HOH A O   1 
HETATM 1505 O  O   . HOH D 4 .   ? 15.695  -8.937  -5.409  1.00 35.75  ? 376 HOH A O   1 
HETATM 1506 O  O   . HOH D 4 .   ? 5.470   -19.630 -8.714  0.50 56.42  ? 377 HOH A O   1 
HETATM 1507 O  O   . HOH D 4 .   ? -2.930  -8.846  9.526   1.00 45.99  ? 378 HOH A O   1 
HETATM 1508 O  O   . HOH D 4 .   ? -18.567 -23.986 15.887  1.00 66.19  ? 379 HOH A O   1 
HETATM 1509 O  O   . HOH D 4 .   ? 4.304   -22.294 -8.910  1.00 59.79  ? 380 HOH A O   1 
# 
